data_9V0S
#
_entry.id   9V0S
#
loop_
_entity.id
_entity.type
_entity.pdbx_description
1 polymer 'RSV Pre-fusion Protein'
2 polymer 'CNR2047 Heavy Chain'
3 polymer 'CNR2047 Light Chain'
#
loop_
_entity_poly.entity_id
_entity_poly.type
_entity_poly.pdbx_seq_one_letter_code
_entity_poly.pdbx_strand_id
1 'polypeptide(L)'
;MELLILKANAITTILTAVTFCFASGQNITEEFYQSTCSAVSKGYLSALRTGWYTSVITIELSNIKENKCNGTDAKVKLIK
QELDKYKNAVTELQLLMQSTPATNNRARRELPRFMNYTLNNAKKTNVTLSKKRKRRFLGFLLGVGSAIASGVAVCKVLHL
EGEVNKIKSALLSTNKAVVSLSNGVSVLTFKVLDLKNYIDKQLLPILNKQSCSISNIETVIEFQQKNNRLLEITREFSVN
AGVTTPVSTYMLTNSELLSLINDMPITNDQKKLMSNNVQIVRQQSYSIMCIIKEEVLAYVVQLPLYGVIDTPCWKLHTSP
LCTTNTKEGSNICLTRTDRGWYCDNAGSVSFFPQAETCKVQSNRVFCDTMNSLTLPSEVNLCNVDIFNPKYDCKIMTSKT
DVSSSVITSLGAIVSCYGKTKCTASNKNRGIIKTFSNGCDYVSNKGVDTVSVGNTLYYVNKQEGKSLYVKGEPIINFYDP
LVFPSDEFDASISQVNEKINQSLAFIRKSDELLSAIGGYIPEAPRDGQAYVRKDGEWVLLSTFLGHHHHHHHH
;
B,A,C
2 'polypeptide(L)'
;VQLVESGGGLVKPGESLRLSCAVSGSMFSSYVMHWVRQAPGKGLDWVSSITGGGNYISYADSVKGRFIISRDNGRNSLSL
QMSSLRVDDTAVYYCVRGLSGVMGVTWFDSWGQGTLVTVSS
;
D,F,G
3 'polypeptide(L)'
;QSVLTQPPSVSGAPGQRVTISCTGSSSNIGAGFDVHWYQHLPGKAPKVIIYENSHRPSGVPDRFFGSKSGTSASLSISGL
QPEDEADYYCQSYDRGLDWVFGGGTKLTVL
;
E,H,I
#
# COMPACT_ATOMS: atom_id res chain seq x y z
N GLN A 26 -16.27 23.81 11.93
CA GLN A 26 -16.33 24.94 12.86
C GLN A 26 -15.66 26.17 12.27
N ASN A 27 -14.34 26.25 12.40
CA ASN A 27 -13.58 27.42 11.96
C ASN A 27 -12.30 27.00 11.24
N ILE A 28 -12.44 26.08 10.28
CA ILE A 28 -11.29 25.62 9.50
C ILE A 28 -11.05 26.66 8.42
N THR A 29 -10.21 27.65 8.72
CA THR A 29 -9.92 28.71 7.76
C THR A 29 -8.76 28.30 6.86
N GLU A 30 -8.45 29.16 5.90
CA GLU A 30 -7.20 28.99 5.17
C GLU A 30 -6.70 30.35 4.70
N GLU A 31 -5.44 30.36 4.30
CA GLU A 31 -4.83 31.49 3.62
C GLU A 31 -4.13 30.97 2.38
N PHE A 32 -4.07 31.81 1.36
CA PHE A 32 -3.29 31.51 0.16
C PHE A 32 -2.24 32.58 0.00
N TYR A 33 -0.98 32.19 -0.01
CA TYR A 33 0.13 33.12 -0.22
C TYR A 33 0.55 33.01 -1.68
N GLN A 34 0.47 34.13 -2.40
CA GLN A 34 0.88 34.14 -3.79
C GLN A 34 2.38 34.29 -3.97
N SER A 35 3.12 34.47 -2.87
CA SER A 35 4.58 34.56 -2.97
C SER A 35 5.18 33.26 -3.47
N THR A 36 4.73 32.12 -2.92
CA THR A 36 5.13 30.81 -3.41
C THR A 36 3.94 30.01 -3.92
N CYS A 37 2.80 30.67 -4.07
CA CYS A 37 1.48 30.08 -4.29
C CYS A 37 1.27 28.83 -3.43
N SER A 38 1.37 29.04 -2.13
CA SER A 38 1.19 27.98 -1.14
C SER A 38 -0.08 28.23 -0.32
N ALA A 39 -0.85 27.18 -0.13
CA ALA A 39 -2.02 27.22 0.73
C ALA A 39 -1.64 26.76 2.12
N VAL A 40 -2.18 27.44 3.13
CA VAL A 40 -2.04 27.01 4.51
C VAL A 40 -3.44 26.98 5.10
N SER A 41 -3.95 25.79 5.37
CA SER A 41 -5.22 25.66 6.06
C SER A 41 -4.96 25.70 7.56
N LYS A 42 -5.65 26.62 8.24
CA LYS A 42 -5.38 26.97 9.62
C LYS A 42 -6.58 26.60 10.49
N GLY A 43 -6.30 25.93 11.59
CA GLY A 43 -7.28 25.53 12.59
C GLY A 43 -7.63 24.09 12.32
N TYR A 44 -6.87 23.20 12.94
CA TYR A 44 -7.01 21.77 12.70
C TYR A 44 -6.63 21.00 13.96
N LEU A 45 -7.23 21.38 15.09
CA LEU A 45 -6.90 20.87 16.43
C LEU A 45 -6.72 19.36 16.45
N SER A 46 -5.51 18.93 16.78
CA SER A 46 -5.00 17.63 16.36
C SER A 46 -4.78 16.72 17.57
N ALA A 47 -4.21 15.56 17.30
CA ALA A 47 -3.85 14.59 18.34
C ALA A 47 -2.76 13.70 17.79
N LEU A 48 -1.56 13.80 18.35
CA LEU A 48 -0.43 13.03 17.86
C LEU A 48 -0.49 11.61 18.40
N ARG A 49 0.58 10.85 18.17
CA ARG A 49 0.70 9.46 18.60
C ARG A 49 2.01 9.25 19.33
N THR A 50 2.26 10.05 20.36
CA THR A 50 3.60 10.10 20.95
C THR A 50 4.01 8.80 21.64
N GLY A 51 3.08 7.88 21.92
CA GLY A 51 3.46 6.64 22.57
C GLY A 51 2.67 5.45 22.08
N TRP A 52 3.13 4.27 22.48
CA TRP A 52 2.39 3.03 22.29
C TRP A 52 1.94 2.50 23.65
N TYR A 53 1.02 1.54 23.63
CA TYR A 53 0.58 0.90 24.87
C TYR A 53 0.19 -0.53 24.54
N THR A 54 0.85 -1.50 25.19
CA THR A 54 0.62 -2.91 24.90
C THR A 54 -0.47 -3.46 25.82
N SER A 55 -1.31 -4.33 25.27
CA SER A 55 -2.40 -4.96 26.01
C SER A 55 -2.56 -6.38 25.52
N VAL A 56 -2.54 -7.34 26.44
CA VAL A 56 -2.42 -8.76 26.09
C VAL A 56 -3.83 -9.34 26.08
N ILE A 57 -4.40 -9.52 24.89
CA ILE A 57 -5.65 -10.27 24.77
C ILE A 57 -5.34 -11.75 24.95
N THR A 58 -6.13 -12.41 25.81
CA THR A 58 -6.10 -13.86 25.92
C THR A 58 -7.42 -14.41 25.46
N ILE A 59 -7.36 -15.45 24.62
CA ILE A 59 -8.50 -16.25 24.23
C ILE A 59 -8.36 -17.57 24.95
N GLU A 60 -9.32 -17.90 25.81
CA GLU A 60 -9.24 -19.13 26.57
C GLU A 60 -9.53 -20.30 25.64
N LEU A 61 -8.49 -21.04 25.28
CA LEU A 61 -8.62 -22.17 24.37
C LEU A 61 -8.95 -23.44 25.15
N SER A 62 -9.23 -24.51 24.41
CA SER A 62 -9.55 -25.80 25.00
C SER A 62 -8.71 -26.89 24.37
N ASN A 63 -8.39 -27.90 25.15
CA ASN A 63 -7.65 -29.07 24.67
C ASN A 63 -8.57 -30.27 24.72
N ILE A 64 -8.67 -30.98 23.60
CA ILE A 64 -9.54 -32.14 23.46
C ILE A 64 -8.67 -33.37 23.22
N LYS A 65 -8.87 -34.40 24.04
CA LYS A 65 -8.07 -35.62 23.91
C LYS A 65 -8.44 -36.38 22.65
N GLU A 66 -9.74 -36.61 22.43
CA GLU A 66 -10.22 -37.35 21.28
C GLU A 66 -11.70 -37.05 21.09
N ASN A 67 -12.13 -37.08 19.83
CA ASN A 67 -13.51 -36.86 19.41
C ASN A 67 -13.92 -37.98 18.46
N LYS A 68 -13.74 -39.22 18.93
CA LYS A 68 -13.85 -40.43 18.11
C LYS A 68 -15.16 -40.55 17.33
N CYS A 69 -16.28 -40.67 18.05
CA CYS A 69 -17.65 -40.67 17.48
C CYS A 69 -17.82 -41.77 16.43
N ASN A 70 -17.79 -43.02 16.93
CA ASN A 70 -17.94 -44.17 16.05
C ASN A 70 -19.30 -44.19 15.37
N GLY A 71 -20.35 -43.76 16.08
CA GLY A 71 -21.62 -43.56 15.44
C GLY A 71 -21.62 -42.34 14.54
N THR A 72 -22.52 -42.35 13.55
CA THR A 72 -22.57 -41.29 12.55
C THR A 72 -24.01 -40.84 12.36
N ASP A 73 -24.24 -39.55 12.58
CA ASP A 73 -25.49 -38.90 12.22
C ASP A 73 -25.15 -37.61 11.49
N ALA A 74 -26.18 -36.91 11.01
CA ALA A 74 -25.94 -35.70 10.23
C ALA A 74 -25.49 -34.54 11.11
N LYS A 75 -26.17 -34.32 12.23
CA LYS A 75 -25.78 -33.24 13.13
C LYS A 75 -24.45 -33.54 13.82
N VAL A 76 -24.20 -34.80 14.12
CA VAL A 76 -22.91 -35.20 14.68
C VAL A 76 -21.80 -35.01 13.66
N LYS A 77 -22.11 -35.24 12.37
CA LYS A 77 -21.15 -34.93 11.32
C LYS A 77 -20.88 -33.44 11.24
N LEU A 78 -21.92 -32.63 11.43
CA LEU A 78 -21.75 -31.18 11.45
C LEU A 78 -20.83 -30.73 12.59
N ILE A 79 -21.10 -31.23 13.80
CA ILE A 79 -20.29 -30.85 14.94
C ILE A 79 -18.87 -31.42 14.83
N LYS A 80 -18.72 -32.57 14.17
CA LYS A 80 -17.40 -33.13 13.94
C LYS A 80 -16.59 -32.29 12.97
N GLN A 81 -17.23 -31.84 11.88
CA GLN A 81 -16.55 -30.97 10.94
C GLN A 81 -16.19 -29.64 11.57
N GLU A 82 -17.06 -29.11 12.43
CA GLU A 82 -16.75 -27.85 13.11
C GLU A 82 -15.60 -28.01 14.10
N LEU A 83 -15.58 -29.12 14.84
CA LEU A 83 -14.47 -29.36 15.77
C LEU A 83 -13.17 -29.61 15.02
N ASP A 84 -13.24 -30.25 13.85
CA ASP A 84 -12.05 -30.45 13.04
C ASP A 84 -11.53 -29.11 12.50
N LYS A 85 -12.43 -28.21 12.11
CA LYS A 85 -12.01 -26.89 11.68
C LYS A 85 -11.39 -26.10 12.82
N TYR A 86 -11.95 -26.24 14.03
CA TYR A 86 -11.38 -25.58 15.19
C TYR A 86 -9.98 -26.14 15.52
N LYS A 87 -9.82 -27.46 15.38
CA LYS A 87 -8.51 -28.07 15.62
C LYS A 87 -7.49 -27.64 14.59
N ASN A 88 -7.91 -27.53 13.33
CA ASN A 88 -7.02 -27.03 12.29
C ASN A 88 -6.65 -25.57 12.54
N ALA A 89 -7.59 -24.78 13.07
CA ALA A 89 -7.30 -23.40 13.43
C ALA A 89 -6.29 -23.33 14.58
N VAL A 90 -6.42 -24.23 15.56
CA VAL A 90 -5.47 -24.26 16.67
C VAL A 90 -4.08 -24.67 16.19
N THR A 91 -4.01 -25.65 15.28
CA THR A 91 -2.73 -26.05 14.71
C THR A 91 -2.12 -24.93 13.88
N GLU A 92 -2.97 -24.19 13.14
CA GLU A 92 -2.53 -22.99 12.43
C GLU A 92 -1.91 -21.98 13.37
N LEU A 93 -2.57 -21.76 14.52
CA LEU A 93 -2.07 -20.75 15.45
C LEU A 93 -0.80 -21.22 16.14
N GLN A 94 -0.67 -22.54 16.33
CA GLN A 94 0.59 -23.09 16.82
C GLN A 94 1.71 -22.84 15.83
N LEU A 95 1.44 -23.00 14.54
CA LEU A 95 2.39 -22.64 13.49
C LEU A 95 2.55 -21.13 13.32
N LEU A 96 1.69 -20.34 13.97
CA LEU A 96 1.66 -18.90 13.81
C LEU A 96 2.43 -18.16 14.90
N MET A 97 3.32 -18.86 15.60
CA MET A 97 4.09 -18.27 16.69
C MET A 97 5.03 -17.16 16.22
N PHE A 137 7.45 16.22 -0.98
CA PHE A 137 8.61 15.59 -1.59
C PHE A 137 9.67 15.31 -0.54
N LEU A 138 9.42 15.75 0.69
CA LEU A 138 10.41 15.65 1.76
C LEU A 138 10.25 14.33 2.50
N GLY A 139 10.26 13.23 1.76
CA GLY A 139 10.07 11.92 2.35
C GLY A 139 11.37 11.20 2.63
N PHE A 140 12.38 11.48 1.81
CA PHE A 140 13.69 10.89 2.03
C PHE A 140 14.35 11.43 3.29
N LEU A 141 14.16 12.72 3.55
CA LEU A 141 14.80 13.39 4.69
C LEU A 141 13.91 13.21 5.90
N LEU A 142 13.92 11.99 6.44
CA LEU A 142 13.03 11.60 7.53
C LEU A 142 13.79 10.67 8.47
N GLY A 143 13.06 10.08 9.41
CA GLY A 143 13.60 9.06 10.29
C GLY A 143 12.78 7.80 10.21
N VAL A 144 13.41 6.67 9.90
CA VAL A 144 12.71 5.42 9.70
C VAL A 144 12.84 4.57 10.96
N GLY A 145 11.71 4.09 11.46
CA GLY A 145 11.71 3.25 12.64
C GLY A 145 10.64 2.18 12.55
N SER A 146 10.95 1.00 13.06
CA SER A 146 9.98 -0.07 13.14
C SER A 146 8.88 0.30 14.12
N ALA A 147 7.64 0.03 13.73
CA ALA A 147 6.47 0.47 14.48
C ALA A 147 5.89 -0.60 15.37
N ILE A 148 6.56 -1.74 15.54
CA ILE A 148 6.01 -2.85 16.30
C ILE A 148 6.98 -3.31 17.38
N ALA A 149 7.82 -2.39 17.87
CA ALA A 149 8.86 -2.80 18.81
C ALA A 149 8.29 -3.11 20.19
N SER A 150 7.26 -2.38 20.61
CA SER A 150 6.69 -2.60 21.94
C SER A 150 5.98 -3.94 22.04
N GLY A 151 5.26 -4.33 20.98
CA GLY A 151 4.60 -5.63 20.99
C GLY A 151 5.56 -6.79 20.95
N VAL A 152 6.65 -6.65 20.18
CA VAL A 152 7.70 -7.66 20.19
C VAL A 152 8.37 -7.71 21.56
N ALA A 153 8.50 -6.55 22.22
CA ALA A 153 9.09 -6.52 23.55
C ALA A 153 8.25 -7.27 24.57
N VAL A 154 6.93 -7.02 24.58
CA VAL A 154 6.09 -7.72 25.54
C VAL A 154 5.92 -9.18 25.15
N CYS A 155 6.02 -9.51 23.85
CA CYS A 155 6.00 -10.91 23.44
C CYS A 155 7.23 -11.65 23.94
N LYS A 156 8.39 -11.01 23.83
CA LYS A 156 9.62 -11.60 24.34
C LYS A 156 9.59 -11.74 25.85
N VAL A 157 9.01 -10.76 26.55
CA VAL A 157 8.93 -10.88 28.00
C VAL A 157 7.84 -11.85 28.42
N LEU A 158 6.89 -12.16 27.54
CA LEU A 158 5.93 -13.22 27.84
C LEU A 158 6.55 -14.59 27.61
N HIS A 159 7.40 -14.72 26.59
CA HIS A 159 7.88 -16.03 26.14
C HIS A 159 8.74 -16.76 27.17
N LEU A 160 9.23 -16.06 28.20
CA LEU A 160 9.93 -16.73 29.29
C LEU A 160 8.96 -17.59 30.09
N GLU A 161 9.48 -18.64 30.71
CA GLU A 161 8.64 -19.58 31.42
C GLU A 161 8.07 -18.98 32.70
N GLY A 162 6.84 -19.33 33.01
CA GLY A 162 6.20 -18.98 34.26
C GLY A 162 5.22 -17.82 34.20
N GLU A 163 5.31 -16.97 33.17
CA GLU A 163 4.40 -15.83 33.09
C GLU A 163 3.00 -16.25 32.63
N VAL A 164 2.92 -17.33 31.85
CA VAL A 164 1.63 -17.81 31.37
C VAL A 164 0.74 -18.29 32.52
N ASN A 165 1.32 -19.06 33.44
CA ASN A 165 0.53 -19.53 34.58
C ASN A 165 0.15 -18.38 35.49
N LYS A 166 1.00 -17.36 35.59
CA LYS A 166 0.65 -16.16 36.36
C LYS A 166 -0.53 -15.43 35.72
N ILE A 167 -0.53 -15.32 34.38
CA ILE A 167 -1.65 -14.70 33.67
C ILE A 167 -2.94 -15.49 33.92
N LYS A 168 -2.85 -16.82 33.81
CA LYS A 168 -4.05 -17.65 33.98
C LYS A 168 -4.56 -17.62 35.41
N SER A 169 -3.65 -17.56 36.39
CA SER A 169 -4.08 -17.48 37.78
C SER A 169 -4.66 -16.11 38.11
N ALA A 170 -4.12 -15.04 37.51
CA ALA A 170 -4.64 -13.71 37.75
C ALA A 170 -5.93 -13.43 36.98
N LEU A 171 -6.26 -14.23 35.98
CA LEU A 171 -7.49 -14.06 35.22
C LEU A 171 -8.55 -15.10 35.54
N LEU A 172 -8.41 -15.84 36.64
CA LEU A 172 -9.38 -16.89 36.95
C LEU A 172 -10.72 -16.32 37.38
N SER A 173 -10.71 -15.35 38.29
CA SER A 173 -11.94 -14.78 38.82
C SER A 173 -12.37 -13.52 38.06
N THR A 174 -11.52 -12.49 38.06
CA THR A 174 -11.86 -11.24 37.41
C THR A 174 -11.73 -11.39 35.90
N ASN A 175 -12.55 -10.63 35.18
CA ASN A 175 -12.54 -10.65 33.73
C ASN A 175 -11.49 -9.72 33.12
N LYS A 176 -11.20 -8.59 33.77
CA LYS A 176 -10.31 -7.58 33.22
C LYS A 176 -9.21 -7.22 34.21
N ALA A 177 -8.54 -8.23 34.74
CA ALA A 177 -7.51 -8.00 35.74
C ALA A 177 -6.25 -7.39 35.11
N VAL A 178 -5.36 -6.92 35.97
CA VAL A 178 -4.09 -6.32 35.57
C VAL A 178 -2.97 -7.22 36.07
N VAL A 179 -1.99 -7.49 35.21
CA VAL A 179 -0.89 -8.39 35.53
C VAL A 179 0.38 -7.56 35.65
N SER A 180 1.11 -7.75 36.75
CA SER A 180 2.30 -6.93 37.00
C SER A 180 3.48 -7.36 36.15
N LEU A 181 3.55 -8.65 35.80
CA LEU A 181 4.61 -9.27 34.99
C LEU A 181 5.98 -9.21 35.64
N SER A 182 6.95 -9.90 35.04
CA SER A 182 8.30 -9.96 35.59
C SER A 182 9.09 -8.69 35.31
N ASN A 183 8.85 -8.04 34.17
CA ASN A 183 9.65 -6.88 33.76
C ASN A 183 9.33 -5.62 34.56
N GLY A 184 8.26 -5.61 35.35
CA GLY A 184 7.82 -4.41 36.01
C GLY A 184 6.89 -3.55 35.20
N VAL A 185 6.57 -3.95 33.98
CA VAL A 185 5.64 -3.23 33.12
C VAL A 185 4.23 -3.78 33.36
N SER A 186 3.27 -2.88 33.53
CA SER A 186 1.88 -3.26 33.75
C SER A 186 1.18 -3.42 32.41
N VAL A 187 0.58 -4.58 32.18
CA VAL A 187 -0.12 -4.89 30.94
C VAL A 187 -1.54 -5.29 31.29
N LEU A 188 -2.52 -4.75 30.57
CA LEU A 188 -3.91 -5.10 30.76
C LEU A 188 -4.19 -6.41 30.04
N THR A 189 -4.61 -7.43 30.79
CA THR A 189 -4.82 -8.77 30.25
C THR A 189 -6.24 -9.19 30.57
N PHE A 190 -7.00 -9.57 29.55
CA PHE A 190 -8.41 -9.87 29.75
C PHE A 190 -8.95 -10.77 28.64
N LYS A 191 -9.75 -11.75 29.03
CA LYS A 191 -10.40 -12.65 28.08
C LYS A 191 -11.49 -11.92 27.31
N VAL A 192 -11.74 -12.39 26.09
CA VAL A 192 -12.77 -11.77 25.27
C VAL A 192 -13.68 -12.83 24.66
N LEU A 193 -13.28 -14.10 24.73
CA LEU A 193 -14.05 -15.13 24.03
C LEU A 193 -14.47 -16.29 24.94
N ASP A 194 -13.65 -16.58 25.95
CA ASP A 194 -13.87 -17.61 26.98
C ASP A 194 -14.42 -18.94 26.44
N LEU A 195 -13.77 -19.41 25.36
CA LEU A 195 -14.17 -20.67 24.72
C LEU A 195 -13.91 -21.87 25.61
N LYS A 196 -12.97 -21.77 26.55
CA LYS A 196 -12.71 -22.86 27.47
C LYS A 196 -13.89 -23.11 28.39
N ASN A 197 -14.49 -22.03 28.91
CA ASN A 197 -15.66 -22.15 29.78
C ASN A 197 -16.90 -22.60 29.01
N TYR A 198 -16.90 -22.48 27.69
CA TYR A 198 -17.99 -23.02 26.89
C TYR A 198 -17.79 -24.49 26.60
N ILE A 199 -16.61 -24.86 26.10
CA ILE A 199 -16.33 -26.22 25.68
C ILE A 199 -16.24 -27.13 26.90
N ASP A 200 -16.00 -26.53 28.07
CA ASP A 200 -15.76 -27.23 29.34
C ASP A 200 -16.85 -28.23 29.69
N LYS A 201 -18.08 -27.78 29.95
CA LYS A 201 -19.21 -28.71 29.90
C LYS A 201 -20.41 -28.05 29.20
N GLN A 202 -20.34 -27.98 27.87
CA GLN A 202 -21.50 -27.84 26.99
C GLN A 202 -21.48 -28.84 25.84
N LEU A 203 -20.32 -29.26 25.35
CA LEU A 203 -20.23 -30.06 24.15
C LEU A 203 -19.53 -31.39 24.36
N LEU A 204 -18.44 -31.43 25.13
CA LEU A 204 -17.77 -32.70 25.40
C LEU A 204 -18.60 -33.69 26.22
N PRO A 205 -19.27 -33.31 27.32
CA PRO A 205 -20.15 -34.30 27.97
C PRO A 205 -21.31 -34.76 27.11
N ILE A 206 -21.85 -33.88 26.26
CA ILE A 206 -22.93 -34.28 25.36
C ILE A 206 -22.42 -35.24 24.29
N LEU A 207 -21.19 -35.03 23.81
CA LEU A 207 -20.64 -35.85 22.75
C LEU A 207 -20.39 -37.28 23.20
N ASN A 208 -20.19 -37.49 24.50
CA ASN A 208 -19.81 -38.80 25.03
C ASN A 208 -20.84 -39.39 25.97
N LYS A 209 -22.13 -39.08 25.77
CA LYS A 209 -23.18 -39.73 26.54
C LYS A 209 -24.14 -40.54 25.69
N GLN A 210 -24.74 -39.96 24.65
CA GLN A 210 -25.73 -40.67 23.85
C GLN A 210 -25.12 -41.31 22.60
N SER A 211 -24.02 -42.04 22.79
CA SER A 211 -23.30 -42.75 21.72
C SER A 211 -22.97 -41.81 20.55
N CYS A 212 -22.46 -40.61 20.89
CA CYS A 212 -22.14 -39.55 19.95
C CYS A 212 -23.38 -39.13 19.14
N SER A 213 -24.35 -38.57 19.86
CA SER A 213 -25.55 -38.02 19.24
C SER A 213 -25.98 -36.76 19.98
N ILE A 214 -26.39 -35.75 19.22
CA ILE A 214 -26.87 -34.49 19.77
C ILE A 214 -28.39 -34.48 19.69
N SER A 215 -29.03 -34.26 20.84
CA SER A 215 -30.50 -34.26 20.87
C SER A 215 -31.07 -33.03 20.18
N ASN A 216 -30.42 -31.88 20.33
CA ASN A 216 -30.89 -30.64 19.75
C ASN A 216 -30.11 -30.35 18.47
N ILE A 217 -30.47 -29.26 17.81
CA ILE A 217 -29.82 -28.88 16.56
C ILE A 217 -29.23 -27.48 16.69
N GLU A 218 -29.71 -26.71 17.68
CA GLU A 218 -29.24 -25.34 17.86
C GLU A 218 -27.82 -25.26 18.44
N THR A 219 -27.31 -26.37 19.00
CA THR A 219 -25.98 -26.33 19.62
C THR A 219 -24.89 -26.11 18.59
N VAL A 220 -25.04 -26.69 17.39
CA VAL A 220 -24.01 -26.52 16.37
C VAL A 220 -24.01 -25.09 15.83
N ILE A 221 -25.19 -24.45 15.75
CA ILE A 221 -25.24 -23.06 15.33
C ILE A 221 -24.66 -22.15 16.41
N GLU A 222 -24.90 -22.47 17.68
CA GLU A 222 -24.27 -21.72 18.77
C GLU A 222 -22.75 -21.87 18.71
N PHE A 223 -22.27 -23.07 18.38
CA PHE A 223 -20.84 -23.29 18.23
C PHE A 223 -20.29 -22.52 17.04
N GLN A 224 -21.08 -22.40 15.97
CA GLN A 224 -20.69 -21.55 14.83
C GLN A 224 -20.50 -20.10 15.26
N GLN A 225 -21.47 -19.58 16.03
CA GLN A 225 -21.39 -18.19 16.48
C GLN A 225 -20.20 -17.97 17.42
N LYS A 226 -19.91 -18.95 18.27
CA LYS A 226 -18.79 -18.78 19.19
C LYS A 226 -17.44 -18.99 18.50
N ASN A 227 -17.38 -19.84 17.48
CA ASN A 227 -16.14 -20.16 16.80
C ASN A 227 -15.83 -19.23 15.63
N ASN A 228 -16.78 -18.38 15.24
CA ASN A 228 -16.53 -17.42 14.16
C ASN A 228 -15.40 -16.46 14.51
N ARG A 229 -15.35 -16.02 15.77
CA ARG A 229 -14.30 -15.10 16.19
C ARG A 229 -12.92 -15.74 16.07
N LEU A 230 -12.78 -16.98 16.55
CA LEU A 230 -11.48 -17.65 16.51
C LEU A 230 -11.08 -17.98 15.08
N LEU A 231 -12.04 -18.36 14.24
CA LEU A 231 -11.70 -18.66 12.85
C LEU A 231 -11.29 -17.39 12.10
N GLU A 232 -11.96 -16.27 12.38
CA GLU A 232 -11.52 -15.03 11.75
C GLU A 232 -10.17 -14.56 12.29
N ILE A 233 -9.87 -14.86 13.55
CA ILE A 233 -8.54 -14.60 14.09
C ILE A 233 -7.50 -15.39 13.30
N THR A 234 -7.80 -16.67 13.05
CA THR A 234 -6.92 -17.55 12.29
C THR A 234 -6.67 -16.97 10.89
N ARG A 235 -7.74 -16.60 10.20
CA ARG A 235 -7.62 -16.13 8.82
C ARG A 235 -6.87 -14.81 8.74
N GLU A 236 -7.24 -13.85 9.60
CA GLU A 236 -6.66 -12.52 9.52
C GLU A 236 -5.20 -12.52 9.96
N PHE A 237 -4.82 -13.42 10.86
CA PHE A 237 -3.42 -13.47 11.23
C PHE A 237 -2.60 -14.23 10.20
N SER A 238 -3.17 -15.28 9.58
CA SER A 238 -2.39 -16.06 8.64
C SER A 238 -2.22 -15.33 7.32
N VAL A 239 -3.16 -14.46 6.96
CA VAL A 239 -3.01 -13.66 5.75
C VAL A 239 -1.86 -12.67 5.90
N ASN A 240 -1.75 -12.04 7.07
CA ASN A 240 -0.85 -10.92 7.29
C ASN A 240 0.35 -11.30 8.15
N ALA A 241 0.92 -12.49 7.91
CA ALA A 241 2.11 -13.02 8.59
C ALA A 241 1.90 -13.14 10.09
N GLY A 242 2.38 -12.17 10.86
CA GLY A 242 2.12 -12.17 12.28
C GLY A 242 1.72 -10.80 12.78
N VAL A 243 1.89 -9.79 11.94
CA VAL A 243 1.64 -8.40 12.29
C VAL A 243 0.64 -7.84 11.29
N THR A 244 -0.50 -7.39 11.78
CA THR A 244 -1.57 -6.91 10.92
C THR A 244 -2.09 -5.56 11.38
N THR A 245 -2.37 -4.70 10.41
CA THR A 245 -3.01 -3.41 10.62
C THR A 245 -3.99 -3.17 9.49
N PRO A 246 -5.17 -2.61 9.76
CA PRO A 246 -5.74 -2.24 11.05
C PRO A 246 -6.25 -3.45 11.85
N VAL A 247 -6.53 -3.27 13.13
CA VAL A 247 -7.14 -4.32 13.93
C VAL A 247 -8.61 -4.41 13.55
N SER A 248 -9.09 -5.61 13.26
CA SER A 248 -10.48 -5.75 12.83
C SER A 248 -11.41 -5.80 14.03
N THR A 249 -12.72 -5.73 13.74
CA THR A 249 -13.70 -5.69 14.82
C THR A 249 -13.87 -7.06 15.47
N TYR A 250 -13.69 -8.14 14.71
CA TYR A 250 -13.68 -9.45 15.33
C TYR A 250 -12.36 -9.76 16.02
N MET A 251 -11.34 -8.94 15.77
CA MET A 251 -10.09 -9.06 16.50
C MET A 251 -10.21 -8.45 17.88
N LEU A 252 -11.01 -7.39 18.01
CA LEU A 252 -11.28 -6.75 19.29
C LEU A 252 -12.63 -6.05 19.14
N THR A 253 -13.67 -6.62 19.76
CA THR A 253 -15.01 -6.07 19.64
C THR A 253 -15.06 -4.67 20.24
N ASN A 254 -15.91 -3.81 19.66
CA ASN A 254 -15.82 -2.38 19.90
C ASN A 254 -16.22 -2.02 21.32
N SER A 255 -17.13 -2.78 21.93
CA SER A 255 -17.44 -2.58 23.34
C SER A 255 -16.24 -2.90 24.21
N GLU A 256 -15.51 -3.97 23.86
CA GLU A 256 -14.30 -4.32 24.59
C GLU A 256 -13.20 -3.31 24.35
N LEU A 257 -13.12 -2.73 23.14
CA LEU A 257 -12.12 -1.71 22.88
C LEU A 257 -12.44 -0.43 23.65
N LEU A 258 -13.73 -0.09 23.76
CA LEU A 258 -14.09 1.07 24.57
C LEU A 258 -13.78 0.84 26.04
N SER A 259 -14.04 -0.38 26.54
CA SER A 259 -13.72 -0.69 27.93
C SER A 259 -12.22 -0.72 28.17
N LEU A 260 -11.44 -1.17 27.17
CA LEU A 260 -9.99 -1.17 27.30
C LEU A 260 -9.43 0.25 27.23
N ILE A 261 -10.02 1.10 26.39
CA ILE A 261 -9.60 2.49 26.28
C ILE A 261 -9.88 3.20 27.60
N ASN A 262 -11.04 2.93 28.20
CA ASN A 262 -11.40 3.57 29.46
C ASN A 262 -10.51 3.13 30.61
N ASP A 263 -9.93 1.93 30.54
CA ASP A 263 -9.21 1.34 31.66
C ASP A 263 -7.70 1.47 31.57
N MET A 264 -7.18 2.20 30.61
CA MET A 264 -5.74 2.26 30.45
C MET A 264 -5.21 3.64 30.85
N PRO A 265 -3.94 3.71 31.36
CA PRO A 265 -3.48 4.92 32.08
C PRO A 265 -3.20 6.14 31.22
N ILE A 266 -4.28 6.88 30.91
CA ILE A 266 -4.29 7.95 29.92
C ILE A 266 -5.12 9.11 30.46
N THR A 267 -5.04 10.24 29.79
CA THR A 267 -5.84 11.41 30.16
C THR A 267 -7.32 11.12 29.93
N ASN A 268 -8.16 11.73 30.78
CA ASN A 268 -9.60 11.60 30.58
C ASN A 268 -10.06 12.36 29.35
N ASP A 269 -9.38 13.46 29.02
CA ASP A 269 -9.63 14.13 27.75
C ASP A 269 -9.28 13.21 26.58
N GLN A 270 -8.19 12.46 26.70
CA GLN A 270 -7.85 11.48 25.68
C GLN A 270 -8.86 10.33 25.67
N LYS A 271 -9.45 10.00 26.82
CA LYS A 271 -10.53 9.01 26.84
C LYS A 271 -11.73 9.49 26.03
N LYS A 272 -12.10 10.77 26.21
CA LYS A 272 -13.20 11.34 25.44
C LYS A 272 -12.89 11.36 23.95
N LEU A 273 -11.66 11.76 23.59
CA LEU A 273 -11.28 11.81 22.19
C LEU A 273 -11.25 10.41 21.55
N MET A 274 -10.68 9.44 22.26
CA MET A 274 -10.49 8.11 21.71
C MET A 274 -11.70 7.21 21.91
N SER A 275 -12.73 7.69 22.60
CA SER A 275 -14.04 7.03 22.56
C SER A 275 -14.96 7.67 21.53
N ASN A 276 -14.79 8.95 21.25
CA ASN A 276 -15.54 9.56 20.15
C ASN A 276 -14.97 9.15 18.79
N ASN A 277 -13.68 8.83 18.72
CA ASN A 277 -12.99 8.61 17.46
C ASN A 277 -12.29 7.26 17.44
N VAL A 278 -13.02 6.19 17.79
CA VAL A 278 -12.43 4.86 17.86
C VAL A 278 -12.05 4.32 16.49
N GLN A 279 -12.53 4.96 15.41
CA GLN A 279 -12.20 4.50 14.06
C GLN A 279 -10.71 4.65 13.77
N ILE A 280 -10.14 5.80 14.09
CA ILE A 280 -8.74 6.04 13.79
C ILE A 280 -7.84 5.24 14.72
N VAL A 281 -8.26 5.08 15.98
CA VAL A 281 -7.51 4.23 16.92
C VAL A 281 -7.50 2.79 16.42
N ARG A 282 -8.64 2.31 15.92
CA ARG A 282 -8.70 1.00 15.30
C ARG A 282 -7.83 0.93 14.06
N GLN A 283 -7.76 2.01 13.29
CA GLN A 283 -7.00 2.05 12.05
C GLN A 283 -5.52 2.32 12.26
N GLN A 284 -5.10 2.54 13.51
CA GLN A 284 -3.72 2.92 13.80
C GLN A 284 -2.99 1.93 14.71
N SER A 285 -3.65 0.88 15.16
CA SER A 285 -3.05 -0.04 16.12
C SER A 285 -2.25 -1.12 15.38
N TYR A 286 -1.71 -2.07 16.13
CA TYR A 286 -0.92 -3.16 15.56
C TYR A 286 -1.09 -4.35 16.49
N SER A 287 -1.62 -5.45 15.98
CA SER A 287 -1.75 -6.65 16.80
C SER A 287 -0.70 -7.66 16.38
N ILE A 288 0.03 -8.18 17.35
CA ILE A 288 1.14 -9.10 17.13
C ILE A 288 0.87 -10.38 17.93
N MET A 289 1.41 -11.48 17.45
CA MET A 289 1.25 -12.76 18.14
C MET A 289 2.08 -12.85 19.41
N CYS A 290 1.65 -13.74 20.29
CA CYS A 290 2.31 -14.11 21.53
C CYS A 290 2.22 -15.63 21.64
N ILE A 291 2.46 -16.15 22.85
CA ILE A 291 2.49 -17.59 23.05
C ILE A 291 1.12 -18.20 22.79
N ILE A 292 1.12 -19.45 22.31
CA ILE A 292 -0.09 -20.16 22.00
C ILE A 292 -0.32 -21.36 22.93
N LYS A 293 0.75 -21.97 23.43
CA LYS A 293 0.65 -23.22 24.17
C LYS A 293 -0.02 -23.03 25.53
N GLU A 294 -0.29 -24.16 26.19
CA GLU A 294 -1.01 -24.22 27.47
C GLU A 294 -2.42 -23.63 27.36
N GLU A 295 -3.08 -23.91 26.23
CA GLU A 295 -4.45 -23.51 25.87
C GLU A 295 -4.83 -22.10 26.33
N VAL A 296 -4.01 -21.11 25.99
CA VAL A 296 -4.10 -19.81 26.62
C VAL A 296 -4.12 -18.69 25.59
N LEU A 297 -4.27 -19.05 24.31
CA LEU A 297 -3.76 -18.35 23.13
C LEU A 297 -3.84 -16.83 23.26
N ALA A 298 -2.69 -16.19 23.16
CA ALA A 298 -2.60 -14.79 23.53
C ALA A 298 -1.99 -14.00 22.38
N TYR A 299 -2.41 -12.75 22.25
CA TYR A 299 -1.81 -11.84 21.30
C TYR A 299 -1.87 -10.43 21.87
N VAL A 300 -0.87 -9.62 21.54
CA VAL A 300 -0.77 -8.27 22.10
C VAL A 300 -1.31 -7.29 21.07
N VAL A 301 -2.34 -6.53 21.46
CA VAL A 301 -2.89 -5.49 20.60
C VAL A 301 -2.25 -4.19 21.07
N GLN A 302 -1.14 -3.84 20.44
CA GLN A 302 -0.48 -2.58 20.72
C GLN A 302 -1.34 -1.45 20.18
N LEU A 303 -1.77 -0.58 21.08
CA LEU A 303 -2.71 0.50 20.88
C LEU A 303 -1.99 1.85 20.88
N PRO A 304 -2.48 2.82 20.14
CA PRO A 304 -1.85 4.15 20.17
C PRO A 304 -2.11 4.84 21.49
N LEU A 305 -1.15 5.66 21.90
CA LEU A 305 -1.15 6.38 23.16
C LEU A 305 -0.91 7.84 22.80
N TYR A 306 -2.01 8.58 22.69
CA TYR A 306 -1.96 9.92 22.13
C TYR A 306 -1.35 10.88 23.13
N GLY A 307 -0.57 11.82 22.62
CA GLY A 307 0.21 12.72 23.45
C GLY A 307 -0.46 14.06 23.61
N VAL A 308 -0.02 15.04 22.82
CA VAL A 308 -0.63 16.35 22.88
C VAL A 308 -2.07 16.28 22.39
N ILE A 309 -2.90 17.21 22.86
CA ILE A 309 -4.34 17.13 22.67
C ILE A 309 -4.86 18.50 22.25
N ASP A 310 -5.59 18.53 21.14
CA ASP A 310 -6.19 19.73 20.56
C ASP A 310 -5.14 20.83 20.35
N THR A 311 -4.20 20.54 19.50
CA THR A 311 -3.20 21.54 19.19
C THR A 311 -3.35 22.01 17.75
N PRO A 312 -3.24 23.31 17.48
CA PRO A 312 -3.45 23.81 16.12
C PRO A 312 -2.39 23.32 15.16
N CYS A 313 -2.81 22.54 14.18
CA CYS A 313 -1.93 21.79 13.28
C CYS A 313 -2.22 22.25 11.86
N TRP A 314 -1.52 23.30 11.43
CA TRP A 314 -1.83 23.87 10.14
C TRP A 314 -1.24 23.04 9.01
N LYS A 315 -2.00 22.93 7.93
CA LYS A 315 -1.61 22.10 6.80
C LYS A 315 -1.10 22.96 5.66
N LEU A 316 0.04 22.57 5.09
CA LEU A 316 0.67 23.34 4.02
C LEU A 316 0.63 22.53 2.73
N HIS A 317 0.00 23.11 1.70
CA HIS A 317 0.09 22.62 0.33
C HIS A 317 0.83 23.61 -0.55
N THR A 318 1.50 23.08 -1.56
CA THR A 318 2.30 23.86 -2.48
C THR A 318 2.01 23.39 -3.90
N SER A 319 2.14 24.30 -4.85
CA SER A 319 2.02 23.98 -6.26
C SER A 319 3.18 24.61 -7.02
N PRO A 320 3.60 24.00 -8.14
CA PRO A 320 4.77 24.52 -8.86
C PRO A 320 4.57 25.91 -9.43
N LEU A 321 5.32 26.87 -8.90
CA LEU A 321 5.30 28.26 -9.33
C LEU A 321 6.43 28.47 -10.33
N CYS A 322 6.11 28.44 -11.61
CA CYS A 322 7.10 28.62 -12.67
C CYS A 322 7.02 30.07 -13.15
N THR A 323 7.74 30.36 -14.23
CA THR A 323 7.71 31.69 -14.81
C THR A 323 6.58 31.81 -15.82
N THR A 324 6.26 33.05 -16.17
CA THR A 324 5.20 33.35 -17.12
C THR A 324 5.67 33.32 -18.57
N ASN A 325 6.96 33.09 -18.81
CA ASN A 325 7.49 33.08 -20.16
C ASN A 325 6.95 31.90 -20.95
N THR A 326 6.76 32.10 -22.25
CA THR A 326 6.13 31.11 -23.12
C THR A 326 7.09 30.57 -24.17
N LYS A 327 8.27 31.19 -24.32
CA LYS A 327 9.21 30.84 -25.39
C LYS A 327 9.79 29.45 -25.11
N GLU A 328 9.49 28.49 -25.98
CA GLU A 328 10.00 27.13 -25.98
C GLU A 328 9.76 26.44 -24.64
N GLY A 329 10.82 26.16 -23.89
CA GLY A 329 10.72 25.54 -22.60
C GLY A 329 11.73 26.10 -21.62
N SER A 330 12.18 27.32 -21.89
CA SER A 330 13.18 27.99 -21.06
C SER A 330 12.47 28.71 -19.92
N ASN A 331 12.09 27.93 -18.91
CA ASN A 331 11.37 28.44 -17.76
C ASN A 331 12.09 28.07 -16.47
N ILE A 332 12.07 28.99 -15.51
CA ILE A 332 12.64 28.78 -14.19
C ILE A 332 11.48 28.50 -13.24
N CYS A 333 11.75 27.74 -12.17
CA CYS A 333 10.62 27.24 -11.40
C CYS A 333 11.02 26.92 -9.97
N LEU A 334 10.31 27.49 -9.00
CA LEU A 334 10.42 27.10 -7.61
C LEU A 334 9.16 26.37 -7.18
N THR A 335 9.32 25.15 -6.68
CA THR A 335 8.25 24.37 -6.09
C THR A 335 8.60 24.14 -4.64
N ARG A 336 7.82 24.72 -3.72
CA ARG A 336 8.12 24.62 -2.30
C ARG A 336 7.99 23.17 -1.82
N THR A 337 9.11 22.53 -1.51
CA THR A 337 9.11 21.11 -1.15
C THR A 337 8.89 20.96 0.36
N ASP A 338 7.69 21.35 0.78
CA ASP A 338 7.38 21.38 2.20
C ASP A 338 5.95 20.94 2.52
N ARG A 339 5.29 20.24 1.61
CA ARG A 339 3.88 19.91 1.78
C ARG A 339 3.68 18.92 2.93
N GLY A 340 2.57 19.07 3.62
CA GLY A 340 2.25 18.13 4.68
C GLY A 340 1.57 18.85 5.83
N TRP A 341 1.78 18.32 7.03
CA TRP A 341 1.15 18.81 8.25
C TRP A 341 2.20 19.44 9.16
N TYR A 342 1.77 20.46 9.91
CA TYR A 342 2.61 21.11 10.91
C TYR A 342 1.82 21.13 12.21
N CYS A 343 2.12 20.24 13.14
CA CYS A 343 1.45 20.22 14.43
C CYS A 343 2.32 20.90 15.48
N ASP A 344 1.71 21.66 16.36
CA ASP A 344 2.44 22.33 17.42
C ASP A 344 2.52 21.43 18.64
N ASN A 345 3.73 21.18 19.13
CA ASN A 345 3.85 20.36 20.33
C ASN A 345 5.13 20.77 21.05
N ALA A 346 5.06 20.79 22.38
CA ALA A 346 6.14 21.31 23.23
C ALA A 346 6.57 22.70 22.75
N GLY A 347 7.87 22.95 22.69
CA GLY A 347 8.34 24.21 22.17
C GLY A 347 8.67 24.15 20.70
N SER A 348 8.13 23.17 19.98
CA SER A 348 8.52 22.94 18.59
C SER A 348 7.30 22.62 17.74
N VAL A 349 7.54 22.29 16.48
CA VAL A 349 6.50 21.78 15.60
C VAL A 349 6.96 20.41 15.09
N SER A 350 6.02 19.50 14.97
CA SER A 350 6.22 18.25 14.27
C SER A 350 5.78 18.42 12.84
N PHE A 351 6.65 18.00 11.91
CA PHE A 351 6.42 18.12 10.49
C PHE A 351 6.14 16.73 9.93
N PHE A 352 4.95 16.55 9.37
CA PHE A 352 4.57 15.28 8.74
C PHE A 352 4.57 15.48 7.24
N PRO A 353 5.58 15.01 6.51
CA PRO A 353 5.57 15.17 5.06
C PRO A 353 4.71 14.14 4.37
N GLN A 354 4.56 12.97 4.98
CA GLN A 354 3.76 11.88 4.41
C GLN A 354 2.30 12.22 4.64
N ALA A 355 1.64 12.73 3.60
CA ALA A 355 0.22 13.04 3.70
C ALA A 355 -0.65 11.79 3.69
N GLU A 356 -0.08 10.62 3.42
CA GLU A 356 -0.83 9.37 3.45
C GLU A 356 -0.82 8.70 4.82
N THR A 357 -0.05 9.21 5.77
CA THR A 357 0.02 8.63 7.10
C THR A 357 -0.74 9.41 8.16
N CYS A 358 -1.25 10.59 7.83
CA CYS A 358 -2.02 11.41 8.76
C CYS A 358 -3.48 11.39 8.34
N LYS A 359 -4.34 10.99 9.26
CA LYS A 359 -5.77 10.93 9.02
C LYS A 359 -6.41 12.28 9.32
N VAL A 360 -7.51 12.56 8.63
CA VAL A 360 -8.12 13.89 8.63
C VAL A 360 -9.55 13.83 9.14
N GLN A 361 -9.86 12.77 9.89
CA GLN A 361 -11.24 12.48 10.33
C GLN A 361 -11.81 13.60 11.17
N SER A 362 -13.02 14.04 10.82
CA SER A 362 -13.72 15.22 11.36
C SER A 362 -12.81 16.43 11.12
N ASN A 363 -12.65 17.33 12.08
CA ASN A 363 -11.66 18.39 11.99
C ASN A 363 -10.41 18.10 12.84
N ARG A 364 -10.30 16.90 13.40
CA ARG A 364 -9.14 16.51 14.18
C ARG A 364 -8.15 15.78 13.29
N VAL A 365 -6.88 15.97 13.55
CA VAL A 365 -5.81 15.51 12.67
C VAL A 365 -4.96 14.51 13.46
N PHE A 366 -5.31 13.24 13.38
CA PHE A 366 -4.46 12.20 13.94
C PHE A 366 -3.27 11.98 13.02
N CYS A 367 -2.13 11.66 13.62
CA CYS A 367 -0.90 11.58 12.87
C CYS A 367 0.01 10.52 13.48
N ASP A 368 1.13 10.27 12.82
CA ASP A 368 2.11 9.29 13.25
C ASP A 368 3.36 10.07 13.64
N THR A 369 3.60 10.21 14.95
CA THR A 369 4.74 10.99 15.44
C THR A 369 6.05 10.35 15.03
N MET A 370 6.09 9.01 14.96
CA MET A 370 7.28 8.27 14.55
C MET A 370 7.74 8.62 13.13
N ASN A 371 6.82 9.03 12.26
CA ASN A 371 7.14 9.39 10.88
C ASN A 371 7.18 10.90 10.67
N SER A 372 7.75 11.63 11.63
CA SER A 372 7.75 13.08 11.58
C SER A 372 9.14 13.62 11.88
N LEU A 373 9.40 14.81 11.39
CA LEU A 373 10.57 15.58 11.79
C LEU A 373 10.20 16.58 12.87
N THR A 374 11.22 17.13 13.51
CA THR A 374 11.04 18.26 14.41
C THR A 374 11.59 19.53 13.76
N LEU A 375 10.93 20.64 14.02
CA LEU A 375 11.38 21.94 13.53
C LEU A 375 11.15 22.98 14.61
N PRO A 376 11.97 24.03 14.65
CA PRO A 376 11.67 25.15 15.54
C PRO A 376 10.44 25.91 15.08
N SER A 377 9.91 26.74 15.97
CA SER A 377 8.68 27.48 15.69
C SER A 377 8.84 28.52 14.59
N GLU A 378 10.08 28.87 14.25
CA GLU A 378 10.34 29.90 13.25
C GLU A 378 9.86 29.50 11.86
N VAL A 379 9.57 28.21 11.63
CA VAL A 379 8.97 27.77 10.38
C VAL A 379 7.59 28.36 10.17
N ASN A 380 6.92 28.79 11.26
CA ASN A 380 5.68 29.54 11.11
C ASN A 380 5.94 30.87 10.38
N LEU A 381 7.06 31.52 10.70
CA LEU A 381 7.45 32.72 9.95
C LEU A 381 7.95 32.38 8.55
N CYS A 382 8.14 31.08 8.25
CA CYS A 382 8.30 30.65 6.88
C CYS A 382 7.05 30.90 6.05
N ASN A 383 5.88 30.93 6.69
CA ASN A 383 4.63 31.10 5.97
C ASN A 383 4.44 32.51 5.43
N VAL A 384 4.99 33.52 6.09
CA VAL A 384 4.77 34.92 5.73
C VAL A 384 5.87 35.42 4.79
N ASP A 385 7.12 35.42 5.26
CA ASP A 385 8.26 35.91 4.49
C ASP A 385 9.09 34.71 4.06
N ILE A 386 9.21 34.51 2.75
CA ILE A 386 9.98 33.37 2.26
C ILE A 386 11.47 33.66 2.33
N PHE A 387 11.85 34.94 2.44
CA PHE A 387 13.25 35.34 2.56
C PHE A 387 13.62 35.72 3.99
N ASN A 388 12.81 35.29 4.96
CA ASN A 388 13.03 35.62 6.35
C ASN A 388 14.31 34.96 6.88
N PRO A 389 15.25 35.73 7.43
CA PRO A 389 16.50 35.15 7.94
C PRO A 389 16.40 34.66 9.38
N LYS A 390 15.33 33.94 9.68
CA LYS A 390 15.21 33.25 10.97
C LYS A 390 15.08 31.75 10.81
N TYR A 391 14.28 31.29 9.85
CA TYR A 391 14.24 29.89 9.47
C TYR A 391 14.47 29.76 7.98
N ASP A 392 15.26 28.76 7.60
CA ASP A 392 15.61 28.52 6.21
C ASP A 392 14.51 27.70 5.55
N CYS A 393 13.64 28.36 4.79
CA CYS A 393 12.58 27.66 4.07
C CYS A 393 13.15 26.77 2.98
N LYS A 394 12.51 25.63 2.76
CA LYS A 394 12.97 24.64 1.81
C LYS A 394 12.16 24.75 0.52
N ILE A 395 12.85 25.01 -0.59
CA ILE A 395 12.24 25.02 -1.91
C ILE A 395 13.05 24.12 -2.83
N MET A 396 12.41 23.69 -3.91
CA MET A 396 13.03 22.86 -4.92
C MET A 396 13.02 23.62 -6.25
N THR A 397 14.01 23.32 -7.09
CA THR A 397 14.23 24.06 -8.33
C THR A 397 13.93 23.13 -9.50
N SER A 398 13.25 23.66 -10.51
CA SER A 398 12.86 22.86 -11.66
C SER A 398 12.71 23.75 -12.88
N LYS A 399 12.93 23.15 -14.06
CA LYS A 399 12.72 23.83 -15.32
C LYS A 399 11.45 23.40 -16.03
N THR A 400 10.91 22.23 -15.69
CA THR A 400 9.66 21.78 -16.29
C THR A 400 8.50 22.65 -15.80
N ASP A 401 7.58 22.94 -16.71
CA ASP A 401 6.50 23.89 -16.48
C ASP A 401 5.15 23.29 -16.84
N VAL A 402 4.90 22.07 -16.34
CA VAL A 402 3.62 21.41 -16.62
C VAL A 402 2.53 22.04 -15.75
N SER A 403 1.30 22.02 -16.27
CA SER A 403 0.18 22.54 -15.51
C SER A 403 -0.21 21.56 -14.42
N SER A 404 -0.37 22.07 -13.20
CA SER A 404 -0.66 21.21 -12.06
C SER A 404 -1.57 21.93 -11.09
N SER A 405 -2.45 21.17 -10.44
CA SER A 405 -3.36 21.72 -9.45
C SER A 405 -3.35 20.84 -8.22
N VAL A 406 -3.38 21.47 -7.06
CA VAL A 406 -3.54 20.77 -5.79
C VAL A 406 -4.74 21.37 -5.08
N ILE A 407 -5.69 20.54 -4.70
CA ILE A 407 -6.93 21.03 -4.08
C ILE A 407 -6.70 21.09 -2.58
N THR A 408 -6.84 22.27 -2.01
CA THR A 408 -6.55 22.45 -0.59
C THR A 408 -7.80 22.05 0.21
N SER A 409 -7.77 22.30 1.51
CA SER A 409 -8.81 21.79 2.41
C SER A 409 -10.17 22.38 2.07
N LEU A 410 -10.20 23.60 1.55
CA LEU A 410 -11.44 24.21 1.09
C LEU A 410 -11.42 24.57 -0.39
N GLY A 411 -10.43 25.32 -0.84
CA GLY A 411 -10.36 25.77 -2.22
C GLY A 411 -9.48 24.90 -3.08
N ALA A 412 -8.88 25.50 -4.11
CA ALA A 412 -7.99 24.79 -5.01
C ALA A 412 -6.91 25.73 -5.50
N ILE A 413 -5.68 25.24 -5.56
CA ILE A 413 -4.56 25.94 -6.14
C ILE A 413 -4.32 25.39 -7.53
N VAL A 414 -4.23 26.27 -8.52
CA VAL A 414 -3.98 25.86 -9.89
C VAL A 414 -2.76 26.60 -10.41
N SER A 415 -2.04 25.95 -11.34
CA SER A 415 -0.98 26.60 -12.09
C SER A 415 -1.09 26.07 -13.52
N CYS A 416 -1.66 26.89 -14.40
CA CYS A 416 -1.89 26.53 -15.78
C CYS A 416 -0.86 27.22 -16.65
N TYR A 417 -0.08 26.43 -17.39
CA TYR A 417 1.26 26.84 -17.79
C TYR A 417 1.51 26.37 -19.22
N GLY A 418 2.20 27.20 -19.98
CA GLY A 418 2.33 26.91 -21.40
C GLY A 418 1.05 27.27 -22.12
N LYS A 419 0.44 26.27 -22.77
CA LYS A 419 -0.83 26.45 -23.48
C LYS A 419 -1.78 25.35 -23.03
N THR A 420 -2.50 25.61 -21.94
CA THR A 420 -3.51 24.68 -21.44
C THR A 420 -4.75 25.45 -21.03
N LYS A 421 -5.89 24.78 -21.11
CA LYS A 421 -7.19 25.37 -20.77
C LYS A 421 -7.62 24.84 -19.40
N CYS A 422 -7.79 25.75 -18.44
CA CYS A 422 -8.28 25.41 -17.11
C CYS A 422 -9.48 26.27 -16.80
N THR A 423 -10.44 25.69 -16.06
CA THR A 423 -11.61 26.42 -15.61
C THR A 423 -12.01 25.93 -14.24
N ALA A 424 -12.79 26.76 -13.55
CA ALA A 424 -13.40 26.42 -12.28
C ALA A 424 -14.90 26.35 -12.50
N SER A 425 -15.41 25.15 -12.75
CA SER A 425 -16.80 24.95 -13.15
C SER A 425 -17.65 24.56 -11.95
N ASN A 426 -18.82 25.19 -11.87
CA ASN A 426 -19.86 24.88 -10.90
C ASN A 426 -20.94 24.12 -11.65
N LYS A 427 -21.48 23.05 -11.05
CA LYS A 427 -22.42 22.20 -11.75
C LYS A 427 -23.77 22.88 -12.00
N ASN A 428 -24.03 24.03 -11.39
CA ASN A 428 -25.28 24.74 -11.60
C ASN A 428 -25.15 25.97 -12.49
N ARG A 429 -23.94 26.44 -12.75
CA ARG A 429 -23.74 27.64 -13.56
C ARG A 429 -22.87 27.39 -14.78
N GLY A 430 -21.78 26.64 -14.63
CA GLY A 430 -20.82 26.44 -15.69
C GLY A 430 -19.46 26.98 -15.32
N ILE A 431 -18.68 27.31 -16.34
CA ILE A 431 -17.35 27.87 -16.11
C ILE A 431 -17.48 29.30 -15.60
N ILE A 432 -16.71 29.63 -14.57
CA ILE A 432 -16.78 30.96 -13.96
C ILE A 432 -15.44 31.67 -13.88
N LYS A 433 -14.30 30.98 -13.92
CA LYS A 433 -13.02 31.62 -13.62
C LYS A 433 -12.09 31.68 -14.82
N THR A 434 -11.76 30.54 -15.43
CA THR A 434 -10.87 30.45 -16.60
C THR A 434 -9.50 31.07 -16.30
N PHE A 435 -8.75 30.36 -15.44
CA PHE A 435 -7.45 30.83 -14.96
C PHE A 435 -6.51 31.16 -16.09
N SER A 436 -5.78 32.25 -15.94
CA SER A 436 -4.72 32.63 -16.88
C SER A 436 -3.42 31.97 -16.45
N ASN A 437 -2.31 32.40 -17.04
CA ASN A 437 -1.00 31.90 -16.64
C ASN A 437 -0.62 32.43 -15.27
N GLY A 438 0.12 31.62 -14.52
CA GLY A 438 0.52 31.94 -13.16
C GLY A 438 -0.27 31.13 -12.15
N CYS A 439 0.28 31.06 -10.94
CA CYS A 439 -0.42 30.41 -9.83
C CYS A 439 -1.65 31.21 -9.47
N ASP A 440 -2.76 30.50 -9.21
CA ASP A 440 -3.99 31.16 -8.81
C ASP A 440 -4.75 30.25 -7.85
N TYR A 441 -5.64 30.85 -7.09
CA TYR A 441 -6.41 30.13 -6.09
C TYR A 441 -7.90 30.42 -6.27
N VAL A 442 -8.71 29.37 -6.17
CA VAL A 442 -10.15 29.48 -6.31
C VAL A 442 -10.81 28.95 -5.04
N SER A 443 -11.69 29.75 -4.46
CA SER A 443 -12.27 29.43 -3.15
C SER A 443 -13.31 28.32 -3.27
N ASN A 444 -13.70 27.79 -2.12
CA ASN A 444 -14.72 26.74 -2.08
C ASN A 444 -16.09 27.28 -2.47
N LYS A 445 -16.44 28.46 -1.98
CA LYS A 445 -17.76 29.02 -2.25
C LYS A 445 -17.82 29.50 -3.70
N GLY A 446 -18.69 28.87 -4.49
CA GLY A 446 -18.84 29.25 -5.87
C GLY A 446 -18.59 28.13 -6.86
N VAL A 447 -17.64 27.25 -6.56
CA VAL A 447 -17.24 26.19 -7.48
C VAL A 447 -17.35 24.84 -6.78
N ASP A 448 -17.46 23.80 -7.61
CA ASP A 448 -17.36 22.42 -7.12
C ASP A 448 -16.57 21.52 -8.05
N THR A 449 -15.93 22.06 -9.08
CA THR A 449 -15.15 21.26 -10.01
C THR A 449 -14.03 22.13 -10.56
N VAL A 450 -12.80 21.61 -10.59
CA VAL A 450 -11.66 22.34 -11.14
C VAL A 450 -11.06 21.49 -12.25
N SER A 451 -11.06 22.01 -13.47
CA SER A 451 -10.49 21.28 -14.60
C SER A 451 -9.19 21.95 -15.03
N VAL A 452 -8.13 21.18 -15.08
CA VAL A 452 -6.82 21.66 -15.52
C VAL A 452 -6.39 20.82 -16.71
N GLY A 453 -6.23 21.48 -17.86
CA GLY A 453 -6.02 20.74 -19.09
C GLY A 453 -7.16 19.78 -19.33
N ASN A 454 -6.81 18.55 -19.68
CA ASN A 454 -7.77 17.44 -19.68
C ASN A 454 -7.67 16.57 -18.42
N THR A 455 -7.70 17.15 -17.23
CA THR A 455 -7.98 16.35 -16.04
C THR A 455 -8.91 17.12 -15.12
N LEU A 456 -9.75 16.36 -14.41
CA LEU A 456 -10.83 16.93 -13.60
C LEU A 456 -10.58 16.58 -12.15
N TYR A 457 -10.54 17.59 -11.29
CA TYR A 457 -10.43 17.42 -9.86
C TYR A 457 -11.71 17.92 -9.21
N TYR A 458 -12.14 17.25 -8.16
CA TYR A 458 -13.28 17.69 -7.37
C TYR A 458 -12.73 18.37 -6.12
N VAL A 459 -13.17 19.59 -5.89
CA VAL A 459 -12.65 20.40 -4.79
C VAL A 459 -13.52 20.15 -3.57
N ASN A 460 -12.88 20.04 -2.40
CA ASN A 460 -13.59 19.70 -1.16
C ASN A 460 -14.64 20.75 -0.82
N LYS A 461 -15.80 20.28 -0.38
CA LYS A 461 -16.94 21.14 -0.09
C LYS A 461 -17.12 21.37 1.41
N GLN A 462 -16.02 21.50 2.13
CA GLN A 462 -16.05 21.70 3.58
C GLN A 462 -16.13 23.19 3.89
N GLU A 463 -17.11 23.56 4.72
CA GLU A 463 -17.43 24.97 4.95
C GLU A 463 -16.35 25.66 5.76
N GLY A 464 -16.09 26.92 5.43
CA GLY A 464 -15.16 27.74 6.18
C GLY A 464 -14.81 28.99 5.40
N LYS A 465 -13.96 29.80 6.03
CA LYS A 465 -13.57 31.10 5.49
C LYS A 465 -12.22 30.99 4.81
N SER A 466 -12.04 31.75 3.73
CA SER A 466 -10.80 31.76 2.98
C SER A 466 -10.27 33.18 2.89
N LEU A 467 -8.93 33.31 2.92
CA LEU A 467 -8.27 34.59 2.77
C LEU A 467 -7.30 34.52 1.60
N TYR A 468 -7.14 35.64 0.91
CA TYR A 468 -6.28 35.73 -0.27
C TYR A 468 -5.24 36.81 0.01
N VAL A 469 -4.02 36.38 0.34
CA VAL A 469 -2.92 37.31 0.56
C VAL A 469 -2.32 37.69 -0.77
N LYS A 470 -2.57 38.92 -1.21
CA LYS A 470 -2.09 39.38 -2.50
C LYS A 470 -0.59 39.62 -2.47
N GLY A 471 0.06 39.39 -3.59
CA GLY A 471 1.49 39.60 -3.69
C GLY A 471 2.00 39.20 -5.06
N GLU A 472 3.31 39.32 -5.24
CA GLU A 472 3.93 38.94 -6.48
C GLU A 472 4.73 37.65 -6.31
N PRO A 473 4.81 36.80 -7.34
CA PRO A 473 5.58 35.57 -7.22
C PRO A 473 7.07 35.83 -7.09
N ILE A 474 7.77 34.88 -6.47
CA ILE A 474 9.20 35.03 -6.25
C ILE A 474 10.02 34.79 -7.51
N ILE A 475 9.41 34.25 -8.57
CA ILE A 475 10.05 34.12 -9.87
C ILE A 475 10.59 35.45 -10.36
N ASN A 476 9.81 36.52 -10.22
CA ASN A 476 10.25 37.84 -10.65
C ASN A 476 11.38 38.40 -9.80
N PHE A 477 11.70 37.78 -8.66
CA PHE A 477 12.83 38.20 -7.86
C PHE A 477 14.13 37.48 -8.23
N TYR A 478 14.10 36.62 -9.24
CA TYR A 478 15.27 35.84 -9.66
C TYR A 478 15.66 36.19 -11.09
N ASP A 479 16.94 36.06 -11.39
CA ASP A 479 17.45 36.33 -12.72
C ASP A 479 17.57 35.02 -13.51
N PRO A 480 16.86 34.88 -14.64
CA PRO A 480 16.81 33.58 -15.33
C PRO A 480 18.13 33.11 -15.92
N LEU A 481 19.00 34.01 -16.35
CA LEU A 481 20.22 33.62 -17.06
C LEU A 481 21.27 32.98 -16.15
N VAL A 482 21.08 33.03 -14.84
CA VAL A 482 22.08 32.60 -13.87
C VAL A 482 21.49 31.63 -12.86
N PHE A 483 20.16 31.55 -12.78
CA PHE A 483 19.46 30.72 -11.80
C PHE A 483 19.78 29.24 -11.95
N PRO A 484 20.03 28.52 -10.86
CA PRO A 484 20.29 27.07 -10.96
C PRO A 484 19.03 26.23 -10.88
N SER A 485 18.94 25.20 -11.71
CA SER A 485 17.74 24.37 -11.81
C SER A 485 18.11 22.89 -11.76
N ASP A 486 18.90 22.52 -10.75
CA ASP A 486 19.34 21.14 -10.58
C ASP A 486 18.87 20.57 -9.24
N GLU A 487 18.70 21.42 -8.22
CA GLU A 487 18.53 20.98 -6.84
C GLU A 487 17.16 20.32 -6.66
N PHE A 488 17.18 19.01 -6.41
CA PHE A 488 15.95 18.33 -6.04
C PHE A 488 15.44 18.79 -4.68
N ASP A 489 16.36 19.09 -3.77
CA ASP A 489 16.01 19.69 -2.49
C ASP A 489 17.07 20.72 -2.14
N ALA A 490 16.63 21.89 -1.69
CA ALA A 490 17.54 22.98 -1.36
C ALA A 490 16.84 23.90 -0.36
N SER A 491 17.41 25.08 -0.16
CA SER A 491 16.83 26.07 0.72
C SER A 491 16.99 27.45 0.07
N ILE A 492 16.31 28.44 0.65
CA ILE A 492 16.41 29.81 0.15
C ILE A 492 17.83 30.34 0.33
N SER A 493 18.43 30.06 1.49
CA SER A 493 19.80 30.53 1.73
C SER A 493 20.80 29.83 0.82
N GLN A 494 20.62 28.53 0.58
CA GLN A 494 21.53 27.81 -0.30
C GLN A 494 21.41 28.27 -1.74
N VAL A 495 20.18 28.48 -2.21
CA VAL A 495 19.96 28.95 -3.58
C VAL A 495 20.52 30.35 -3.75
N ASN A 496 20.30 31.23 -2.76
CA ASN A 496 20.85 32.58 -2.85
C ASN A 496 22.36 32.59 -2.75
N GLU A 497 22.94 31.65 -1.98
CA GLU A 497 24.39 31.53 -1.91
C GLU A 497 24.96 31.09 -3.25
N LYS A 498 24.30 30.14 -3.92
CA LYS A 498 24.76 29.72 -5.25
C LYS A 498 24.59 30.83 -6.27
N ILE A 499 23.52 31.61 -6.15
CA ILE A 499 23.31 32.78 -7.03
C ILE A 499 24.42 33.80 -6.84
N ASN A 500 24.79 34.06 -5.58
CA ASN A 500 25.87 35.01 -5.30
C ASN A 500 27.21 34.48 -5.82
N GLN A 501 27.46 33.17 -5.66
CA GLN A 501 28.68 32.57 -6.16
C GLN A 501 28.77 32.66 -7.68
N SER A 502 27.65 32.41 -8.37
CA SER A 502 27.68 32.48 -9.83
C SER A 502 27.71 33.93 -10.32
N LEU A 503 27.19 34.88 -9.53
CA LEU A 503 27.34 36.28 -9.91
C LEU A 503 28.78 36.74 -9.76
N ALA A 504 29.46 36.30 -8.70
CA ALA A 504 30.90 36.56 -8.56
C ALA A 504 31.68 35.86 -9.66
N PHE A 505 31.20 34.68 -10.09
CA PHE A 505 31.76 33.98 -11.25
C PHE A 505 31.68 34.85 -12.50
N ILE A 506 30.50 35.41 -12.77
CA ILE A 506 30.32 36.26 -13.95
C ILE A 506 31.21 37.50 -13.86
N ARG A 507 31.29 38.11 -12.66
CA ARG A 507 32.08 39.33 -12.52
C ARG A 507 33.58 39.06 -12.65
N LYS A 508 34.05 37.91 -12.15
CA LYS A 508 35.46 37.58 -12.30
C LYS A 508 35.79 37.11 -13.72
N SER A 509 34.81 36.57 -14.44
CA SER A 509 35.04 36.26 -15.85
C SER A 509 35.03 37.54 -16.69
N ASP A 510 34.28 38.54 -16.24
CA ASP A 510 34.28 39.84 -16.93
C ASP A 510 35.62 40.53 -16.70
N GLU A 511 36.10 40.53 -15.46
CA GLU A 511 37.33 41.25 -15.14
C GLU A 511 38.59 40.50 -15.57
N LEU A 512 38.48 39.24 -15.99
CA LEU A 512 39.64 38.49 -16.44
C LEU A 512 40.09 38.86 -17.85
N LEU A 513 39.29 39.65 -18.58
CA LEU A 513 39.66 40.03 -19.94
C LEU A 513 39.78 41.55 -20.06
N VAL B 1 8.52 32.72 30.31
CA VAL B 1 7.73 31.55 30.66
C VAL B 1 6.98 31.73 31.97
N GLN B 2 7.25 32.82 32.67
CA GLN B 2 6.59 33.08 33.94
C GLN B 2 5.16 33.55 33.70
N LEU B 3 4.26 33.14 34.59
CA LEU B 3 2.84 33.43 34.47
C LEU B 3 2.49 34.49 35.50
N VAL B 4 1.80 35.53 35.05
CA VAL B 4 1.35 36.63 35.90
C VAL B 4 -0.16 36.80 35.70
N GLU B 5 -0.90 36.83 36.81
CA GLU B 5 -2.34 36.94 36.75
C GLU B 5 -2.81 37.92 37.82
N SER B 6 -4.04 38.40 37.66
CA SER B 6 -4.64 39.33 38.60
C SER B 6 -6.15 39.15 38.58
N GLY B 7 -6.81 39.70 39.60
CA GLY B 7 -8.25 39.58 39.70
C GLY B 7 -8.75 39.23 41.09
N GLY B 8 -7.83 39.20 42.06
CA GLY B 8 -8.18 38.82 43.40
C GLY B 8 -8.80 39.93 44.20
N GLY B 9 -9.23 39.59 45.41
CA GLY B 9 -9.87 40.51 46.31
C GLY B 9 -10.92 39.79 47.14
N LEU B 10 -11.78 40.59 47.76
CA LEU B 10 -12.87 40.05 48.57
C LEU B 10 -14.16 40.08 47.76
N VAL B 11 -14.87 38.97 47.75
CA VAL B 11 -16.11 38.81 47.00
C VAL B 11 -17.15 38.18 47.93
N LYS B 12 -18.33 38.77 47.98
CA LYS B 12 -19.42 38.20 48.76
C LYS B 12 -19.86 36.87 48.14
N PRO B 13 -20.29 35.91 48.96
CA PRO B 13 -20.73 34.62 48.43
C PRO B 13 -22.00 34.74 47.60
N GLY B 14 -22.10 33.90 46.57
CA GLY B 14 -23.28 33.84 45.75
C GLY B 14 -23.15 34.47 44.38
N GLU B 15 -22.52 35.63 44.29
CA GLU B 15 -22.41 36.34 43.03
C GLU B 15 -21.20 35.85 42.24
N SER B 16 -21.25 36.09 40.92
CA SER B 16 -20.19 35.66 40.04
C SER B 16 -19.14 36.74 39.87
N LEU B 17 -17.97 36.33 39.36
CA LEU B 17 -16.91 37.25 39.01
C LEU B 17 -16.08 36.63 37.90
N ARG B 18 -15.01 37.32 37.51
CA ARG B 18 -14.09 36.83 36.50
C ARG B 18 -12.68 36.88 37.06
N LEU B 19 -11.94 35.78 36.93
CA LEU B 19 -10.54 35.73 37.34
C LEU B 19 -9.72 35.49 36.09
N SER B 20 -8.82 36.41 35.78
CA SER B 20 -8.10 36.43 34.51
C SER B 20 -6.63 36.09 34.71
N CYS B 21 -6.05 35.44 33.70
CA CYS B 21 -4.64 35.06 33.70
C CYS B 21 -3.98 35.64 32.45
N ALA B 22 -2.84 36.28 32.63
CA ALA B 22 -2.20 37.07 31.59
C ALA B 22 -0.82 36.51 31.24
N VAL B 23 -0.78 35.20 30.99
CA VAL B 23 0.44 34.50 30.58
C VAL B 23 1.05 35.16 29.35
N SER B 24 2.37 35.37 29.40
CA SER B 24 3.13 36.02 28.33
C SER B 24 4.05 35.04 27.63
N GLY B 25 3.58 33.81 27.42
CA GLY B 25 4.38 32.82 26.74
C GLY B 25 4.50 33.08 25.25
N SER B 26 5.40 32.34 24.62
CA SER B 26 5.62 32.46 23.18
C SER B 26 4.90 31.38 22.38
N MET B 27 4.57 30.25 23.00
CA MET B 27 3.88 29.13 22.36
C MET B 27 2.72 28.71 23.26
N PHE B 28 1.85 29.67 23.61
CA PHE B 28 0.65 29.35 24.38
C PHE B 28 -0.41 28.97 23.33
N SER B 29 -0.16 27.83 22.69
CA SER B 29 -1.17 27.23 21.82
C SER B 29 -1.27 25.72 21.98
N SER B 30 -0.23 25.06 22.50
CA SER B 30 -0.19 23.62 22.64
C SER B 30 -0.10 23.17 24.10
N TYR B 31 0.32 24.05 25.00
CA TYR B 31 0.58 23.66 26.37
C TYR B 31 -0.73 23.49 27.13
N VAL B 32 -0.82 22.41 27.90
CA VAL B 32 -2.05 22.10 28.61
C VAL B 32 -2.08 22.91 29.90
N MET B 33 -3.15 23.66 30.11
CA MET B 33 -3.17 24.66 31.16
C MET B 33 -4.19 24.26 32.22
N HIS B 34 -3.97 24.70 33.45
CA HIS B 34 -4.85 24.36 34.56
C HIS B 34 -4.91 25.51 35.54
N TRP B 35 -5.86 25.38 36.46
CA TRP B 35 -5.97 26.23 37.64
C TRP B 35 -6.00 25.33 38.87
N VAL B 36 -5.15 25.63 39.85
CA VAL B 36 -5.15 24.95 41.13
C VAL B 36 -5.40 25.97 42.23
N ARG B 37 -5.76 25.47 43.41
CA ARG B 37 -6.03 26.34 44.53
C ARG B 37 -5.43 25.75 45.79
N GLN B 38 -5.23 26.61 46.79
CA GLN B 38 -4.77 26.16 48.10
C GLN B 38 -5.30 27.09 49.17
N ALA B 39 -5.88 26.52 50.22
CA ALA B 39 -6.35 27.27 51.36
C ALA B 39 -5.44 27.03 52.56
N PRO B 40 -5.31 28.00 53.46
CA PRO B 40 -4.59 27.74 54.71
C PRO B 40 -5.28 26.67 55.53
N GLY B 41 -4.48 25.85 56.21
CA GLY B 41 -5.03 24.72 56.92
C GLY B 41 -4.99 23.45 56.09
N LYS B 42 -6.09 23.17 55.40
CA LYS B 42 -6.20 21.97 54.58
C LYS B 42 -5.22 22.02 53.40
N GLY B 43 -4.97 20.84 52.83
CA GLY B 43 -3.98 20.73 51.77
C GLY B 43 -4.44 21.34 50.47
N LEU B 44 -3.47 21.49 49.57
CA LEU B 44 -3.73 22.10 48.27
C LEU B 44 -4.55 21.15 47.40
N ASP B 45 -5.44 21.72 46.58
CA ASP B 45 -6.38 20.94 45.79
C ASP B 45 -6.31 21.31 44.31
N TRP B 46 -7.25 20.80 43.52
CA TRP B 46 -7.31 21.05 42.09
C TRP B 46 -8.64 21.72 41.74
N VAL B 47 -8.62 22.57 40.70
CA VAL B 47 -9.82 23.31 40.33
C VAL B 47 -10.25 22.98 38.89
N SER B 48 -9.40 23.27 37.91
CA SER B 48 -9.88 23.21 36.53
C SER B 48 -8.74 22.95 35.57
N SER B 49 -9.09 22.52 34.36
CA SER B 49 -8.12 22.27 33.30
C SER B 49 -8.65 22.77 31.97
N ILE B 50 -7.75 22.80 30.99
CA ILE B 50 -8.07 23.21 29.62
C ILE B 50 -6.93 22.72 28.74
N THR B 51 -7.26 22.23 27.55
CA THR B 51 -6.28 21.64 26.63
C THR B 51 -6.40 22.30 25.27
N GLY B 52 -5.44 23.17 24.94
CA GLY B 52 -5.27 23.68 23.59
C GLY B 52 -6.42 24.46 23.00
N GLY B 53 -7.12 23.84 22.05
CA GLY B 53 -8.18 24.54 21.33
C GLY B 53 -9.34 24.93 22.23
N GLY B 54 -9.74 24.03 23.13
CA GLY B 54 -10.79 24.35 24.06
C GLY B 54 -12.00 23.45 23.93
N ASN B 55 -11.81 22.27 23.36
CA ASN B 55 -12.91 21.33 23.16
C ASN B 55 -12.87 20.17 24.15
N TYR B 56 -11.98 20.21 25.13
CA TYR B 56 -11.81 19.12 26.10
C TYR B 56 -11.77 19.66 27.52
N ILE B 57 -12.77 20.48 27.85
CA ILE B 57 -12.92 20.99 29.21
C ILE B 57 -13.05 19.85 30.19
N SER B 58 -12.29 19.91 31.28
CA SER B 58 -12.38 18.92 32.35
C SER B 58 -12.37 19.64 33.69
N TYR B 59 -13.19 19.16 34.62
CA TYR B 59 -13.38 19.82 35.91
C TYR B 59 -13.12 18.84 37.05
N ALA B 60 -12.98 19.42 38.25
CA ALA B 60 -12.83 18.62 39.46
C ALA B 60 -14.18 18.07 39.90
N ASP B 61 -14.14 17.09 40.79
CA ASP B 61 -15.38 16.57 41.38
C ASP B 61 -15.86 17.41 42.56
N SER B 62 -15.00 18.28 43.10
CA SER B 62 -15.43 19.16 44.18
C SER B 62 -16.32 20.28 43.64
N VAL B 63 -15.99 20.81 42.48
CA VAL B 63 -16.81 21.82 41.81
C VAL B 63 -16.97 21.41 40.35
N LYS B 64 -18.21 21.23 39.91
CA LYS B 64 -18.50 20.82 38.55
C LYS B 64 -19.65 21.66 38.02
N GLY B 65 -19.44 22.31 36.88
CA GLY B 65 -20.48 23.11 36.27
C GLY B 65 -20.55 24.53 36.80
N ARG B 66 -20.22 24.71 38.08
CA ARG B 66 -20.26 26.04 38.68
C ARG B 66 -19.18 26.95 38.10
N PHE B 67 -17.97 26.44 37.94
CA PHE B 67 -16.87 27.22 37.40
C PHE B 67 -16.84 27.04 35.89
N ILE B 68 -16.59 28.12 35.16
CA ILE B 68 -16.47 28.07 33.72
C ILE B 68 -15.05 28.49 33.35
N ILE B 69 -14.34 27.63 32.65
CA ILE B 69 -12.97 27.92 32.22
C ILE B 69 -12.99 28.23 30.72
N SER B 70 -12.29 29.29 30.35
CA SER B 70 -12.15 29.64 28.94
C SER B 70 -10.76 30.26 28.74
N ARG B 71 -10.33 30.34 27.49
CA ARG B 71 -9.09 31.02 27.22
C ARG B 71 -9.15 31.69 25.86
N ASP B 72 -8.52 32.86 25.77
CA ASP B 72 -8.39 33.61 24.54
C ASP B 72 -7.01 33.31 23.97
N ASN B 73 -6.98 32.55 22.88
CA ASN B 73 -5.73 32.14 22.26
C ASN B 73 -5.03 33.32 21.59
N GLY B 74 -5.79 34.20 20.94
CA GLY B 74 -5.19 35.35 20.29
C GLY B 74 -4.65 36.36 21.29
N ARG B 75 -5.37 36.60 22.38
CA ARG B 75 -4.94 37.57 23.39
C ARG B 75 -3.98 36.97 24.40
N ASN B 76 -3.72 35.66 24.32
CA ASN B 76 -2.85 34.93 25.25
C ASN B 76 -3.31 35.09 26.71
N SER B 77 -4.54 34.65 26.97
CA SER B 77 -5.10 34.82 28.31
C SER B 77 -5.97 33.65 28.70
N LEU B 78 -6.13 33.45 30.00
CA LEU B 78 -7.12 32.54 30.57
C LEU B 78 -8.17 33.33 31.33
N SER B 79 -9.31 32.67 31.57
CA SER B 79 -10.36 33.30 32.37
C SER B 79 -11.21 32.21 33.03
N LEU B 80 -11.65 32.50 34.25
CA LEU B 80 -12.64 31.69 34.95
C LEU B 80 -13.83 32.56 35.31
N GLN B 81 -15.00 32.16 34.84
CA GLN B 81 -16.26 32.67 35.35
C GLN B 81 -16.58 31.93 36.64
N MET B 82 -16.74 32.67 37.73
CA MET B 82 -16.90 32.14 39.08
C MET B 82 -18.38 32.05 39.47
N SER B 83 -19.17 31.34 38.69
CA SER B 83 -20.61 31.28 38.95
C SER B 83 -20.87 30.45 40.20
N SER B 84 -21.61 31.05 41.15
CA SER B 84 -21.93 30.55 42.49
C SER B 84 -20.68 30.47 43.37
N LEU B 85 -20.86 30.66 44.68
CA LEU B 85 -19.73 30.68 45.58
C LEU B 85 -20.15 30.14 46.94
N ARG B 86 -19.27 29.35 47.54
CA ARG B 86 -19.47 28.78 48.87
C ARG B 86 -18.34 29.26 49.78
N VAL B 87 -18.33 28.73 51.01
CA VAL B 87 -17.34 29.14 51.99
C VAL B 87 -15.96 28.57 51.64
N ASP B 88 -15.93 27.38 51.03
CA ASP B 88 -14.67 26.66 50.86
C ASP B 88 -13.79 27.24 49.77
N ASP B 89 -14.28 28.18 48.96
CA ASP B 89 -13.54 28.65 47.80
C ASP B 89 -12.56 29.77 48.12
N THR B 90 -12.45 30.22 49.36
CA THR B 90 -11.45 31.22 49.71
C THR B 90 -10.07 30.57 49.72
N ALA B 91 -9.23 30.95 48.76
CA ALA B 91 -7.97 30.27 48.55
C ALA B 91 -7.05 31.16 47.71
N VAL B 92 -5.78 30.78 47.67
CA VAL B 92 -4.84 31.33 46.71
C VAL B 92 -4.89 30.44 45.49
N TYR B 93 -5.19 31.03 44.33
CA TYR B 93 -5.32 30.33 43.07
C TYR B 93 -4.06 30.52 42.25
N TYR B 94 -3.62 29.46 41.59
CA TYR B 94 -2.43 29.47 40.76
C TYR B 94 -2.80 29.01 39.36
N CYS B 95 -2.48 29.83 38.37
CA CYS B 95 -2.39 29.35 37.01
C CYS B 95 -1.22 28.38 36.92
N VAL B 96 -1.37 27.32 36.13
CA VAL B 96 -0.29 26.36 35.99
C VAL B 96 -0.24 25.87 34.56
N ARG B 97 0.92 26.00 33.93
CA ARG B 97 1.14 25.65 32.53
C ARG B 97 2.02 24.42 32.50
N GLY B 98 1.52 23.33 31.94
CA GLY B 98 2.27 22.08 31.89
C GLY B 98 2.30 21.48 30.51
N LEU B 99 3.34 20.68 30.28
CA LEU B 99 3.60 20.07 28.98
C LEU B 99 3.00 18.67 28.93
N SER B 100 2.81 18.19 27.70
CA SER B 100 2.27 16.85 27.49
C SER B 100 3.29 15.81 27.91
N GLY B 101 2.80 14.64 28.32
CA GLY B 101 3.65 13.61 28.86
C GLY B 101 4.26 12.70 27.82
N VAL B 102 5.06 11.75 28.31
CA VAL B 102 5.50 10.68 27.43
C VAL B 102 4.32 9.77 27.10
N MET B 103 3.32 9.67 27.98
CA MET B 103 2.06 9.10 27.55
C MET B 103 1.01 10.17 27.23
N GLY B 104 0.43 10.80 28.25
CA GLY B 104 -0.43 11.95 28.05
C GLY B 104 -0.53 12.89 29.23
N VAL B 105 0.14 12.55 30.33
CA VAL B 105 -0.19 13.17 31.61
C VAL B 105 0.67 14.43 31.81
N THR B 106 0.17 15.35 32.61
CA THR B 106 0.81 16.65 32.82
C THR B 106 1.37 16.72 34.24
N TRP B 107 2.59 17.23 34.39
CA TRP B 107 3.22 17.26 35.71
C TRP B 107 3.24 18.65 36.32
N PHE B 108 2.41 19.57 35.82
CA PHE B 108 2.21 20.89 36.43
C PHE B 108 3.51 21.69 36.52
N ASP B 109 4.02 22.07 35.35
CA ASP B 109 5.22 22.88 35.28
C ASP B 109 4.89 24.33 35.62
N SER B 110 5.83 25.23 35.33
CA SER B 110 6.06 26.52 36.00
C SER B 110 4.78 27.27 36.37
N TRP B 111 4.68 27.61 37.65
CA TRP B 111 3.45 28.11 38.25
C TRP B 111 3.41 29.63 38.24
N GLY B 112 2.20 30.17 38.36
CA GLY B 112 2.00 31.59 38.43
C GLY B 112 2.25 32.13 39.82
N GLN B 113 2.09 33.45 39.94
CA GLN B 113 2.39 34.13 41.20
C GLN B 113 1.42 33.72 42.30
N GLY B 114 0.14 33.58 41.97
CA GLY B 114 -0.84 33.20 42.95
C GLY B 114 -1.67 34.38 43.42
N THR B 115 -2.99 34.34 43.19
CA THR B 115 -3.88 35.43 43.56
C THR B 115 -4.83 34.97 44.66
N LEU B 116 -5.01 35.81 45.66
CA LEU B 116 -5.85 35.46 46.81
C LEU B 116 -7.29 35.87 46.55
N VAL B 117 -8.21 34.93 46.76
CA VAL B 117 -9.64 35.19 46.65
C VAL B 117 -10.28 34.83 47.98
N THR B 118 -10.84 35.81 48.67
CA THR B 118 -11.46 35.64 49.97
C THR B 118 -12.97 35.81 49.83
N VAL B 119 -13.72 34.87 50.39
CA VAL B 119 -15.17 34.86 50.26
C VAL B 119 -15.89 34.97 51.59
N SER B 120 -15.18 34.97 52.71
CA SER B 120 -15.83 34.99 54.02
C SER B 120 -16.46 36.36 54.29
N SER B 121 -17.60 36.33 54.99
CA SER B 121 -18.37 37.52 55.40
C SER B 121 -18.76 38.43 54.24
N GLN C 1 -9.06 13.74 53.47
CA GLN C 1 -10.17 13.77 52.52
C GLN C 1 -9.70 13.35 51.13
N SER C 2 -8.48 13.74 50.77
CA SER C 2 -7.91 13.35 49.48
C SER C 2 -7.56 11.87 49.49
N VAL C 3 -7.57 11.26 48.30
CA VAL C 3 -7.25 9.84 48.19
C VAL C 3 -5.77 9.60 48.46
N LEU C 4 -4.92 10.60 48.31
CA LEU C 4 -3.51 10.45 48.62
C LEU C 4 -3.29 10.56 50.13
N THR C 5 -2.49 9.65 50.68
CA THR C 5 -2.26 9.59 52.11
C THR C 5 -0.76 9.59 52.40
N GLN C 6 -0.30 10.60 53.14
CA GLN C 6 1.06 10.62 53.68
C GLN C 6 0.98 11.25 55.05
N PRO C 7 1.80 10.83 56.00
CA PRO C 7 1.79 11.47 57.33
C PRO C 7 2.50 12.81 57.29
N PRO C 8 1.79 13.91 57.61
CA PRO C 8 2.40 15.24 57.59
C PRO C 8 3.10 15.64 58.89
N SER C 9 3.91 14.72 59.41
CA SER C 9 4.65 14.96 60.64
C SER C 9 6.08 14.44 60.52
N VAL C 10 6.71 14.70 59.39
CA VAL C 10 8.05 14.20 59.09
C VAL C 10 9.05 15.36 59.19
N SER C 11 10.12 15.15 59.95
CA SER C 11 11.14 16.16 60.11
C SER C 11 12.46 15.47 60.43
N GLY C 12 13.55 16.21 60.24
CA GLY C 12 14.87 15.67 60.51
C GLY C 12 15.92 16.75 60.52
N ALA C 13 17.00 16.48 61.25
CA ALA C 13 18.12 17.38 61.31
C ALA C 13 18.87 17.39 59.97
N PRO C 14 19.58 18.47 59.67
CA PRO C 14 20.45 18.47 58.47
C PRO C 14 21.58 17.46 58.62
N GLY C 15 21.90 16.81 57.50
CA GLY C 15 23.01 15.88 57.47
C GLY C 15 22.69 14.47 56.99
N GLN C 16 21.54 13.94 57.38
CA GLN C 16 21.18 12.57 57.06
C GLN C 16 20.11 12.52 55.98
N ARG C 17 19.74 11.31 55.57
CA ARG C 17 18.75 11.07 54.53
C ARG C 17 17.37 10.99 55.16
N VAL C 18 16.42 11.74 54.59
CA VAL C 18 15.02 11.70 55.02
C VAL C 18 14.16 11.34 53.81
N THR C 19 13.28 10.36 54.00
CA THR C 19 12.43 9.84 52.94
C THR C 19 10.98 10.20 53.21
N ILE C 20 10.34 10.84 52.23
CA ILE C 20 8.92 11.14 52.25
C ILE C 20 8.21 10.06 51.45
N SER C 21 7.22 9.42 52.05
CA SER C 21 6.49 8.34 51.40
C SER C 21 5.00 8.66 51.37
N CYS C 22 4.38 8.45 50.22
CA CYS C 22 2.94 8.65 50.08
C CYS C 22 2.36 7.52 49.23
N THR C 23 1.23 6.98 49.69
CA THR C 23 0.58 5.85 49.05
C THR C 23 -0.82 6.25 48.59
N GLY C 24 -1.27 5.61 47.51
CA GLY C 24 -2.58 5.88 46.95
C GLY C 24 -3.40 4.62 46.83
N SER C 25 -4.57 4.77 46.22
CA SER C 25 -5.51 3.66 46.05
C SER C 25 -5.12 2.84 44.82
N SER C 26 -6.02 1.98 44.37
CA SER C 26 -5.77 1.19 43.17
C SER C 26 -6.08 1.96 41.89
N SER C 27 -7.04 2.89 41.95
CA SER C 27 -7.40 3.65 40.75
C SER C 27 -6.30 4.62 40.35
N ASN C 28 -5.69 5.28 41.31
CA ASN C 28 -4.58 6.18 41.08
C ASN C 28 -3.26 5.47 41.35
N ILE C 29 -2.19 5.97 40.71
CA ILE C 29 -0.79 5.54 40.86
C ILE C 29 -0.57 4.14 40.30
N GLY C 30 -1.06 3.12 41.01
CA GLY C 30 -0.78 1.74 40.66
C GLY C 30 -1.41 1.27 39.37
N ALA C 31 -2.37 2.01 38.83
CA ALA C 31 -2.97 1.64 37.55
C ALA C 31 -2.16 2.23 36.40
N GLY C 32 -0.85 2.01 36.40
CA GLY C 32 0.02 2.47 35.33
C GLY C 32 0.27 3.95 35.28
N PHE C 33 -0.14 4.70 36.30
CA PHE C 33 -0.05 6.15 36.26
C PHE C 33 1.27 6.63 36.88
N ASP C 34 1.44 7.95 36.90
CA ASP C 34 2.68 8.58 37.33
C ASP C 34 2.45 9.43 38.56
N VAL C 35 3.54 9.69 39.29
CA VAL C 35 3.51 10.52 40.50
C VAL C 35 4.61 11.57 40.38
N HIS C 36 4.25 12.83 40.63
CA HIS C 36 5.19 13.94 40.56
C HIS C 36 5.23 14.66 41.90
N TRP C 37 6.41 15.17 42.25
CA TRP C 37 6.63 15.82 43.53
C TRP C 37 7.07 17.25 43.32
N TYR C 38 6.39 18.17 44.01
CA TYR C 38 6.58 19.63 44.00
C TYR C 38 6.99 20.12 45.38
N GLN C 39 7.50 21.35 45.43
CA GLN C 39 8.06 21.92 46.65
C GLN C 39 7.52 23.33 46.84
N HIS C 40 7.25 23.70 48.10
CA HIS C 40 6.37 24.81 48.44
C HIS C 40 6.98 25.67 49.56
N LEU C 41 8.19 26.19 49.34
CA LEU C 41 8.73 27.23 50.21
C LEU C 41 7.77 28.41 50.26
N PRO C 42 7.48 28.98 51.44
CA PRO C 42 6.63 30.18 51.50
C PRO C 42 7.26 31.35 50.76
N GLY C 43 6.41 32.14 50.12
CA GLY C 43 6.90 33.18 49.24
C GLY C 43 6.70 32.84 47.78
N LYS C 44 7.77 32.40 47.12
CA LYS C 44 7.73 32.13 45.68
C LYS C 44 6.83 30.94 45.36
N ALA C 45 6.50 30.82 44.07
CA ALA C 45 5.54 29.84 43.61
C ALA C 45 6.09 28.42 43.75
N PRO C 46 5.21 27.43 43.89
CA PRO C 46 5.67 26.04 43.90
C PRO C 46 6.27 25.63 42.56
N LYS C 47 7.28 24.79 42.61
CA LYS C 47 7.95 24.27 41.43
C LYS C 47 8.16 22.78 41.58
N VAL C 48 8.27 22.10 40.43
CA VAL C 48 8.40 20.65 40.41
C VAL C 48 9.85 20.27 40.66
N ILE C 49 10.07 19.36 41.62
CA ILE C 49 11.39 18.78 41.73
C ILE C 49 11.51 17.53 40.87
N ILE C 50 10.46 16.70 40.81
CA ILE C 50 10.62 15.47 40.06
C ILE C 50 9.31 15.09 39.39
N TYR C 51 9.40 14.76 38.09
CA TYR C 51 8.28 14.31 37.30
C TYR C 51 8.61 12.97 36.66
N GLU C 52 7.56 12.18 36.40
CA GLU C 52 7.63 10.80 35.91
C GLU C 52 8.44 9.89 36.82
N ASN C 53 8.52 10.24 38.11
CA ASN C 53 9.12 9.46 39.21
C ASN C 53 10.63 9.30 39.12
N SER C 54 11.25 9.73 38.03
CA SER C 54 12.69 9.56 37.89
C SER C 54 13.39 10.82 37.40
N HIS C 55 12.76 11.60 36.53
CA HIS C 55 13.44 12.69 35.84
C HIS C 55 13.58 13.90 36.76
N ARG C 56 14.26 14.92 36.25
CA ARG C 56 14.46 16.18 36.96
C ARG C 56 14.42 17.32 35.94
N PRO C 57 13.99 18.51 36.37
CA PRO C 57 14.11 19.69 35.49
C PRO C 57 15.51 20.25 35.49
N SER C 58 15.67 21.45 34.90
CA SER C 58 17.00 22.02 34.69
C SER C 58 17.72 22.28 36.02
N GLY C 59 17.20 23.20 36.82
CA GLY C 59 17.85 23.49 38.08
C GLY C 59 17.30 22.70 39.25
N VAL C 60 17.91 21.57 39.54
CA VAL C 60 17.60 20.69 40.67
C VAL C 60 18.88 19.99 41.07
N PRO C 61 19.27 20.03 42.34
CA PRO C 61 20.51 19.39 42.76
C PRO C 61 20.35 17.88 42.90
N ASP C 62 21.42 17.22 43.33
CA ASP C 62 21.45 15.77 43.47
C ASP C 62 20.89 15.30 44.81
N ARG C 63 20.39 16.21 45.64
CA ARG C 63 19.80 15.83 46.92
C ARG C 63 18.55 14.98 46.73
N PHE C 64 17.73 15.32 45.75
CA PHE C 64 16.40 14.73 45.58
C PHE C 64 16.50 13.48 44.70
N PHE C 65 15.93 12.38 45.19
CA PHE C 65 15.88 11.15 44.41
C PHE C 65 14.52 10.50 44.62
N GLY C 66 13.74 10.37 43.56
CA GLY C 66 12.40 9.82 43.69
C GLY C 66 12.25 8.45 43.09
N SER C 67 11.22 7.72 43.53
CA SER C 67 10.94 6.39 43.03
C SER C 67 9.47 6.09 43.27
N LYS C 68 8.93 5.16 42.49
CA LYS C 68 7.58 4.65 42.70
C LYS C 68 7.59 3.14 42.55
N SER C 69 6.67 2.48 43.24
CA SER C 69 6.58 1.03 43.22
C SER C 69 5.19 0.63 43.69
N GLY C 70 4.51 -0.18 42.89
CA GLY C 70 3.16 -0.59 43.19
C GLY C 70 2.21 0.58 43.31
N THR C 71 1.70 0.81 44.52
CA THR C 71 0.83 1.95 44.80
C THR C 71 1.47 2.93 45.78
N SER C 72 2.79 2.90 45.91
CA SER C 72 3.49 3.76 46.87
C SER C 72 4.65 4.46 46.19
N ALA C 73 4.78 5.76 46.45
CA ALA C 73 5.87 6.57 45.92
C ALA C 73 6.69 7.14 47.07
N SER C 74 7.99 7.27 46.83
CA SER C 74 8.92 7.76 47.84
C SER C 74 9.86 8.79 47.21
N LEU C 75 10.34 9.71 48.04
CA LEU C 75 11.30 10.71 47.63
C LEU C 75 12.30 10.88 48.76
N SER C 76 13.57 10.55 48.50
CA SER C 76 14.62 10.61 49.50
C SER C 76 15.48 11.84 49.26
N ILE C 77 15.88 12.48 50.36
CA ILE C 77 16.77 13.62 50.33
C ILE C 77 18.01 13.22 51.14
N SER C 78 19.18 13.31 50.52
CA SER C 78 20.42 12.86 51.14
C SER C 78 21.23 14.07 51.59
N GLY C 79 21.44 14.19 52.90
CA GLY C 79 22.18 15.33 53.42
C GLY C 79 21.40 16.63 53.36
N LEU C 80 20.41 16.76 54.24
CA LEU C 80 19.54 17.95 54.28
C LEU C 80 20.36 19.23 54.45
N GLN C 81 19.82 20.31 53.89
CA GLN C 81 20.42 21.63 54.02
C GLN C 81 19.34 22.60 54.48
N PRO C 82 19.71 23.67 55.22
CA PRO C 82 18.71 24.35 56.09
C PRO C 82 17.51 24.98 55.40
N GLU C 83 17.65 25.51 54.17
CA GLU C 83 16.53 26.20 53.55
C GLU C 83 15.61 25.26 52.77
N ASP C 84 15.68 23.96 53.03
CA ASP C 84 14.76 22.99 52.43
C ASP C 84 13.45 22.87 53.19
N GLU C 85 13.27 23.63 54.27
CA GLU C 85 12.03 23.60 55.05
C GLU C 85 10.87 24.13 54.22
N ALA C 86 9.99 23.23 53.79
CA ALA C 86 8.91 23.59 52.88
C ALA C 86 7.80 22.56 53.00
N ASP C 87 6.89 22.56 52.05
CA ASP C 87 5.82 21.57 51.94
C ASP C 87 6.08 20.74 50.69
N TYR C 88 6.44 19.48 50.88
CA TYR C 88 6.67 18.57 49.78
C TYR C 88 5.38 17.82 49.46
N TYR C 89 5.12 17.63 48.17
CA TYR C 89 3.82 17.21 47.69
C TYR C 89 3.94 15.92 46.88
N CYS C 90 2.81 15.23 46.75
CA CYS C 90 2.64 14.21 45.72
C CYS C 90 1.39 14.53 44.93
N GLN C 91 1.43 14.24 43.63
CA GLN C 91 0.26 14.37 42.79
C GLN C 91 0.11 13.09 41.99
N SER C 92 -1.12 12.81 41.57
CA SER C 92 -1.44 11.59 40.84
C SER C 92 -2.65 11.88 39.97
N TYR C 93 -3.14 10.86 39.28
CA TYR C 93 -4.17 11.08 38.27
C TYR C 93 -5.33 10.10 38.46
N ASP C 94 -5.90 10.10 39.68
CA ASP C 94 -7.09 9.32 39.99
C ASP C 94 -8.22 9.58 38.99
N ARG C 95 -8.87 8.51 38.56
CA ARG C 95 -9.85 8.57 37.48
C ARG C 95 -11.17 9.21 37.91
N GLY C 96 -11.33 9.57 39.18
CA GLY C 96 -12.50 10.28 39.64
C GLY C 96 -12.21 11.76 39.69
N LEU C 97 -11.92 12.28 40.88
CA LEU C 97 -11.28 13.59 41.00
C LEU C 97 -9.96 13.52 40.23
N ASP C 98 -9.86 14.24 39.11
CA ASP C 98 -8.85 13.95 38.10
C ASP C 98 -7.42 14.13 38.59
N TRP C 99 -6.99 15.36 38.82
CA TRP C 99 -5.61 15.62 39.23
C TRP C 99 -5.59 15.82 40.73
N VAL C 100 -5.64 14.71 41.45
CA VAL C 100 -5.74 14.75 42.90
C VAL C 100 -4.39 15.15 43.49
N PHE C 101 -4.43 15.75 44.67
CA PHE C 101 -3.25 16.28 45.33
C PHE C 101 -3.18 15.79 46.76
N GLY C 102 -1.98 15.46 47.21
CA GLY C 102 -1.80 14.98 48.56
C GLY C 102 -1.95 16.06 49.61
N GLY C 103 -2.00 15.63 50.87
CA GLY C 103 -2.15 16.56 51.97
C GLY C 103 -0.91 17.39 52.23
N GLY C 104 0.24 16.97 51.73
CA GLY C 104 1.46 17.74 51.89
C GLY C 104 2.21 17.41 53.16
N THR C 105 3.52 17.30 53.06
CA THR C 105 4.38 17.00 54.19
C THR C 105 5.24 18.22 54.49
N LYS C 106 5.16 18.71 55.72
CA LYS C 106 5.93 19.88 56.14
C LYS C 106 7.29 19.40 56.61
N LEU C 107 8.31 19.59 55.77
CA LEU C 107 9.67 19.19 56.08
C LEU C 107 10.41 20.38 56.67
N THR C 108 10.94 20.19 57.88
CA THR C 108 11.67 21.24 58.58
C THR C 108 12.93 20.66 59.20
N VAL C 109 13.94 21.50 59.38
CA VAL C 109 15.18 21.12 60.03
C VAL C 109 15.00 21.22 61.54
N LEU C 110 15.93 20.64 62.29
CA LEU C 110 15.84 20.64 63.74
C LEU C 110 17.04 21.36 64.36
N GLN D 26 -5.43 -9.33 -29.25
CA GLN D 26 -5.84 -9.03 -30.61
C GLN D 26 -4.65 -8.59 -31.47
N ASN D 27 -4.27 -7.32 -31.33
CA ASN D 27 -3.20 -6.74 -32.14
C ASN D 27 -2.29 -5.86 -31.28
N ILE D 28 -1.89 -6.37 -30.12
CA ILE D 28 -0.98 -5.65 -29.24
C ILE D 28 0.42 -5.73 -29.84
N THR D 29 0.84 -4.69 -30.54
CA THR D 29 2.17 -4.68 -31.12
C THR D 29 3.13 -3.99 -30.17
N GLU D 30 4.41 -4.06 -30.49
CA GLU D 30 5.36 -3.22 -29.76
C GLU D 30 6.52 -2.87 -30.67
N GLU D 31 7.25 -1.83 -30.28
CA GLU D 31 8.51 -1.46 -30.89
C GLU D 31 9.56 -1.30 -29.79
N PHE D 32 10.79 -1.66 -30.12
CA PHE D 32 11.93 -1.40 -29.25
C PHE D 32 12.87 -0.46 -29.98
N TYR D 33 13.09 0.72 -29.41
CA TYR D 33 14.02 1.69 -29.95
C TYR D 33 15.36 1.54 -29.22
N GLN D 34 16.42 1.28 -30.00
CA GLN D 34 17.75 1.16 -29.42
C GLN D 34 18.42 2.51 -29.21
N SER D 35 17.77 3.61 -29.62
CA SER D 35 18.35 4.93 -29.41
C SER D 35 18.47 5.25 -27.92
N THR D 36 17.39 5.01 -27.17
CA THR D 36 17.41 5.14 -25.72
C THR D 36 17.13 3.81 -25.04
N CYS D 37 17.17 2.72 -25.80
CA CYS D 37 16.71 1.37 -25.43
C CYS D 37 15.40 1.42 -24.64
N SER D 38 14.40 2.02 -25.28
CA SER D 38 13.06 2.16 -24.70
C SER D 38 12.06 1.33 -25.49
N ALA D 39 11.13 0.72 -24.77
CA ALA D 39 10.07 -0.04 -25.41
C ALA D 39 8.79 0.77 -25.43
N VAL D 40 8.06 0.68 -26.53
CA VAL D 40 6.74 1.28 -26.63
C VAL D 40 5.81 0.17 -27.10
N SER D 41 4.90 -0.26 -26.22
CA SER D 41 3.86 -1.19 -26.61
C SER D 41 2.69 -0.39 -27.16
N LYS D 42 2.28 -0.72 -28.38
CA LYS D 42 1.33 0.07 -29.15
C LYS D 42 0.07 -0.75 -29.39
N GLY D 43 -1.07 -0.11 -29.14
CA GLY D 43 -2.40 -0.67 -29.32
C GLY D 43 -2.88 -1.14 -27.97
N TYR D 44 -3.52 -0.24 -27.24
CA TYR D 44 -3.96 -0.52 -25.88
C TYR D 44 -5.23 0.25 -25.58
N LEU D 45 -6.25 0.11 -26.45
CA LEU D 45 -7.51 0.85 -26.40
C LEU D 45 -8.09 0.93 -25.00
N SER D 46 -8.20 2.15 -24.48
CA SER D 46 -8.23 2.41 -23.04
C SER D 46 -9.55 3.05 -22.63
N ALA D 47 -9.58 3.50 -21.37
CA ALA D 47 -10.74 4.17 -20.80
C ALA D 47 -10.26 4.96 -19.59
N LEU D 48 -10.30 6.28 -19.67
CA LEU D 48 -9.86 7.13 -18.58
C LEU D 48 -10.95 7.18 -17.51
N ARG D 49 -10.73 7.97 -16.47
CA ARG D 49 -11.65 8.11 -15.35
C ARG D 49 -11.98 9.58 -15.11
N THR D 50 -12.42 10.26 -16.17
CA THR D 50 -12.49 11.72 -16.15
C THR D 50 -13.55 12.27 -15.19
N GLY D 51 -14.45 11.43 -14.65
CA GLY D 51 -15.46 11.93 -13.75
C GLY D 51 -15.74 10.97 -12.61
N TRP D 52 -16.44 11.49 -11.60
CA TRP D 52 -17.02 10.68 -10.54
C TRP D 52 -18.53 10.69 -10.67
N TYR D 53 -19.17 9.76 -9.97
CA TYR D 53 -20.63 9.74 -9.89
C TYR D 53 -21.02 9.19 -8.53
N THR D 54 -21.94 9.88 -7.86
CA THR D 54 -22.32 9.55 -6.50
C THR D 54 -23.69 8.89 -6.48
N SER D 55 -23.80 7.77 -5.76
CA SER D 55 -25.04 7.03 -5.63
C SER D 55 -25.25 6.70 -4.17
N VAL D 56 -26.42 7.03 -3.64
CA VAL D 56 -26.67 6.96 -2.19
C VAL D 56 -27.35 5.61 -1.92
N ILE D 57 -26.56 4.63 -1.50
CA ILE D 57 -27.12 3.37 -1.05
C ILE D 57 -27.81 3.59 0.29
N THR D 58 -29.04 3.12 0.42
CA THR D 58 -29.73 3.13 1.69
C THR D 58 -29.99 1.70 2.14
N ILE D 59 -29.71 1.43 3.40
CA ILE D 59 -30.09 0.19 4.06
C ILE D 59 -31.24 0.52 5.00
N GLU D 60 -32.40 -0.08 4.76
CA GLU D 60 -33.55 0.18 5.60
C GLU D 60 -33.35 -0.50 6.95
N LEU D 61 -33.10 0.30 7.98
CA LEU D 61 -32.83 -0.24 9.31
C LEU D 61 -34.10 -0.27 10.15
N SER D 62 -34.00 -0.88 11.32
CA SER D 62 -35.13 -1.01 12.22
C SER D 62 -34.75 -0.56 13.62
N ASN D 63 -35.75 -0.04 14.34
CA ASN D 63 -35.58 0.38 15.72
C ASN D 63 -36.42 -0.54 16.61
N ILE D 64 -35.78 -1.13 17.61
CA ILE D 64 -36.43 -2.05 18.53
C ILE D 64 -36.47 -1.40 19.91
N LYS D 65 -37.67 -1.30 20.48
CA LYS D 65 -37.82 -0.67 21.79
C LYS D 65 -37.21 -1.52 22.89
N GLU D 66 -37.53 -2.80 22.92
CA GLU D 66 -37.00 -3.71 23.94
C GLU D 66 -37.10 -5.14 23.44
N ASN D 67 -36.16 -5.96 23.89
CA ASN D 67 -36.06 -7.37 23.59
C ASN D 67 -35.88 -8.17 24.88
N LYS D 68 -36.79 -7.94 25.82
CA LYS D 68 -36.65 -8.39 27.21
C LYS D 68 -36.46 -9.90 27.31
N CYS D 69 -37.49 -10.68 26.94
CA CYS D 69 -37.46 -12.14 26.89
C CYS D 69 -37.07 -12.75 28.24
N ASN D 70 -37.99 -12.59 29.20
CA ASN D 70 -37.75 -13.10 30.54
C ASN D 70 -37.62 -14.62 30.56
N GLY D 71 -38.43 -15.31 29.76
CA GLY D 71 -38.21 -16.72 29.55
C GLY D 71 -36.99 -16.98 28.69
N THR D 72 -36.41 -18.17 28.87
CA THR D 72 -35.18 -18.52 28.17
C THR D 72 -35.29 -19.89 27.51
N ASP D 73 -34.70 -19.99 26.32
CA ASP D 73 -34.55 -21.25 25.61
C ASP D 73 -33.30 -21.14 24.77
N ALA D 74 -32.95 -22.24 24.10
CA ALA D 74 -31.72 -22.26 23.30
C ALA D 74 -31.87 -21.44 22.03
N LYS D 75 -32.97 -21.64 21.30
CA LYS D 75 -33.19 -20.89 20.07
C LYS D 75 -33.48 -19.41 20.35
N VAL D 76 -34.17 -19.14 21.46
CA VAL D 76 -34.38 -17.76 21.87
C VAL D 76 -33.07 -17.11 22.27
N LYS D 77 -32.16 -17.88 22.88
CA LYS D 77 -30.83 -17.36 23.16
C LYS D 77 -30.08 -17.06 21.87
N LEU D 78 -30.25 -17.91 20.85
CA LEU D 78 -29.61 -17.66 19.56
C LEU D 78 -30.13 -16.38 18.91
N ILE D 79 -31.46 -16.20 18.90
CA ILE D 79 -32.02 -15.01 18.27
C ILE D 79 -31.71 -13.78 19.11
N LYS D 80 -31.56 -13.92 20.44
CA LYS D 80 -31.17 -12.81 21.28
C LYS D 80 -29.73 -12.40 21.02
N GLN D 81 -28.85 -13.39 20.85
CA GLN D 81 -27.45 -13.09 20.54
C GLN D 81 -27.32 -12.40 19.19
N GLU D 82 -28.09 -12.85 18.18
CA GLU D 82 -28.02 -12.20 16.88
C GLU D 82 -28.61 -10.80 16.91
N LEU D 83 -29.69 -10.59 17.67
CA LEU D 83 -30.24 -9.25 17.80
C LEU D 83 -29.29 -8.33 18.55
N ASP D 84 -28.57 -8.86 19.54
CA ASP D 84 -27.59 -8.07 20.27
C ASP D 84 -26.40 -7.72 19.39
N LYS D 85 -25.99 -8.65 18.51
CA LYS D 85 -24.93 -8.34 17.55
C LYS D 85 -25.37 -7.28 16.57
N TYR D 86 -26.64 -7.33 16.13
CA TYR D 86 -27.19 -6.30 15.26
C TYR D 86 -27.22 -4.95 15.96
N LYS D 87 -27.57 -4.94 17.25
CA LYS D 87 -27.60 -3.69 18.01
C LYS D 87 -26.20 -3.12 18.21
N ASN D 88 -25.22 -3.99 18.47
CA ASN D 88 -23.84 -3.51 18.58
C ASN D 88 -23.33 -2.99 17.26
N ALA D 89 -23.72 -3.63 16.15
CA ALA D 89 -23.34 -3.13 14.83
C ALA D 89 -23.96 -1.77 14.55
N VAL D 90 -25.23 -1.58 14.91
CA VAL D 90 -25.86 -0.28 14.67
C VAL D 90 -25.29 0.78 15.61
N THR D 91 -24.82 0.39 16.79
CA THR D 91 -24.18 1.35 17.68
C THR D 91 -22.81 1.77 17.14
N GLU D 92 -22.04 0.81 16.62
CA GLU D 92 -20.76 1.14 16.02
C GLU D 92 -20.94 1.99 14.77
N LEU D 93 -22.00 1.74 14.00
CA LEU D 93 -22.29 2.56 12.83
C LEU D 93 -22.75 3.96 13.24
N GLN D 94 -23.45 4.05 14.37
CA GLN D 94 -23.80 5.36 14.94
C GLN D 94 -22.55 6.14 15.31
N LEU D 95 -21.55 5.44 15.85
CA LEU D 95 -20.26 6.05 16.14
C LEU D 95 -19.45 6.35 14.88
N LEU D 96 -19.89 5.88 13.72
CA LEU D 96 -19.14 5.99 12.47
C LEU D 96 -19.69 7.08 11.55
N MET D 97 -20.23 8.16 12.11
CA MET D 97 -20.71 9.26 11.29
C MET D 97 -19.57 10.00 10.60
N PHE D 137 9.94 7.36 -12.55
CA PHE D 137 10.67 8.27 -11.67
C PHE D 137 9.98 9.61 -11.57
N LEU D 138 9.02 9.85 -12.47
CA LEU D 138 8.39 11.15 -12.59
C LEU D 138 7.12 11.20 -11.72
N GLY D 139 7.32 10.89 -10.44
CA GLY D 139 6.22 10.87 -9.49
C GLY D 139 6.08 12.17 -8.74
N PHE D 140 7.21 12.85 -8.52
CA PHE D 140 7.18 14.14 -7.85
C PHE D 140 6.53 15.19 -8.75
N LEU D 141 6.75 15.10 -10.06
CA LEU D 141 6.27 16.09 -11.01
C LEU D 141 4.85 15.71 -11.45
N LEU D 142 3.92 15.84 -10.50
CA LEU D 142 2.54 15.41 -10.70
C LEU D 142 1.61 16.41 -10.03
N GLY D 143 0.32 16.13 -10.12
CA GLY D 143 -0.67 16.88 -9.38
C GLY D 143 -1.42 15.97 -8.42
N VAL D 144 -1.54 16.37 -7.16
CA VAL D 144 -2.13 15.52 -6.12
C VAL D 144 -3.45 16.14 -5.69
N GLY D 145 -4.50 15.33 -5.67
CA GLY D 145 -5.79 15.76 -5.19
C GLY D 145 -6.49 14.64 -4.47
N SER D 146 -7.34 15.02 -3.51
CA SER D 146 -8.14 14.06 -2.78
C SER D 146 -9.17 13.42 -3.72
N ALA D 147 -9.32 12.11 -3.61
CA ALA D 147 -10.15 11.35 -4.53
C ALA D 147 -11.55 11.08 -4.01
N ILE D 148 -11.92 11.61 -2.85
CA ILE D 148 -13.23 11.32 -2.28
C ILE D 148 -14.01 12.61 -2.04
N ALA D 149 -13.76 13.63 -2.87
CA ALA D 149 -14.41 14.92 -2.63
C ALA D 149 -15.88 14.90 -3.03
N SER D 150 -16.23 14.11 -4.05
CA SER D 150 -17.63 14.05 -4.49
C SER D 150 -18.51 13.36 -3.45
N GLY D 151 -18.01 12.28 -2.85
CA GLY D 151 -18.77 11.61 -1.80
C GLY D 151 -18.93 12.46 -0.56
N VAL D 152 -17.88 13.20 -0.19
CA VAL D 152 -17.98 14.14 0.92
C VAL D 152 -18.95 15.26 0.60
N ALA D 153 -18.99 15.69 -0.66
CA ALA D 153 -19.92 16.75 -1.06
C ALA D 153 -21.37 16.30 -0.95
N VAL D 154 -21.68 15.11 -1.47
CA VAL D 154 -23.07 14.66 -1.37
C VAL D 154 -23.40 14.25 0.06
N CYS D 155 -22.40 13.88 0.86
CA CYS D 155 -22.66 13.62 2.28
C CYS D 155 -23.01 14.91 3.01
N LYS D 156 -22.29 15.99 2.70
CA LYS D 156 -22.58 17.29 3.31
C LYS D 156 -23.95 17.78 2.88
N VAL D 157 -24.34 17.55 1.62
CA VAL D 157 -25.68 17.95 1.21
C VAL D 157 -26.74 16.99 1.74
N LEU D 158 -26.36 15.78 2.15
CA LEU D 158 -27.31 14.91 2.83
C LEU D 158 -27.49 15.32 4.28
N HIS D 159 -26.45 15.89 4.90
CA HIS D 159 -26.48 16.17 6.33
C HIS D 159 -27.42 17.31 6.70
N LEU D 160 -27.87 18.10 5.73
CA LEU D 160 -28.85 19.14 6.04
C LEU D 160 -30.20 18.49 6.35
N GLU D 161 -30.94 19.09 7.27
CA GLU D 161 -32.13 18.45 7.82
C GLU D 161 -33.25 18.35 6.80
N GLY D 162 -33.98 17.23 6.85
CA GLY D 162 -35.13 17.02 6.01
C GLY D 162 -34.86 16.33 4.70
N GLU D 163 -33.59 16.15 4.33
CA GLU D 163 -33.27 15.48 3.07
C GLU D 163 -33.59 14.00 3.12
N VAL D 164 -33.27 13.34 4.23
CA VAL D 164 -33.36 11.89 4.23
C VAL D 164 -34.80 11.46 4.49
N ASN D 165 -35.60 12.33 5.11
CA ASN D 165 -37.04 12.11 5.16
C ASN D 165 -37.64 12.15 3.75
N LYS D 166 -37.18 13.09 2.93
CA LYS D 166 -37.54 13.10 1.51
C LYS D 166 -37.06 11.84 0.81
N ILE D 167 -35.88 11.35 1.20
CA ILE D 167 -35.30 10.15 0.59
C ILE D 167 -36.21 8.96 0.86
N LYS D 168 -36.64 8.82 2.12
CA LYS D 168 -37.56 7.76 2.52
C LYS D 168 -38.92 7.89 1.84
N SER D 169 -39.43 9.11 1.74
CA SER D 169 -40.76 9.29 1.13
C SER D 169 -40.71 9.00 -0.37
N ALA D 170 -39.59 9.30 -1.02
CA ALA D 170 -39.44 8.97 -2.43
C ALA D 170 -39.07 7.52 -2.67
N LEU D 171 -38.60 6.80 -1.64
CA LEU D 171 -38.23 5.40 -1.81
C LEU D 171 -39.25 4.42 -1.23
N LEU D 172 -40.48 4.87 -0.95
CA LEU D 172 -41.45 3.99 -0.33
C LEU D 172 -41.96 2.93 -1.31
N SER D 173 -42.32 3.33 -2.52
CA SER D 173 -42.91 2.40 -3.48
C SER D 173 -41.85 1.81 -4.42
N THR D 174 -41.17 2.66 -5.17
CA THR D 174 -40.19 2.20 -6.14
C THR D 174 -38.93 1.71 -5.43
N ASN D 175 -38.21 0.82 -6.11
CA ASN D 175 -37.00 0.22 -5.55
C ASN D 175 -35.74 0.86 -6.13
N LYS D 176 -35.85 1.67 -7.17
CA LYS D 176 -34.71 2.40 -7.73
C LYS D 176 -35.11 3.83 -8.06
N ALA D 177 -35.72 4.53 -7.11
CA ALA D 177 -36.18 5.89 -7.36
C ALA D 177 -35.01 6.86 -7.47
N VAL D 178 -35.27 8.01 -8.09
CA VAL D 178 -34.30 9.08 -8.23
C VAL D 178 -34.85 10.30 -7.52
N VAL D 179 -34.02 10.90 -6.65
CA VAL D 179 -34.40 12.08 -5.89
C VAL D 179 -33.68 13.30 -6.45
N SER D 180 -34.15 14.49 -6.07
CA SER D 180 -33.65 15.72 -6.67
C SER D 180 -32.74 16.49 -5.72
N LEU D 181 -33.01 16.46 -4.42
CA LEU D 181 -32.24 17.12 -3.36
C LEU D 181 -32.25 18.65 -3.48
N SER D 182 -31.68 19.33 -2.49
CA SER D 182 -31.69 20.80 -2.52
C SER D 182 -30.64 21.36 -3.47
N ASN D 183 -29.51 20.67 -3.63
CA ASN D 183 -28.40 21.20 -4.40
C ASN D 183 -28.67 21.19 -5.90
N GLY D 184 -29.73 20.53 -6.36
CA GLY D 184 -29.98 20.38 -7.78
C GLY D 184 -29.25 19.23 -8.42
N VAL D 185 -28.51 18.44 -7.66
CA VAL D 185 -27.80 17.27 -8.18
C VAL D 185 -28.70 16.05 -8.05
N SER D 186 -28.75 15.26 -9.12
CA SER D 186 -29.57 14.05 -9.14
C SER D 186 -28.71 12.87 -8.68
N VAL D 187 -29.15 12.19 -7.63
CA VAL D 187 -28.44 11.06 -7.06
C VAL D 187 -29.37 9.86 -7.04
N LEU D 188 -28.86 8.71 -7.49
CA LEU D 188 -29.64 7.48 -7.50
C LEU D 188 -29.65 6.90 -6.10
N THR D 189 -30.83 6.76 -5.52
CA THR D 189 -30.99 6.27 -4.16
C THR D 189 -31.90 5.05 -4.19
N PHE D 190 -31.42 3.94 -3.63
CA PHE D 190 -32.16 2.69 -3.74
C PHE D 190 -31.74 1.70 -2.65
N LYS D 191 -32.73 1.06 -2.04
CA LYS D 191 -32.49 0.07 -1.01
C LYS D 191 -31.87 -1.20 -1.60
N VAL D 192 -31.10 -1.90 -0.77
CA VAL D 192 -30.44 -3.12 -1.22
C VAL D 192 -30.64 -4.24 -0.22
N LEU D 193 -31.13 -3.91 0.97
CA LEU D 193 -31.21 -4.89 2.05
C LEU D 193 -32.57 -5.00 2.74
N ASP D 194 -33.39 -3.93 2.72
CA ASP D 194 -34.74 -3.80 3.28
C ASP D 194 -35.00 -4.58 4.58
N LEU D 195 -34.07 -4.44 5.53
CA LEU D 195 -34.21 -5.12 6.82
C LEU D 195 -35.39 -4.59 7.63
N LYS D 196 -35.81 -3.34 7.38
CA LYS D 196 -36.98 -2.80 8.05
C LYS D 196 -38.24 -3.55 7.66
N ASN D 197 -38.37 -3.91 6.39
CA ASN D 197 -39.52 -4.69 5.94
C ASN D 197 -39.46 -6.13 6.42
N TYR D 198 -38.28 -6.60 6.85
CA TYR D 198 -38.18 -7.95 7.40
C TYR D 198 -38.52 -7.96 8.89
N ILE D 199 -37.91 -7.07 9.67
CA ILE D 199 -38.12 -7.05 11.12
C ILE D 199 -39.53 -6.56 11.47
N ASP D 200 -40.24 -5.94 10.53
CA ASP D 200 -41.54 -5.31 10.75
C ASP D 200 -42.58 -6.26 11.34
N LYS D 201 -43.01 -7.29 10.59
CA LYS D 201 -43.67 -8.42 11.23
C LYS D 201 -43.13 -9.74 10.66
N GLN D 202 -41.91 -10.09 11.06
CA GLN D 202 -41.43 -11.47 11.01
C GLN D 202 -40.80 -11.94 12.31
N LEU D 203 -40.21 -11.05 13.11
CA LEU D 203 -39.49 -11.44 14.31
C LEU D 203 -40.06 -10.82 15.57
N LEU D 204 -40.41 -9.53 15.53
CA LEU D 204 -40.97 -8.87 16.71
C LEU D 204 -42.32 -9.42 17.15
N PRO D 205 -43.33 -9.65 16.28
CA PRO D 205 -44.56 -10.28 16.79
C PRO D 205 -44.35 -11.69 17.31
N ILE D 206 -43.45 -12.46 16.70
CA ILE D 206 -43.19 -13.83 17.16
C ILE D 206 -42.51 -13.82 18.52
N LEU D 207 -41.63 -12.85 18.76
CA LEU D 207 -40.91 -12.77 20.03
C LEU D 207 -41.84 -12.43 21.19
N ASN D 208 -42.98 -11.79 20.90
CA ASN D 208 -43.86 -11.30 21.95
C ASN D 208 -45.23 -11.99 21.94
N LYS D 209 -45.31 -13.24 21.50
CA LYS D 209 -46.56 -13.99 21.58
C LYS D 209 -46.45 -15.25 22.44
N GLN D 210 -45.50 -16.12 22.17
CA GLN D 210 -45.40 -17.39 22.91
C GLN D 210 -44.41 -17.31 24.08
N SER D 211 -44.55 -16.25 24.90
CA SER D 211 -43.70 -16.01 26.06
C SER D 211 -42.22 -16.07 25.72
N CYS D 212 -41.86 -15.39 24.62
CA CYS D 212 -40.51 -15.36 24.06
C CYS D 212 -40.02 -16.78 23.71
N SER D 213 -40.70 -17.39 22.75
CA SER D 213 -40.31 -18.69 22.23
C SER D 213 -40.56 -18.74 20.73
N ILE D 214 -39.63 -19.35 20.00
CA ILE D 214 -39.73 -19.50 18.55
C ILE D 214 -40.14 -20.93 18.26
N SER D 215 -41.25 -21.09 17.53
CA SER D 215 -41.73 -22.43 17.19
C SER D 215 -40.81 -23.11 16.20
N ASN D 216 -40.29 -22.35 15.23
CA ASN D 216 -39.39 -22.90 14.21
C ASN D 216 -37.94 -22.71 14.63
N ILE D 217 -37.04 -23.22 13.79
CA ILE D 217 -35.61 -23.13 14.06
C ILE D 217 -34.91 -22.46 12.89
N GLU D 218 -35.54 -22.49 11.71
CA GLU D 218 -34.94 -21.91 10.52
C GLU D 218 -35.00 -20.39 10.49
N THR D 219 -35.81 -19.78 11.36
CA THR D 219 -35.94 -18.33 11.35
C THR D 219 -34.65 -17.65 11.79
N VAL D 220 -33.93 -18.23 12.75
CA VAL D 220 -32.69 -17.63 13.20
C VAL D 220 -31.62 -17.75 12.11
N ILE D 221 -31.62 -18.84 11.35
CA ILE D 221 -30.67 -18.97 10.25
C ILE D 221 -31.00 -17.98 9.13
N GLU D 222 -32.30 -17.77 8.87
CA GLU D 222 -32.69 -16.74 7.91
C GLU D 222 -32.27 -15.35 8.37
N PHE D 223 -32.39 -15.08 9.67
CA PHE D 223 -31.94 -13.81 10.22
C PHE D 223 -30.43 -13.66 10.09
N GLN D 224 -29.67 -14.74 10.28
CA GLN D 224 -28.23 -14.70 10.08
C GLN D 224 -27.89 -14.38 8.63
N GLN D 225 -28.61 -15.01 7.70
CA GLN D 225 -28.37 -14.77 6.27
C GLN D 225 -28.69 -13.33 5.90
N LYS D 226 -29.74 -12.76 6.47
CA LYS D 226 -30.08 -11.38 6.16
C LYS D 226 -29.16 -10.37 6.87
N ASN D 227 -28.66 -10.72 8.06
CA ASN D 227 -27.81 -9.82 8.84
C ASN D 227 -26.34 -9.91 8.48
N ASN D 228 -25.96 -10.89 7.65
CA ASN D 228 -24.57 -11.01 7.23
C ASN D 228 -24.10 -9.78 6.47
N ARG D 229 -24.97 -9.23 5.61
CA ARG D 229 -24.59 -8.05 4.83
C ARG D 229 -24.33 -6.85 5.73
N LEU D 230 -25.21 -6.61 6.71
CA LEU D 230 -25.02 -5.47 7.60
C LEU D 230 -23.80 -5.65 8.51
N LEU D 231 -23.57 -6.88 8.98
CA LEU D 231 -22.41 -7.11 9.83
C LEU D 231 -21.11 -6.97 9.06
N GLU D 232 -21.07 -7.44 7.81
CA GLU D 232 -19.87 -7.26 7.01
C GLU D 232 -19.68 -5.79 6.64
N ILE D 233 -20.78 -5.05 6.46
CA ILE D 233 -20.67 -3.60 6.24
C ILE D 233 -20.02 -2.95 7.45
N THR D 234 -20.46 -3.33 8.65
CA THR D 234 -19.89 -2.80 9.89
C THR D 234 -18.40 -3.10 9.98
N ARG D 235 -18.02 -4.35 9.73
CA ARG D 235 -16.62 -4.74 9.86
C ARG D 235 -15.75 -4.03 8.82
N GLU D 236 -16.19 -4.02 7.56
CA GLU D 236 -15.37 -3.46 6.49
C GLU D 236 -15.25 -1.96 6.61
N PHE D 237 -16.27 -1.30 7.18
CA PHE D 237 -16.16 0.14 7.36
C PHE D 237 -15.33 0.48 8.59
N SER D 238 -15.45 -0.29 9.67
CA SER D 238 -14.70 0.02 10.87
C SER D 238 -13.22 -0.28 10.71
N VAL D 239 -12.87 -1.25 9.87
CA VAL D 239 -11.46 -1.49 9.59
C VAL D 239 -10.85 -0.33 8.82
N ASN D 240 -11.55 0.18 7.82
CA ASN D 240 -11.01 1.15 6.87
C ASN D 240 -11.44 2.57 7.18
N ALA D 241 -11.47 2.93 8.47
CA ALA D 241 -11.85 4.24 8.98
C ALA D 241 -13.27 4.62 8.57
N GLY D 242 -13.43 5.42 7.53
CA GLY D 242 -14.74 5.74 7.03
C GLY D 242 -14.84 5.60 5.53
N VAL D 243 -13.69 5.44 4.87
CA VAL D 243 -13.59 5.37 3.42
C VAL D 243 -12.85 4.10 3.07
N THR D 244 -13.51 3.18 2.37
CA THR D 244 -12.91 1.91 2.01
C THR D 244 -12.80 1.77 0.50
N THR D 245 -11.69 1.22 0.06
CA THR D 245 -11.44 0.89 -1.34
C THR D 245 -10.63 -0.40 -1.40
N PRO D 246 -11.00 -1.34 -2.26
CA PRO D 246 -12.12 -1.37 -3.20
C PRO D 246 -13.47 -1.60 -2.53
N VAL D 247 -14.56 -1.35 -3.24
CA VAL D 247 -15.89 -1.68 -2.74
C VAL D 247 -16.05 -3.19 -2.81
N SER D 248 -16.48 -3.80 -1.71
CA SER D 248 -16.61 -5.25 -1.69
C SER D 248 -17.96 -5.68 -2.25
N THR D 249 -18.10 -6.99 -2.47
CA THR D 249 -19.33 -7.49 -3.08
C THR D 249 -20.49 -7.48 -2.08
N TYR D 250 -20.19 -7.59 -0.78
CA TYR D 250 -21.26 -7.44 0.20
C TYR D 250 -21.55 -5.98 0.51
N MET D 251 -20.69 -5.07 0.09
CA MET D 251 -21.02 -3.66 0.12
C MET D 251 -22.04 -3.33 -0.97
N LEU D 252 -21.91 -3.95 -2.13
CA LEU D 252 -22.80 -3.72 -3.26
C LEU D 252 -22.76 -4.98 -4.11
N THR D 253 -23.85 -5.75 -4.10
CA THR D 253 -23.90 -7.01 -4.83
C THR D 253 -23.79 -6.75 -6.33
N ASN D 254 -23.23 -7.71 -7.06
CA ASN D 254 -22.82 -7.45 -8.44
C ASN D 254 -24.01 -7.28 -9.37
N SER D 255 -25.13 -7.96 -9.08
CA SER D 255 -26.35 -7.71 -9.84
C SER D 255 -26.85 -6.30 -9.60
N GLU D 256 -26.75 -5.83 -8.36
CA GLU D 256 -27.16 -4.48 -8.05
C GLU D 256 -26.22 -3.46 -8.67
N LEU D 257 -24.92 -3.77 -8.76
CA LEU D 257 -23.97 -2.86 -9.39
C LEU D 257 -24.22 -2.80 -10.90
N LEU D 258 -24.56 -3.94 -11.51
CA LEU D 258 -24.89 -3.93 -12.94
C LEU D 258 -26.16 -3.11 -13.19
N SER D 259 -27.17 -3.28 -12.33
CA SER D 259 -28.41 -2.52 -12.52
C SER D 259 -28.22 -1.04 -12.24
N LEU D 260 -27.34 -0.70 -11.28
CA LEU D 260 -27.05 0.70 -11.00
C LEU D 260 -26.25 1.34 -12.13
N ILE D 261 -25.28 0.61 -12.67
CA ILE D 261 -24.45 1.12 -13.75
C ILE D 261 -25.28 1.30 -15.01
N ASN D 262 -26.24 0.40 -15.23
CA ASN D 262 -27.15 0.53 -16.37
C ASN D 262 -28.05 1.75 -16.24
N ASP D 263 -28.29 2.24 -15.03
CA ASP D 263 -29.30 3.26 -14.78
C ASP D 263 -28.71 4.65 -14.52
N MET D 264 -27.42 4.84 -14.73
CA MET D 264 -26.78 6.12 -14.45
C MET D 264 -26.39 6.83 -15.75
N PRO D 265 -26.36 8.20 -15.76
CA PRO D 265 -26.29 8.95 -17.03
C PRO D 265 -24.94 8.92 -17.74
N ILE D 266 -24.72 7.84 -18.50
CA ILE D 266 -23.46 7.52 -19.15
C ILE D 266 -23.73 7.04 -20.57
N THR D 267 -22.68 6.98 -21.37
CA THR D 267 -22.77 6.46 -22.73
C THR D 267 -23.13 4.98 -22.71
N ASN D 268 -23.90 4.54 -23.71
CA ASN D 268 -24.25 3.13 -23.81
C ASN D 268 -23.03 2.28 -24.13
N ASP D 269 -22.08 2.84 -24.87
CA ASP D 269 -20.80 2.17 -25.06
C ASP D 269 -20.06 2.02 -23.73
N GLN D 270 -20.14 3.05 -22.89
CA GLN D 270 -19.58 2.94 -21.54
C GLN D 270 -20.34 1.92 -20.70
N LYS D 271 -21.65 1.76 -20.93
CA LYS D 271 -22.40 0.71 -20.24
C LYS D 271 -21.88 -0.66 -20.64
N LYS D 272 -21.61 -0.86 -21.93
CA LYS D 272 -21.07 -2.13 -22.39
C LYS D 272 -19.69 -2.40 -21.80
N LEU D 273 -18.82 -1.38 -21.80
CA LEU D 273 -17.47 -1.53 -21.25
C LEU D 273 -17.52 -1.79 -19.75
N MET D 274 -18.35 -1.06 -19.02
CA MET D 274 -18.41 -1.12 -17.57
C MET D 274 -19.24 -2.27 -17.06
N SER D 275 -20.03 -2.92 -17.91
CA SER D 275 -20.67 -4.17 -17.53
C SER D 275 -19.85 -5.38 -17.92
N ASN D 276 -19.02 -5.28 -18.96
CA ASN D 276 -18.08 -6.36 -19.25
C ASN D 276 -16.92 -6.37 -18.26
N ASN D 277 -16.58 -5.22 -17.68
CA ASN D 277 -15.38 -5.06 -16.87
C ASN D 277 -15.69 -4.51 -15.50
N VAL D 278 -16.66 -5.12 -14.80
CA VAL D 278 -17.05 -4.64 -13.47
C VAL D 278 -15.97 -4.88 -12.42
N GLN D 279 -14.95 -5.68 -12.76
CA GLN D 279 -13.86 -5.96 -11.82
C GLN D 279 -13.10 -4.69 -11.46
N ILE D 280 -12.65 -3.94 -12.46
CA ILE D 280 -11.81 -2.78 -12.22
C ILE D 280 -12.65 -1.64 -11.65
N VAL D 281 -13.90 -1.53 -12.08
CA VAL D 281 -14.79 -0.51 -11.54
C VAL D 281 -15.09 -0.78 -10.08
N ARG D 282 -15.23 -2.05 -9.73
CA ARG D 282 -15.30 -2.44 -8.32
C ARG D 282 -14.02 -2.10 -7.58
N GLN D 283 -12.89 -2.09 -8.28
CA GLN D 283 -11.59 -1.84 -7.69
C GLN D 283 -11.19 -0.37 -7.72
N GLN D 284 -12.07 0.53 -8.16
CA GLN D 284 -11.74 1.93 -8.34
C GLN D 284 -12.69 2.88 -7.65
N SER D 285 -13.77 2.39 -7.05
CA SER D 285 -14.77 3.25 -6.44
C SER D 285 -14.37 3.59 -5.01
N TYR D 286 -15.24 4.31 -4.31
CA TYR D 286 -14.99 4.72 -2.93
C TYR D 286 -16.34 4.83 -2.25
N SER D 287 -16.55 4.07 -1.17
CA SER D 287 -17.80 4.16 -0.42
C SER D 287 -17.54 4.86 0.90
N ILE D 288 -18.37 5.87 1.19
CA ILE D 288 -18.20 6.74 2.35
C ILE D 288 -19.47 6.75 3.16
N MET D 289 -19.36 6.68 4.48
CA MET D 289 -20.52 6.84 5.36
C MET D 289 -21.14 8.22 5.27
N CYS D 290 -22.40 8.27 5.66
CA CYS D 290 -23.26 9.44 5.74
C CYS D 290 -24.18 9.24 6.94
N ILE D 291 -25.32 9.94 6.94
CA ILE D 291 -26.29 9.92 8.04
C ILE D 291 -26.71 8.49 8.39
N ILE D 292 -26.71 8.18 9.69
CA ILE D 292 -27.18 6.90 10.19
C ILE D 292 -28.53 7.03 10.90
N LYS D 293 -28.86 8.22 11.42
CA LYS D 293 -30.04 8.42 12.26
C LYS D 293 -31.33 8.20 11.47
N GLU D 294 -32.43 8.12 12.22
CA GLU D 294 -33.79 7.91 11.70
C GLU D 294 -33.92 6.59 10.94
N GLU D 295 -33.32 5.52 11.50
CA GLU D 295 -33.33 4.12 11.02
C GLU D 295 -33.23 3.96 9.51
N VAL D 296 -32.40 4.78 8.87
CA VAL D 296 -32.38 4.90 7.42
C VAL D 296 -30.94 4.93 6.86
N LEU D 297 -30.01 4.29 7.59
CA LEU D 297 -28.56 4.31 7.38
C LEU D 297 -28.15 4.28 5.92
N ALA D 298 -27.41 5.29 5.48
CA ALA D 298 -27.12 5.49 4.08
C ALA D 298 -25.65 5.82 3.91
N TYR D 299 -25.05 5.26 2.86
CA TYR D 299 -23.67 5.55 2.50
C TYR D 299 -23.60 5.78 1.00
N VAL D 300 -22.64 6.60 0.59
CA VAL D 300 -22.52 6.99 -0.81
C VAL D 300 -21.41 6.17 -1.44
N VAL D 301 -21.74 5.47 -2.53
CA VAL D 301 -20.76 4.71 -3.30
C VAL D 301 -20.40 5.55 -4.53
N GLN D 302 -19.38 6.37 -4.37
CA GLN D 302 -18.91 7.19 -5.48
C GLN D 302 -18.12 6.28 -6.41
N LEU D 303 -18.69 6.03 -7.56
CA LEU D 303 -18.42 5.20 -8.73
C LEU D 303 -17.63 5.99 -9.77
N PRO D 304 -16.74 5.33 -10.50
CA PRO D 304 -16.04 6.02 -11.58
C PRO D 304 -16.98 6.32 -12.74
N LEU D 305 -16.65 7.38 -13.47
CA LEU D 305 -17.45 7.85 -14.60
C LEU D 305 -16.47 8.03 -15.74
N TYR D 306 -16.42 7.04 -16.62
CA TYR D 306 -15.38 6.93 -17.62
C TYR D 306 -15.63 7.92 -18.76
N GLY D 307 -14.54 8.46 -19.29
CA GLY D 307 -14.59 9.51 -20.28
C GLY D 307 -14.40 8.99 -21.68
N VAL D 308 -13.18 9.12 -22.21
CA VAL D 308 -12.92 8.64 -23.56
C VAL D 308 -12.99 7.12 -23.59
N ILE D 309 -13.29 6.58 -24.77
CA ILE D 309 -13.58 5.16 -24.92
C ILE D 309 -12.74 4.61 -26.07
N ASP D 310 -11.96 3.56 -25.77
CA ASP D 310 -11.09 2.86 -26.71
C ASP D 310 -10.16 3.82 -27.45
N THR D 311 -9.39 4.55 -26.70
CA THR D 311 -8.39 5.37 -27.31
C THR D 311 -7.02 4.70 -27.20
N PRO D 312 -6.21 4.75 -28.26
CA PRO D 312 -4.90 4.08 -28.22
C PRO D 312 -3.97 4.72 -27.20
N CYS D 313 -3.52 3.91 -26.25
CA CYS D 313 -2.81 4.35 -25.06
C CYS D 313 -1.51 3.59 -24.96
N TRP D 314 -0.49 4.06 -25.68
CA TRP D 314 0.76 3.32 -25.79
C TRP D 314 1.55 3.39 -24.48
N LYS D 315 2.20 2.28 -24.15
CA LYS D 315 2.94 2.16 -22.91
C LYS D 315 4.43 2.32 -23.17
N LEU D 316 5.10 3.14 -22.37
CA LEU D 316 6.51 3.42 -22.54
C LEU D 316 7.29 2.87 -21.35
N HIS D 317 8.17 1.91 -21.60
CA HIS D 317 9.18 1.48 -20.65
C HIS D 317 10.57 1.91 -21.07
N THR D 318 11.45 1.93 -20.08
CA THR D 318 12.79 2.45 -20.20
C THR D 318 13.73 1.61 -19.35
N SER D 319 15.00 1.60 -19.71
CA SER D 319 16.04 0.95 -18.95
C SER D 319 17.28 1.84 -19.01
N PRO D 320 18.17 1.74 -18.03
CA PRO D 320 19.37 2.59 -18.06
C PRO D 320 20.30 2.26 -19.21
N LEU D 321 20.38 3.16 -20.18
CA LEU D 321 21.29 3.05 -21.31
C LEU D 321 22.62 3.64 -20.86
N CYS D 322 23.52 2.79 -20.37
CA CYS D 322 24.78 3.26 -19.85
C CYS D 322 25.81 3.19 -20.97
N THR D 323 27.08 3.39 -20.64
CA THR D 323 28.11 3.29 -21.66
C THR D 323 28.78 1.92 -21.64
N THR D 324 29.47 1.60 -22.73
CA THR D 324 30.12 0.30 -22.88
C THR D 324 31.49 0.23 -22.23
N ASN D 325 31.96 1.33 -21.64
CA ASN D 325 33.29 1.35 -21.03
C ASN D 325 33.32 0.46 -19.79
N THR D 326 34.49 -0.13 -19.54
CA THR D 326 34.67 -1.11 -18.48
C THR D 326 35.63 -0.65 -17.40
N LYS D 327 36.42 0.40 -17.66
CA LYS D 327 37.47 0.85 -16.75
C LYS D 327 36.84 1.42 -15.48
N GLU D 328 36.99 0.68 -14.38
CA GLU D 328 36.57 1.05 -13.02
C GLU D 328 35.07 1.34 -13.02
N GLY D 329 34.62 2.50 -12.54
CA GLY D 329 33.22 2.87 -12.58
C GLY D 329 33.03 4.25 -13.18
N SER D 330 33.87 4.59 -14.15
CA SER D 330 33.80 5.89 -14.82
C SER D 330 32.92 5.74 -16.06
N ASN D 331 31.62 5.66 -15.83
CA ASN D 331 30.64 5.48 -16.89
C ASN D 331 29.66 6.64 -16.91
N ILE D 332 29.20 6.98 -18.10
CA ILE D 332 28.19 8.01 -18.32
C ILE D 332 26.92 7.31 -18.77
N CYS D 333 25.76 7.81 -18.34
CA CYS D 333 24.57 6.98 -18.47
C CYS D 333 23.30 7.83 -18.50
N LEU D 334 22.41 7.55 -19.45
CA LEU D 334 21.09 8.19 -19.51
C LEU D 334 20.00 7.15 -19.26
N THR D 335 19.06 7.50 -18.39
CA THR D 335 17.85 6.72 -18.17
C THR D 335 16.66 7.60 -18.49
N ARG D 336 15.90 7.23 -19.52
CA ARG D 336 14.75 8.05 -19.96
C ARG D 336 13.67 8.01 -18.90
N THR D 337 13.54 9.10 -18.14
CA THR D 337 12.62 9.16 -17.00
C THR D 337 11.21 9.52 -17.47
N ASP D 338 10.61 8.58 -18.20
CA ASP D 338 9.31 8.81 -18.79
C ASP D 338 8.43 7.56 -18.77
N ARG D 339 8.72 6.59 -17.90
CA ARG D 339 8.00 5.33 -17.91
C ARG D 339 6.54 5.52 -17.50
N GLY D 340 5.67 4.73 -18.09
CA GLY D 340 4.27 4.77 -17.71
C GLY D 340 3.38 4.59 -18.93
N TRP D 341 2.18 5.15 -18.82
CA TRP D 341 1.17 5.05 -19.86
C TRP D 341 0.98 6.39 -20.54
N TYR D 342 0.63 6.34 -21.83
CA TYR D 342 0.29 7.52 -22.62
C TYR D 342 -1.06 7.25 -23.26
N CYS D 343 -2.11 7.86 -22.73
CA CYS D 343 -3.42 7.75 -23.33
C CYS D 343 -3.69 8.99 -24.18
N ASP D 344 -4.49 8.83 -25.23
CA ASP D 344 -4.86 9.97 -26.07
C ASP D 344 -6.26 10.41 -25.69
N ASN D 345 -6.41 11.70 -25.35
CA ASN D 345 -7.74 12.19 -25.05
C ASN D 345 -7.79 13.68 -25.36
N ALA D 346 -8.95 14.11 -25.88
CA ALA D 346 -9.12 15.41 -26.52
C ALA D 346 -8.03 15.62 -27.55
N GLY D 347 -7.42 16.81 -27.57
CA GLY D 347 -6.32 17.06 -28.47
C GLY D 347 -4.98 16.84 -27.81
N SER D 348 -4.93 16.12 -26.70
CA SER D 348 -3.70 15.99 -25.94
C SER D 348 -3.48 14.54 -25.56
N VAL D 349 -2.40 14.29 -24.82
CA VAL D 349 -2.15 12.98 -24.24
C VAL D 349 -2.13 13.13 -22.73
N SER D 350 -2.67 12.11 -22.05
CA SER D 350 -2.58 11.99 -20.61
C SER D 350 -1.41 11.06 -20.29
N PHE D 351 -0.53 11.53 -19.41
CA PHE D 351 0.67 10.80 -19.02
C PHE D 351 0.46 10.27 -17.62
N PHE D 352 0.54 8.95 -17.46
CA PHE D 352 0.42 8.31 -16.15
C PHE D 352 1.77 7.71 -15.78
N PRO D 353 2.54 8.36 -14.92
CA PRO D 353 3.84 7.80 -14.53
C PRO D 353 3.69 6.70 -13.50
N GLN D 354 2.62 6.75 -12.70
CA GLN D 354 2.38 5.76 -11.67
C GLN D 354 1.85 4.50 -12.33
N ALA D 355 2.74 3.55 -12.57
CA ALA D 355 2.34 2.28 -13.17
C ALA D 355 1.57 1.39 -12.20
N GLU D 356 1.53 1.74 -10.92
CA GLU D 356 0.78 0.99 -9.93
C GLU D 356 -0.67 1.44 -9.80
N THR D 357 -1.04 2.56 -10.44
CA THR D 357 -2.41 3.07 -10.35
C THR D 357 -3.23 2.78 -11.61
N CYS D 358 -2.62 2.26 -12.67
CA CYS D 358 -3.31 1.97 -13.91
C CYS D 358 -3.42 0.46 -14.09
N LYS D 359 -4.64 -0.03 -14.23
CA LYS D 359 -4.89 -1.45 -14.39
C LYS D 359 -4.87 -1.83 -15.87
N VAL D 360 -4.41 -3.04 -16.15
CA VAL D 360 -4.09 -3.46 -17.51
C VAL D 360 -4.96 -4.69 -17.77
N GLN D 361 -6.18 -4.66 -17.25
CA GLN D 361 -7.10 -5.78 -17.42
C GLN D 361 -7.45 -6.00 -18.88
N SER D 362 -7.31 -7.24 -19.35
CA SER D 362 -7.45 -7.67 -20.75
C SER D 362 -6.45 -6.83 -21.57
N ASN D 363 -6.81 -6.41 -22.78
CA ASN D 363 -6.01 -5.46 -23.53
C ASN D 363 -6.46 -4.02 -23.32
N ARG D 364 -7.48 -3.80 -22.50
CA ARG D 364 -7.94 -2.47 -22.16
C ARG D 364 -7.16 -1.92 -20.97
N VAL D 365 -7.22 -0.62 -20.79
CA VAL D 365 -6.49 0.07 -19.74
C VAL D 365 -7.46 0.98 -19.00
N PHE D 366 -7.55 0.82 -17.68
CA PHE D 366 -8.31 1.74 -16.85
C PHE D 366 -7.35 2.53 -15.98
N CYS D 367 -7.30 3.83 -16.19
CA CYS D 367 -6.34 4.68 -15.51
C CYS D 367 -7.07 5.68 -14.64
N ASP D 368 -6.34 6.28 -13.70
CA ASP D 368 -6.87 7.30 -12.81
C ASP D 368 -6.42 8.64 -13.37
N THR D 369 -7.37 9.39 -13.93
CA THR D 369 -7.05 10.64 -14.63
C THR D 369 -6.53 11.69 -13.67
N MET D 370 -6.99 11.67 -12.41
CA MET D 370 -6.54 12.63 -11.40
C MET D 370 -5.04 12.54 -11.12
N ASN D 371 -4.43 11.37 -11.35
CA ASN D 371 -3.01 11.17 -11.12
C ASN D 371 -2.21 11.23 -12.43
N SER D 372 -2.57 12.15 -13.32
CA SER D 372 -1.96 12.23 -14.63
C SER D 372 -1.51 13.65 -14.92
N LEU D 373 -0.57 13.78 -15.84
CA LEU D 373 -0.24 15.06 -16.44
C LEU D 373 -0.85 15.16 -17.83
N THR D 374 -0.91 16.38 -18.33
CA THR D 374 -1.26 16.61 -19.72
C THR D 374 0.01 16.93 -20.52
N LEU D 375 0.05 16.46 -21.76
CA LEU D 375 1.15 16.78 -22.65
C LEU D 375 0.59 17.02 -24.04
N PRO D 376 1.26 17.84 -24.85
CA PRO D 376 0.88 17.94 -26.27
C PRO D 376 1.23 16.66 -27.01
N SER D 377 0.64 16.54 -28.21
CA SER D 377 0.80 15.32 -28.99
C SER D 377 2.22 15.14 -29.52
N GLU D 378 3.04 16.19 -29.46
CA GLU D 378 4.40 16.12 -29.96
C GLU D 378 5.28 15.14 -29.19
N VAL D 379 4.84 14.71 -28.00
CA VAL D 379 5.54 13.67 -27.25
C VAL D 379 5.54 12.35 -28.01
N ASN D 380 4.60 12.15 -28.94
CA ASN D 380 4.66 10.99 -29.82
C ASN D 380 5.91 11.03 -30.68
N LEU D 381 6.30 12.23 -31.15
CA LEU D 381 7.56 12.36 -31.88
C LEU D 381 8.75 12.32 -30.93
N CYS D 382 8.51 12.31 -29.62
CA CYS D 382 9.54 11.93 -28.68
C CYS D 382 9.96 10.47 -28.85
N ASN D 383 9.07 9.62 -29.36
CA ASN D 383 9.37 8.21 -29.50
C ASN D 383 10.37 7.93 -30.61
N VAL D 384 10.36 8.72 -31.69
CA VAL D 384 11.18 8.41 -32.86
C VAL D 384 12.52 9.11 -32.77
N ASP D 385 12.50 10.44 -32.72
CA ASP D 385 13.71 11.26 -32.66
C ASP D 385 13.85 11.80 -31.25
N ILE D 386 14.92 11.41 -30.56
CA ILE D 386 15.11 11.86 -29.19
C ILE D 386 15.63 13.29 -29.17
N PHE D 387 16.22 13.76 -30.27
CA PHE D 387 16.73 15.11 -30.38
C PHE D 387 15.79 16.02 -31.17
N ASN D 388 14.53 15.62 -31.27
CA ASN D 388 13.55 16.36 -32.05
C ASN D 388 13.25 17.70 -31.40
N PRO D 389 13.39 18.82 -32.12
CA PRO D 389 13.12 20.14 -31.54
C PRO D 389 11.66 20.57 -31.65
N LYS D 390 10.76 19.66 -31.31
CA LYS D 390 9.35 19.99 -31.18
C LYS D 390 8.81 19.73 -29.78
N TYR D 391 9.19 18.61 -29.17
CA TYR D 391 8.90 18.35 -27.77
C TYR D 391 10.19 17.98 -27.05
N ASP D 392 10.34 18.51 -25.84
CA ASP D 392 11.55 18.30 -25.04
C ASP D 392 11.40 16.98 -24.29
N CYS D 393 12.07 15.94 -24.75
CA CYS D 393 12.04 14.65 -24.07
C CYS D 393 12.78 14.74 -22.74
N LYS D 394 12.29 14.00 -21.75
CA LYS D 394 12.84 14.04 -20.40
C LYS D 394 13.76 12.83 -20.19
N ILE D 395 15.00 13.10 -19.82
CA ILE D 395 15.94 12.03 -19.46
C ILE D 395 16.61 12.39 -18.14
N MET D 396 17.15 11.38 -17.48
CA MET D 396 17.89 11.52 -16.24
C MET D 396 19.30 11.01 -16.46
N THR D 397 20.24 11.56 -15.70
CA THR D 397 21.66 11.29 -15.88
C THR D 397 22.18 10.53 -14.67
N SER D 398 23.06 9.57 -14.91
CA SER D 398 23.61 8.77 -13.83
C SER D 398 24.97 8.23 -14.24
N LYS D 399 25.81 7.99 -13.23
CA LYS D 399 27.13 7.42 -13.44
C LYS D 399 27.20 5.94 -13.07
N THR D 400 26.32 5.46 -12.20
CA THR D 400 26.29 4.05 -11.85
C THR D 400 25.82 3.21 -13.03
N ASP D 401 26.34 2.00 -13.12
CA ASP D 401 26.18 1.13 -14.28
C ASP D 401 25.78 -0.27 -13.87
N VAL D 402 24.77 -0.39 -13.01
CA VAL D 402 24.30 -1.71 -12.59
C VAL D 402 23.49 -2.35 -13.70
N SER D 403 23.52 -3.68 -13.76
CA SER D 403 22.73 -4.40 -14.74
C SER D 403 21.27 -4.40 -14.33
N SER D 404 20.39 -4.10 -15.28
CA SER D 404 18.97 -4.02 -14.96
C SER D 404 18.15 -4.50 -16.14
N SER D 405 17.04 -5.18 -15.84
CA SER D 405 16.14 -5.66 -16.87
C SER D 405 14.73 -5.20 -16.54
N VAL D 406 14.01 -4.74 -17.55
CA VAL D 406 12.60 -4.40 -17.42
C VAL D 406 11.84 -5.23 -18.44
N ILE D 407 10.85 -5.98 -17.97
CA ILE D 407 10.11 -6.88 -18.85
C ILE D 407 8.94 -6.09 -19.44
N THR D 408 9.01 -5.83 -20.73
CA THR D 408 7.97 -5.09 -21.43
C THR D 408 6.74 -5.96 -21.64
N SER D 409 5.72 -5.38 -22.29
CA SER D 409 4.41 -6.00 -22.37
C SER D 409 4.45 -7.35 -23.09
N LEU D 410 5.38 -7.53 -24.01
CA LEU D 410 5.58 -8.84 -24.62
C LEU D 410 6.99 -9.39 -24.47
N GLY D 411 8.01 -8.62 -24.81
CA GLY D 411 9.37 -9.11 -24.64
C GLY D 411 10.03 -8.63 -23.37
N ALA D 412 11.34 -8.45 -23.40
CA ALA D 412 12.08 -7.99 -22.23
C ALA D 412 13.27 -7.15 -22.69
N ILE D 413 13.43 -5.98 -22.08
CA ILE D 413 14.62 -5.17 -22.25
C ILE D 413 15.62 -5.56 -21.17
N VAL D 414 16.86 -5.80 -21.56
CA VAL D 414 17.94 -6.04 -20.62
C VAL D 414 19.02 -5.01 -20.86
N SER D 415 19.80 -4.74 -19.81
CA SER D 415 21.02 -3.93 -19.94
C SER D 415 22.03 -4.57 -18.99
N CYS D 416 22.99 -5.26 -19.58
CA CYS D 416 24.05 -5.91 -18.82
C CYS D 416 25.33 -5.10 -18.96
N TYR D 417 25.96 -4.84 -17.81
CA TYR D 417 26.95 -3.78 -17.74
C TYR D 417 28.05 -4.19 -16.78
N GLY D 418 29.28 -3.84 -17.12
CA GLY D 418 30.40 -4.29 -16.32
C GLY D 418 30.70 -5.76 -16.61
N LYS D 419 30.78 -6.56 -15.56
CA LYS D 419 31.02 -7.99 -15.66
C LYS D 419 29.84 -8.71 -15.04
N THR D 420 28.79 -8.94 -15.83
CA THR D 420 27.58 -9.60 -15.36
C THR D 420 27.10 -10.58 -16.42
N LYS D 421 26.54 -11.69 -15.96
CA LYS D 421 26.05 -12.75 -16.84
C LYS D 421 24.54 -12.66 -16.92
N CYS D 422 24.02 -12.46 -18.14
CA CYS D 422 22.58 -12.45 -18.39
C CYS D 422 22.28 -13.41 -19.53
N THR D 423 21.15 -14.10 -19.44
CA THR D 423 20.72 -15.01 -20.48
C THR D 423 19.21 -14.93 -20.63
N ALA D 424 18.73 -15.36 -21.79
CA ALA D 424 17.31 -15.49 -22.06
C ALA D 424 17.01 -16.97 -22.26
N SER D 425 16.51 -17.61 -21.22
CA SER D 425 16.33 -19.05 -21.20
C SER D 425 14.87 -19.42 -21.45
N ASN D 426 14.68 -20.43 -22.30
CA ASN D 426 13.40 -21.06 -22.55
C ASN D 426 13.38 -22.39 -21.82
N LYS D 427 12.23 -22.74 -21.23
CA LYS D 427 12.15 -23.92 -20.36
C LYS D 427 12.25 -25.23 -21.13
N ASN D 428 12.15 -25.22 -22.47
CA ASN D 428 12.25 -26.44 -23.25
C ASN D 428 13.55 -26.56 -24.03
N ARG D 429 14.38 -25.54 -24.07
CA ARG D 429 15.62 -25.60 -24.83
C ARG D 429 16.84 -25.25 -24.00
N GLY D 430 16.74 -24.25 -23.13
CA GLY D 430 17.87 -23.76 -22.38
C GLY D 430 18.18 -22.31 -22.71
N ILE D 431 19.44 -21.93 -22.49
CA ILE D 431 19.87 -20.58 -22.80
C ILE D 431 19.98 -20.42 -24.31
N ILE D 432 19.45 -19.32 -24.84
CA ILE D 432 19.46 -19.09 -26.28
C ILE D 432 20.12 -17.78 -26.68
N LYS D 433 20.26 -16.78 -25.81
CA LYS D 433 20.68 -15.46 -26.24
C LYS D 433 22.05 -15.05 -25.68
N THR D 434 22.20 -15.04 -24.35
CA THR D 434 23.44 -14.66 -23.66
C THR D 434 23.88 -13.24 -24.05
N PHE D 435 23.08 -12.28 -23.56
CA PHE D 435 23.28 -10.86 -23.86
C PHE D 435 24.69 -10.40 -23.51
N SER D 436 25.26 -9.56 -24.37
CA SER D 436 26.54 -8.93 -24.11
C SER D 436 26.30 -7.62 -23.35
N ASN D 437 27.33 -6.80 -23.22
CA ASN D 437 27.19 -5.51 -22.58
C ASN D 437 26.37 -4.56 -23.46
N GLY D 438 25.52 -3.77 -22.82
CA GLY D 438 24.68 -2.82 -23.53
C GLY D 438 23.22 -3.19 -23.50
N CYS D 439 22.39 -2.22 -23.86
CA CYS D 439 20.95 -2.45 -23.94
C CYS D 439 20.63 -3.40 -25.08
N ASP D 440 19.73 -4.34 -24.80
CA ASP D 440 19.27 -5.29 -25.81
C ASP D 440 17.86 -5.70 -25.49
N TYR D 441 17.19 -6.29 -26.47
CA TYR D 441 15.80 -6.66 -26.35
C TYR D 441 15.57 -8.08 -26.85
N VAL D 442 14.74 -8.83 -26.13
CA VAL D 442 14.44 -10.21 -26.49
C VAL D 442 12.93 -10.36 -26.61
N SER D 443 12.47 -10.94 -27.72
CA SER D 443 11.05 -11.01 -28.00
C SER D 443 10.38 -12.09 -27.15
N ASN D 444 9.05 -12.08 -27.17
CA ASN D 444 8.28 -13.08 -26.45
C ASN D 444 8.41 -14.46 -27.10
N LYS D 445 8.37 -14.50 -28.43
CA LYS D 445 8.43 -15.77 -29.16
C LYS D 445 9.85 -16.31 -29.10
N GLY D 446 10.05 -17.38 -28.33
CA GLY D 446 11.35 -17.99 -28.23
C GLY D 446 11.80 -18.20 -26.80
N VAL D 447 11.46 -17.27 -25.91
CA VAL D 447 11.86 -17.35 -24.51
C VAL D 447 10.64 -17.27 -23.62
N ASP D 448 10.81 -17.76 -22.39
CA ASP D 448 9.83 -17.54 -21.33
C ASP D 448 10.49 -17.19 -20.00
N THR D 449 11.81 -16.96 -20.00
CA THR D 449 12.53 -16.65 -18.77
C THR D 449 13.72 -15.77 -19.12
N VAL D 450 13.93 -14.69 -18.37
CA VAL D 450 15.07 -13.80 -18.59
C VAL D 450 15.81 -13.68 -17.27
N SER D 451 17.05 -14.15 -17.22
CA SER D 451 17.85 -14.09 -16.00
C SER D 451 18.93 -13.04 -16.18
N VAL D 452 19.02 -12.11 -15.23
CA VAL D 452 20.05 -11.08 -15.24
C VAL D 452 20.73 -11.08 -13.88
N GLY D 453 22.06 -11.14 -13.89
CA GLY D 453 22.82 -11.18 -12.66
C GLY D 453 22.44 -12.37 -11.82
N ASN D 454 22.25 -12.13 -10.53
CA ASN D 454 21.69 -13.13 -9.64
C ASN D 454 20.20 -12.91 -9.41
N THR D 455 19.41 -12.71 -10.47
CA THR D 455 17.96 -12.69 -10.31
C THR D 455 17.31 -13.13 -11.60
N LEU D 456 16.06 -13.58 -11.48
CA LEU D 456 15.37 -14.27 -12.56
C LEU D 456 14.00 -13.64 -12.72
N TYR D 457 13.71 -13.12 -13.92
CA TYR D 457 12.44 -12.51 -14.24
C TYR D 457 11.69 -13.42 -15.20
N TYR D 458 10.37 -13.39 -15.12
CA TYR D 458 9.51 -14.11 -16.05
C TYR D 458 8.91 -13.10 -17.01
N VAL D 459 9.10 -13.34 -18.30
CA VAL D 459 8.64 -12.42 -19.32
C VAL D 459 7.20 -12.77 -19.69
N ASN D 460 6.36 -11.74 -19.89
CA ASN D 460 4.95 -11.94 -20.17
C ASN D 460 4.73 -12.73 -21.45
N LYS D 461 3.81 -13.69 -21.39
CA LYS D 461 3.56 -14.61 -22.50
C LYS D 461 2.33 -14.22 -23.30
N GLN D 462 2.10 -12.93 -23.49
CA GLN D 462 0.94 -12.43 -24.20
C GLN D 462 1.26 -12.26 -25.69
N GLU D 463 0.39 -12.78 -26.54
CA GLU D 463 0.66 -12.88 -27.97
C GLU D 463 0.62 -11.51 -28.65
N GLY D 464 1.52 -11.33 -29.61
CA GLY D 464 1.53 -10.12 -30.41
C GLY D 464 2.85 -9.97 -31.13
N LYS D 465 2.90 -8.95 -32.00
CA LYS D 465 4.03 -8.72 -32.88
C LYS D 465 4.99 -7.71 -32.27
N SER D 466 6.29 -7.92 -32.50
CA SER D 466 7.33 -7.06 -31.99
C SER D 466 8.18 -6.54 -33.15
N LEU D 467 8.61 -5.28 -33.04
CA LEU D 467 9.51 -4.67 -34.00
C LEU D 467 10.76 -4.16 -33.29
N TYR D 468 11.87 -4.19 -34.00
CA TYR D 468 13.18 -3.84 -33.47
C TYR D 468 13.76 -2.72 -34.32
N VAL D 469 13.59 -1.48 -33.89
CA VAL D 469 14.14 -0.35 -34.62
C VAL D 469 15.64 -0.29 -34.38
N LYS D 470 16.42 -0.66 -35.39
CA LYS D 470 17.86 -0.69 -35.24
C LYS D 470 18.45 0.71 -35.19
N GLY D 471 19.54 0.85 -34.45
CA GLY D 471 20.19 2.13 -34.34
C GLY D 471 21.34 2.07 -33.36
N GLU D 472 21.98 3.21 -33.15
CA GLU D 472 23.06 3.30 -32.19
C GLU D 472 22.59 4.02 -30.93
N PRO D 473 23.14 3.67 -29.76
CA PRO D 473 22.75 4.37 -28.53
C PRO D 473 23.18 5.83 -28.56
N ILE D 474 22.41 6.67 -27.87
CA ILE D 474 22.73 8.09 -27.82
C ILE D 474 23.90 8.37 -26.90
N ILE D 475 24.32 7.38 -26.10
CA ILE D 475 25.46 7.56 -25.19
C ILE D 475 26.73 7.84 -25.97
N ASN D 476 26.87 7.25 -27.16
CA ASN D 476 28.03 7.51 -27.99
C ASN D 476 28.01 8.90 -28.60
N PHE D 477 26.89 9.62 -28.52
CA PHE D 477 26.79 10.97 -29.06
C PHE D 477 27.26 12.03 -28.07
N TYR D 478 27.71 11.65 -26.89
CA TYR D 478 28.10 12.60 -25.85
C TYR D 478 29.60 12.53 -25.60
N ASP D 479 30.13 13.58 -24.97
CA ASP D 479 31.54 13.65 -24.61
C ASP D 479 31.72 13.28 -23.16
N PRO D 480 32.46 12.21 -22.84
CA PRO D 480 32.58 11.78 -21.43
C PRO D 480 33.25 12.79 -20.50
N LEU D 481 34.22 13.57 -20.99
CA LEU D 481 34.98 14.44 -20.11
C LEU D 481 34.22 15.70 -19.71
N VAL D 482 33.09 15.97 -20.36
CA VAL D 482 32.34 17.21 -20.14
C VAL D 482 30.89 16.93 -19.78
N PHE D 483 30.46 15.67 -19.80
CA PHE D 483 29.08 15.30 -19.54
C PHE D 483 28.69 15.56 -18.09
N PRO D 484 27.52 16.16 -17.83
CA PRO D 484 27.05 16.32 -16.45
C PRO D 484 26.19 15.15 -15.99
N SER D 485 26.43 14.65 -14.78
CA SER D 485 25.77 13.44 -14.31
C SER D 485 25.21 13.64 -12.90
N ASP D 486 24.51 14.75 -12.66
CA ASP D 486 23.90 15.02 -11.36
C ASP D 486 22.42 15.35 -11.46
N GLU D 487 21.81 15.18 -12.63
CA GLU D 487 20.43 15.59 -12.87
C GLU D 487 19.51 14.40 -12.59
N PHE D 488 18.77 14.48 -11.48
CA PHE D 488 17.75 13.47 -11.21
C PHE D 488 16.62 13.56 -12.22
N ASP D 489 16.32 14.78 -12.68
CA ASP D 489 15.36 15.00 -13.75
C ASP D 489 15.85 16.16 -14.60
N ALA D 490 15.80 15.97 -15.92
CA ALA D 490 16.29 16.99 -16.84
C ALA D 490 15.58 16.80 -18.17
N SER D 491 16.09 17.45 -19.21
CA SER D 491 15.57 17.32 -20.56
C SER D 491 16.74 17.28 -21.53
N ILE D 492 16.44 16.94 -22.78
CA ILE D 492 17.48 16.93 -23.81
C ILE D 492 18.00 18.33 -24.05
N SER D 493 17.10 19.32 -24.10
CA SER D 493 17.53 20.70 -24.32
C SER D 493 18.34 21.22 -23.14
N GLN D 494 17.94 20.89 -21.91
CA GLN D 494 18.68 21.35 -20.74
C GLN D 494 20.07 20.71 -20.67
N VAL D 495 20.15 19.41 -20.93
CA VAL D 495 21.44 18.72 -20.92
C VAL D 495 22.35 19.26 -22.01
N ASN D 496 21.81 19.48 -23.20
CA ASN D 496 22.61 20.03 -24.29
C ASN D 496 23.03 21.46 -24.01
N GLU D 497 22.17 22.24 -23.34
CA GLU D 497 22.54 23.60 -22.95
C GLU D 497 23.67 23.60 -21.94
N LYS D 498 23.64 22.67 -20.97
CA LYS D 498 24.73 22.58 -20.00
C LYS D 498 26.01 22.09 -20.65
N ILE D 499 25.89 21.19 -21.64
CA ILE D 499 27.05 20.74 -22.41
C ILE D 499 27.68 21.92 -23.15
N ASN D 500 26.84 22.73 -23.81
CA ASN D 500 27.33 23.89 -24.53
C ASN D 500 27.98 24.91 -23.60
N GLN D 501 27.37 25.13 -22.42
CA GLN D 501 27.94 26.06 -21.46
C GLN D 501 29.28 25.59 -20.92
N SER D 502 29.40 24.28 -20.63
CA SER D 502 30.67 23.77 -20.13
C SER D 502 31.74 23.77 -21.23
N LEU D 503 31.34 23.52 -22.48
CA LEU D 503 32.30 23.60 -23.58
C LEU D 503 32.77 25.04 -23.81
N ALA D 504 31.87 26.00 -23.68
CA ALA D 504 32.27 27.40 -23.76
C ALA D 504 33.20 27.78 -22.63
N PHE D 505 32.95 27.23 -21.43
CA PHE D 505 33.88 27.41 -20.32
C PHE D 505 35.25 26.82 -20.66
N ILE D 506 35.28 25.64 -21.26
CA ILE D 506 36.55 25.01 -21.61
C ILE D 506 37.32 25.86 -22.61
N ARG D 507 36.63 26.39 -23.60
CA ARG D 507 37.29 27.19 -24.63
C ARG D 507 37.75 28.54 -24.07
N LYS D 508 36.97 29.13 -23.15
CA LYS D 508 37.39 30.41 -22.57
C LYS D 508 38.50 30.22 -21.54
N SER D 509 38.57 29.06 -20.89
CA SER D 509 39.68 28.80 -19.98
C SER D 509 40.95 28.47 -20.74
N ASP D 510 40.82 27.79 -21.88
CA ASP D 510 41.98 27.56 -22.74
C ASP D 510 42.49 28.86 -23.34
N GLU D 511 41.58 29.75 -23.75
CA GLU D 511 41.98 31.01 -24.35
C GLU D 511 42.46 32.03 -23.32
N LEU D 512 42.20 31.80 -22.03
CA LEU D 512 42.64 32.74 -21.00
C LEU D 512 44.13 32.69 -20.73
N LEU D 513 44.82 31.65 -21.20
CA LEU D 513 46.26 31.52 -20.98
C LEU D 513 47.03 31.68 -22.28
N VAL E 1 -9.41 20.80 -39.17
CA VAL E 1 -10.44 20.22 -38.33
C VAL E 1 -11.72 20.01 -39.12
N GLN E 2 -11.73 20.53 -40.35
CA GLN E 2 -12.92 20.44 -41.19
C GLN E 2 -13.00 19.06 -41.82
N LEU E 3 -14.21 18.51 -41.88
CA LEU E 3 -14.46 17.17 -42.40
C LEU E 3 -15.02 17.28 -43.81
N VAL E 4 -14.44 16.51 -44.73
CA VAL E 4 -14.87 16.48 -46.12
C VAL E 4 -15.11 15.03 -46.52
N GLU E 5 -16.27 14.75 -47.11
CA GLU E 5 -16.62 13.40 -47.51
C GLU E 5 -17.34 13.44 -48.86
N SER E 6 -17.36 12.29 -49.52
CA SER E 6 -17.99 12.16 -50.83
C SER E 6 -18.54 10.75 -50.97
N GLY E 7 -19.40 10.57 -51.97
CA GLY E 7 -20.00 9.27 -52.22
C GLY E 7 -21.48 9.32 -52.49
N GLY E 8 -22.04 10.53 -52.61
CA GLY E 8 -23.46 10.67 -52.84
C GLY E 8 -23.85 10.46 -54.30
N GLY E 9 -25.16 10.40 -54.52
CA GLY E 9 -25.70 10.19 -55.84
C GLY E 9 -27.03 9.47 -55.75
N LEU E 10 -27.55 9.09 -56.92
CA LEU E 10 -28.81 8.35 -56.99
C LEU E 10 -28.50 6.86 -56.99
N VAL E 11 -29.22 6.11 -56.14
CA VAL E 11 -29.00 4.68 -55.96
C VAL E 11 -30.36 3.99 -55.96
N LYS E 12 -30.47 2.91 -56.72
CA LYS E 12 -31.69 2.11 -56.71
C LYS E 12 -31.86 1.45 -55.34
N PRO E 13 -33.11 1.30 -54.87
CA PRO E 13 -33.32 0.67 -53.56
C PRO E 13 -32.94 -0.80 -53.55
N GLY E 14 -32.48 -1.27 -52.39
CA GLY E 14 -32.21 -2.72 -52.24
C GLY E 14 -30.73 -3.08 -52.26
N GLU E 15 -29.95 -2.49 -53.17
CA GLU E 15 -28.56 -2.88 -53.31
C GLU E 15 -27.67 -2.12 -52.34
N SER E 16 -26.49 -2.71 -52.10
CA SER E 16 -25.55 -2.11 -51.14
C SER E 16 -24.55 -1.19 -51.86
N LEU E 17 -23.95 -0.28 -51.11
CA LEU E 17 -22.95 0.64 -51.64
C LEU E 17 -21.98 0.97 -50.51
N ARG E 18 -21.00 1.80 -50.80
CA ARG E 18 -20.06 2.26 -49.78
C ARG E 18 -20.04 3.77 -49.77
N LEU E 19 -20.29 4.36 -48.60
CA LEU E 19 -20.23 5.80 -48.42
C LEU E 19 -19.06 6.11 -47.49
N SER E 20 -18.15 6.95 -47.95
CA SER E 20 -16.86 7.14 -47.30
C SER E 20 -16.70 8.56 -46.77
N CYS E 21 -15.92 8.68 -45.69
CA CYS E 21 -15.60 9.95 -45.06
C CYS E 21 -14.09 10.11 -45.04
N ALA E 22 -13.61 11.31 -45.38
CA ALA E 22 -12.20 11.57 -45.57
C ALA E 22 -11.72 12.66 -44.61
N VAL E 23 -12.00 12.48 -43.32
CA VAL E 23 -11.58 13.40 -42.27
C VAL E 23 -10.07 13.61 -42.32
N SER E 24 -9.66 14.88 -42.23
CA SER E 24 -8.26 15.28 -42.35
C SER E 24 -7.75 15.90 -41.05
N GLY E 25 -8.16 15.35 -39.92
CA GLY E 25 -7.68 15.85 -38.64
C GLY E 25 -6.25 15.43 -38.36
N SER E 26 -5.68 16.04 -37.32
CA SER E 26 -4.32 15.73 -36.89
C SER E 26 -4.26 14.76 -35.73
N MET E 27 -5.32 14.69 -34.91
CA MET E 27 -5.42 13.76 -33.79
C MET E 27 -6.73 12.97 -33.95
N PHE E 28 -6.92 12.41 -35.13
CA PHE E 28 -8.05 11.53 -35.39
C PHE E 28 -7.66 10.12 -34.94
N SER E 29 -7.56 9.97 -33.63
CA SER E 29 -7.46 8.64 -33.03
C SER E 29 -8.30 8.50 -31.78
N SER E 30 -8.63 9.60 -31.10
CA SER E 30 -9.40 9.58 -29.87
C SER E 30 -10.78 10.18 -30.03
N TYR E 31 -11.01 10.98 -31.06
CA TYR E 31 -12.28 11.68 -31.24
C TYR E 31 -13.36 10.70 -31.68
N VAL E 32 -14.52 10.78 -31.04
CA VAL E 32 -15.59 9.84 -31.29
C VAL E 32 -16.42 10.32 -32.47
N MET E 33 -16.60 9.46 -33.46
CA MET E 33 -17.23 9.90 -34.70
C MET E 33 -18.64 9.35 -34.80
N HIS E 34 -19.51 10.07 -35.50
CA HIS E 34 -20.88 9.64 -35.73
C HIS E 34 -21.32 10.07 -37.11
N TRP E 35 -22.45 9.52 -37.54
CA TRP E 35 -23.11 9.94 -38.78
C TRP E 35 -24.55 10.29 -38.45
N VAL E 36 -25.00 11.43 -38.98
CA VAL E 36 -26.40 11.84 -38.87
C VAL E 36 -26.95 12.03 -40.27
N ARG E 37 -28.27 12.15 -40.35
CA ARG E 37 -28.95 12.34 -41.62
C ARG E 37 -30.09 13.32 -41.44
N GLN E 38 -30.51 13.91 -42.55
CA GLN E 38 -31.67 14.79 -42.51
C GLN E 38 -32.36 14.76 -43.88
N ALA E 39 -33.67 14.93 -43.86
CA ALA E 39 -34.46 14.94 -45.08
C ALA E 39 -35.33 16.18 -45.12
N PRO E 40 -35.68 16.67 -46.31
CA PRO E 40 -36.69 17.75 -46.40
C PRO E 40 -38.02 17.27 -45.85
N GLY E 41 -38.72 18.18 -45.17
CA GLY E 41 -39.94 17.79 -44.49
C GLY E 41 -39.69 17.42 -43.04
N LYS E 42 -39.51 16.12 -42.77
CA LYS E 42 -39.32 15.63 -41.42
C LYS E 42 -37.99 16.12 -40.84
N GLY E 43 -37.90 16.08 -39.51
CA GLY E 43 -36.75 16.62 -38.84
C GLY E 43 -35.51 15.74 -38.98
N LEU E 44 -34.38 16.32 -38.57
CA LEU E 44 -33.11 15.61 -38.66
C LEU E 44 -33.05 14.50 -37.62
N ASP E 45 -32.39 13.39 -37.99
CA ASP E 45 -32.36 12.19 -37.18
C ASP E 45 -30.91 11.76 -36.95
N TRP E 46 -30.74 10.56 -36.38
CA TRP E 46 -29.44 10.00 -36.11
C TRP E 46 -29.27 8.69 -36.86
N VAL E 47 -28.03 8.38 -37.26
CA VAL E 47 -27.78 7.17 -38.03
C VAL E 47 -26.85 6.22 -37.30
N SER E 48 -25.64 6.66 -36.96
CA SER E 48 -24.64 5.68 -36.54
C SER E 48 -23.58 6.34 -35.69
N SER E 49 -22.80 5.51 -34.99
CA SER E 49 -21.71 5.96 -34.13
C SER E 49 -20.52 5.01 -34.28
N ILE E 50 -19.36 5.51 -33.82
CA ILE E 50 -18.13 4.73 -33.77
C ILE E 50 -17.21 5.41 -32.76
N THR E 51 -16.61 4.62 -31.88
CA THR E 51 -15.73 5.15 -30.84
C THR E 51 -14.35 4.52 -30.96
N GLY E 52 -13.34 5.37 -31.15
CA GLY E 52 -11.94 5.00 -31.05
C GLY E 52 -11.44 3.84 -31.90
N GLY E 53 -11.05 2.75 -31.26
CA GLY E 53 -10.51 1.61 -31.99
C GLY E 53 -11.55 0.93 -32.85
N GLY E 54 -12.78 0.79 -32.33
CA GLY E 54 -13.82 0.17 -33.09
C GLY E 54 -14.47 -1.02 -32.40
N ASN E 55 -14.32 -1.08 -31.08
CA ASN E 55 -14.85 -2.21 -30.31
C ASN E 55 -16.16 -1.88 -29.61
N TYR E 56 -16.71 -0.69 -29.81
CA TYR E 56 -17.94 -0.27 -29.16
C TYR E 56 -18.89 0.35 -30.18
N ILE E 57 -19.08 -0.39 -31.27
CA ILE E 57 -19.95 0.06 -32.35
C ILE E 57 -21.37 0.11 -31.84
N SER E 58 -22.04 1.24 -32.07
CA SER E 58 -23.42 1.43 -31.62
C SER E 58 -24.26 1.96 -32.77
N TYR E 59 -25.55 1.59 -32.77
CA TYR E 59 -26.45 1.90 -33.87
C TYR E 59 -27.72 2.55 -33.36
N ALA E 60 -28.52 3.04 -34.31
CA ALA E 60 -29.81 3.63 -34.01
C ALA E 60 -30.86 2.54 -33.81
N ASP E 61 -32.10 2.98 -33.56
CA ASP E 61 -33.21 2.04 -33.48
C ASP E 61 -34.03 2.02 -34.76
N SER E 62 -33.95 3.08 -35.57
CA SER E 62 -34.63 3.06 -36.87
C SER E 62 -33.92 2.11 -37.84
N VAL E 63 -32.60 2.03 -37.75
CA VAL E 63 -31.81 1.10 -38.54
C VAL E 63 -30.89 0.32 -37.59
N LYS E 64 -30.82 -0.99 -37.80
CA LYS E 64 -29.99 -1.86 -36.96
C LYS E 64 -29.57 -3.07 -37.77
N GLY E 65 -28.26 -3.25 -37.92
CA GLY E 65 -27.75 -4.39 -38.66
C GLY E 65 -27.65 -4.17 -40.15
N ARG E 66 -28.59 -3.39 -40.70
CA ARG E 66 -28.57 -3.06 -42.15
C ARG E 66 -27.31 -2.26 -42.46
N PHE E 67 -27.08 -1.18 -41.70
CA PHE E 67 -25.91 -0.30 -41.97
C PHE E 67 -24.67 -0.87 -41.29
N ILE E 68 -23.56 -0.97 -42.02
CA ILE E 68 -22.30 -1.43 -41.45
C ILE E 68 -21.34 -0.26 -41.47
N ILE E 69 -20.84 0.13 -40.30
CA ILE E 69 -19.94 1.27 -40.17
C ILE E 69 -18.58 0.78 -39.71
N SER E 70 -17.52 1.26 -40.35
CA SER E 70 -16.16 0.93 -39.98
C SER E 70 -15.28 2.12 -40.28
N ARG E 71 -14.09 2.12 -39.72
CA ARG E 71 -13.17 3.22 -40.01
C ARG E 71 -11.73 2.74 -39.95
N ASP E 72 -10.91 3.31 -40.82
CA ASP E 72 -9.48 3.02 -40.89
C ASP E 72 -8.74 4.15 -40.18
N ASN E 73 -8.13 3.80 -39.05
CA ASN E 73 -7.40 4.77 -38.24
C ASN E 73 -6.13 5.23 -38.95
N GLY E 74 -5.41 4.30 -39.58
CA GLY E 74 -4.20 4.65 -40.32
C GLY E 74 -4.44 5.48 -41.55
N ARG E 75 -5.54 5.22 -42.27
CA ARG E 75 -5.89 5.97 -43.46
C ARG E 75 -6.68 7.24 -43.15
N ASN E 76 -7.06 7.46 -41.89
CA ASN E 76 -7.89 8.58 -41.46
C ASN E 76 -9.21 8.65 -42.22
N SER E 77 -9.92 7.52 -42.29
CA SER E 77 -11.12 7.47 -43.12
C SER E 77 -12.22 6.68 -42.42
N LEU E 78 -13.46 6.91 -42.87
CA LEU E 78 -14.62 6.15 -42.42
C LEU E 78 -15.36 5.60 -43.62
N SER E 79 -16.22 4.61 -43.38
CA SER E 79 -17.08 4.08 -44.43
C SER E 79 -18.29 3.38 -43.82
N LEU E 80 -19.37 3.35 -44.58
CA LEU E 80 -20.52 2.50 -44.30
C LEU E 80 -20.86 1.70 -45.54
N GLN E 81 -21.03 0.39 -45.34
CA GLN E 81 -21.76 -0.46 -46.27
C GLN E 81 -23.25 -0.24 -46.05
N MET E 82 -23.96 0.15 -47.12
CA MET E 82 -25.43 0.40 -47.01
C MET E 82 -26.18 -0.82 -47.54
N SER E 83 -26.23 -1.90 -46.77
CA SER E 83 -26.85 -3.17 -47.25
C SER E 83 -28.27 -2.95 -47.78
N SER E 84 -29.19 -2.46 -46.94
CA SER E 84 -30.61 -2.33 -47.37
C SER E 84 -30.95 -0.86 -47.67
N LEU E 85 -31.89 -0.63 -48.59
CA LEU E 85 -32.25 0.77 -48.98
C LEU E 85 -33.77 0.93 -49.06
N ARG E 86 -34.38 1.46 -48.01
CA ARG E 86 -35.81 1.74 -47.99
C ARG E 86 -36.06 3.16 -48.50
N VAL E 87 -37.33 3.52 -48.59
CA VAL E 87 -37.71 4.82 -49.15
C VAL E 87 -37.29 5.96 -48.22
N ASP E 88 -37.26 5.70 -46.91
CA ASP E 88 -36.89 6.72 -45.94
C ASP E 88 -35.39 7.01 -45.94
N ASP E 89 -34.59 6.21 -46.64
CA ASP E 89 -33.14 6.35 -46.58
C ASP E 89 -32.61 7.55 -47.37
N THR E 90 -33.43 8.16 -48.22
CA THR E 90 -32.98 9.33 -48.97
C THR E 90 -32.82 10.53 -48.03
N ALA E 91 -31.58 11.04 -47.96
CA ALA E 91 -31.25 12.05 -46.96
C ALA E 91 -29.91 12.67 -47.32
N VAL E 92 -29.65 13.83 -46.75
CA VAL E 92 -28.31 14.40 -46.71
C VAL E 92 -27.65 13.88 -45.45
N TYR E 93 -26.50 13.22 -45.61
CA TYR E 93 -25.77 12.63 -44.50
C TYR E 93 -24.61 13.53 -44.11
N TYR E 94 -24.35 13.61 -42.81
CA TYR E 94 -23.30 14.44 -42.26
C TYR E 94 -22.38 13.55 -41.41
N CYS E 95 -21.09 13.56 -41.73
CA CYS E 95 -20.09 13.11 -40.80
C CYS E 95 -20.01 14.08 -39.63
N VAL E 96 -19.71 13.58 -38.44
CA VAL E 96 -19.59 14.47 -37.29
C VAL E 96 -18.53 13.90 -36.35
N ARG E 97 -17.75 14.81 -35.78
CA ARG E 97 -16.52 14.53 -35.04
C ARG E 97 -16.63 15.17 -33.67
N GLY E 98 -17.12 14.42 -32.70
CA GLY E 98 -17.38 14.96 -31.39
C GLY E 98 -16.39 14.48 -30.34
N LEU E 99 -16.24 15.28 -29.28
CA LEU E 99 -15.33 15.00 -28.19
C LEU E 99 -16.08 14.43 -26.99
N SER E 100 -15.35 13.70 -26.16
CA SER E 100 -15.93 13.13 -24.96
C SER E 100 -16.25 14.22 -23.96
N GLY E 101 -17.26 13.99 -23.13
CA GLY E 101 -17.78 15.01 -22.25
C GLY E 101 -17.10 15.08 -20.90
N VAL E 102 -17.67 15.91 -20.01
CA VAL E 102 -17.23 15.89 -18.64
C VAL E 102 -17.63 14.58 -17.97
N MET E 103 -18.75 13.98 -18.40
CA MET E 103 -18.99 12.60 -17.98
C MET E 103 -18.65 11.59 -19.08
N GLY E 104 -19.46 11.46 -20.14
CA GLY E 104 -19.09 10.66 -21.28
C GLY E 104 -19.74 11.05 -22.59
N VAL E 105 -20.63 12.05 -22.55
CA VAL E 105 -21.60 12.27 -23.63
C VAL E 105 -20.92 13.15 -24.68
N THR E 106 -21.48 13.17 -25.89
CA THR E 106 -20.89 13.87 -27.02
C THR E 106 -21.86 14.94 -27.53
N TRP E 107 -21.32 16.09 -27.96
CA TRP E 107 -22.19 17.20 -28.36
C TRP E 107 -22.04 17.59 -29.81
N PHE E 108 -21.48 16.71 -30.65
CA PHE E 108 -21.48 16.85 -32.11
C PHE E 108 -20.75 18.13 -32.55
N ASP E 109 -19.43 18.15 -32.35
CA ASP E 109 -18.63 19.27 -32.81
C ASP E 109 -18.45 19.20 -34.33
N SER E 110 -17.55 20.04 -34.86
CA SER E 110 -17.54 20.56 -36.24
C SER E 110 -17.94 19.54 -37.29
N TRP E 111 -18.97 19.88 -38.06
CA TRP E 111 -19.65 18.95 -38.93
C TRP E 111 -19.02 18.93 -40.32
N GLY E 112 -19.28 17.84 -41.04
CA GLY E 112 -18.84 17.72 -42.42
C GLY E 112 -19.73 18.47 -43.37
N GLN E 113 -19.35 18.43 -44.65
CA GLN E 113 -20.07 19.21 -45.66
C GLN E 113 -21.50 18.68 -45.87
N GLY E 114 -21.66 17.36 -45.90
CA GLY E 114 -22.97 16.78 -46.13
C GLY E 114 -23.14 16.29 -47.55
N THR E 115 -23.37 14.99 -47.72
CA THR E 115 -23.54 14.39 -49.04
C THR E 115 -24.96 13.88 -49.18
N LEU E 116 -25.60 14.20 -50.31
CA LEU E 116 -26.99 13.82 -50.54
C LEU E 116 -27.04 12.45 -51.19
N VAL E 117 -27.83 11.55 -50.60
CA VAL E 117 -28.06 10.22 -51.14
C VAL E 117 -29.55 10.08 -51.40
N THR E 118 -29.93 9.87 -52.66
CA THR E 118 -31.31 9.73 -53.06
C THR E 118 -31.59 8.29 -53.46
N VAL E 119 -32.74 7.78 -53.02
CA VAL E 119 -33.11 6.38 -53.28
C VAL E 119 -34.42 6.25 -54.04
N SER E 120 -35.17 7.34 -54.23
CA SER E 120 -36.48 7.25 -54.86
C SER E 120 -36.35 6.94 -56.35
N SER E 121 -37.26 6.11 -56.86
CA SER E 121 -37.37 5.72 -58.27
C SER E 121 -36.12 5.03 -58.82
N GLN F 1 -42.67 12.22 -34.13
CA GLN F 1 -42.29 10.81 -34.00
C GLN F 1 -41.15 10.64 -33.00
N SER F 2 -40.25 11.61 -32.98
CA SER F 2 -39.13 11.58 -32.03
C SER F 2 -39.62 11.89 -30.62
N VAL F 3 -38.88 11.38 -29.63
CA VAL F 3 -39.27 11.59 -28.23
C VAL F 3 -39.15 13.05 -27.83
N LEU F 4 -38.24 13.80 -28.46
CA LEU F 4 -38.12 15.23 -28.17
C LEU F 4 -39.27 16.00 -28.82
N THR F 5 -39.90 16.88 -28.05
CA THR F 5 -41.06 17.64 -28.51
C THR F 5 -40.84 19.12 -28.28
N GLN F 6 -40.90 19.90 -29.37
CA GLN F 6 -40.94 21.36 -29.27
C GLN F 6 -41.88 21.82 -30.38
N PRO F 7 -42.62 22.91 -30.18
CA PRO F 7 -43.49 23.42 -31.25
C PRO F 7 -42.67 24.14 -32.32
N PRO F 8 -42.72 23.67 -33.58
CA PRO F 8 -41.96 24.29 -34.66
C PRO F 8 -42.71 25.43 -35.34
N SER F 9 -43.27 26.34 -34.54
CA SER F 9 -44.01 27.49 -35.06
C SER F 9 -43.67 28.75 -34.26
N VAL F 10 -42.39 28.93 -33.97
CA VAL F 10 -41.94 30.06 -33.16
C VAL F 10 -41.33 31.11 -34.09
N SER F 11 -41.80 32.34 -33.97
CA SER F 11 -41.30 33.44 -34.78
C SER F 11 -41.15 34.67 -33.91
N GLY F 12 -40.29 35.59 -34.34
CA GLY F 12 -40.06 36.80 -33.60
C GLY F 12 -39.33 37.87 -34.37
N ALA F 13 -39.67 39.13 -34.11
CA ALA F 13 -38.99 40.24 -34.75
C ALA F 13 -37.58 40.39 -34.19
N PRO F 14 -36.69 41.04 -34.94
CA PRO F 14 -35.39 41.42 -34.35
C PRO F 14 -35.56 42.47 -33.28
N GLY F 15 -34.78 42.34 -32.22
CA GLY F 15 -34.76 43.34 -31.16
C GLY F 15 -35.06 42.85 -29.76
N GLN F 16 -36.01 41.94 -29.63
CA GLN F 16 -36.42 41.43 -28.32
C GLN F 16 -35.92 40.00 -28.14
N ARG F 17 -36.29 39.40 -27.01
CA ARG F 17 -35.82 38.08 -26.61
C ARG F 17 -36.81 37.02 -27.07
N VAL F 18 -36.30 35.98 -27.71
CA VAL F 18 -37.11 34.86 -28.19
C VAL F 18 -36.64 33.59 -27.50
N THR F 19 -37.57 32.85 -26.92
CA THR F 19 -37.25 31.65 -26.13
C THR F 19 -37.72 30.40 -26.87
N ILE F 20 -36.79 29.47 -27.08
CA ILE F 20 -37.09 28.16 -27.66
C ILE F 20 -37.05 27.15 -26.51
N SER F 21 -38.12 26.39 -26.37
CA SER F 21 -38.23 25.41 -25.29
C SER F 21 -38.56 24.04 -25.87
N CYS F 22 -37.82 23.02 -25.42
CA CYS F 22 -38.10 21.65 -25.81
C CYS F 22 -38.07 20.75 -24.58
N THR F 23 -39.02 19.82 -24.53
CA THR F 23 -39.20 18.94 -23.38
C THR F 23 -39.06 17.48 -23.82
N GLY F 24 -38.51 16.66 -22.92
CA GLY F 24 -38.32 15.25 -23.18
C GLY F 24 -39.03 14.39 -22.15
N SER F 25 -38.86 13.09 -22.31
CA SER F 25 -39.50 12.12 -21.43
C SER F 25 -38.66 11.94 -20.17
N SER F 26 -38.95 10.89 -19.40
CA SER F 26 -38.16 10.61 -18.20
C SER F 26 -36.84 9.92 -18.53
N SER F 27 -36.80 9.14 -19.61
CA SER F 27 -35.59 8.38 -19.94
C SER F 27 -34.48 9.30 -20.43
N ASN F 28 -34.83 10.31 -21.21
CA ASN F 28 -33.88 11.28 -21.71
C ASN F 28 -33.98 12.57 -20.91
N ILE F 29 -32.90 13.36 -20.93
CA ILE F 29 -32.75 14.67 -20.31
C ILE F 29 -32.78 14.61 -18.79
N GLY F 30 -33.96 14.36 -18.21
CA GLY F 30 -34.14 14.41 -16.77
C GLY F 30 -33.43 13.32 -16.00
N ALA F 31 -32.97 12.27 -16.68
CA ALA F 31 -32.21 11.24 -15.99
C ALA F 31 -30.72 11.58 -15.94
N GLY F 32 -30.41 12.79 -15.49
CA GLY F 32 -29.04 13.24 -15.33
C GLY F 32 -28.31 13.54 -16.62
N PHE F 33 -29.00 13.58 -17.76
CA PHE F 33 -28.34 13.74 -19.04
C PHE F 33 -28.26 15.22 -19.43
N ASP F 34 -27.68 15.46 -20.60
CA ASP F 34 -27.38 16.80 -21.08
C ASP F 34 -28.18 17.10 -22.35
N VAL F 35 -28.33 18.39 -22.64
CA VAL F 35 -29.03 18.88 -23.82
C VAL F 35 -28.15 19.91 -24.52
N HIS F 36 -27.98 19.76 -25.83
CA HIS F 36 -27.17 20.67 -26.61
C HIS F 36 -28.00 21.27 -27.75
N TRP F 37 -27.69 22.50 -28.12
CA TRP F 37 -28.46 23.25 -29.11
C TRP F 37 -27.55 23.70 -30.24
N TYR F 38 -28.01 23.47 -31.48
CA TYR F 38 -27.33 23.80 -32.72
C TYR F 38 -28.18 24.73 -33.57
N GLN F 39 -27.66 25.11 -34.74
CA GLN F 39 -28.36 25.92 -35.71
C GLN F 39 -28.20 25.32 -37.09
N HIS F 40 -29.14 25.61 -37.98
CA HIS F 40 -29.17 25.04 -39.32
C HIS F 40 -29.49 26.12 -40.36
N LEU F 41 -28.73 27.20 -40.36
CA LEU F 41 -28.80 28.16 -41.46
C LEU F 41 -28.49 27.45 -42.77
N PRO F 42 -29.31 27.62 -43.81
CA PRO F 42 -29.08 26.91 -45.08
C PRO F 42 -27.75 27.31 -45.72
N GLY F 43 -27.12 26.35 -46.39
CA GLY F 43 -25.77 26.55 -46.85
C GLY F 43 -24.76 25.83 -45.98
N LYS F 44 -24.15 26.58 -45.06
CA LYS F 44 -23.17 26.03 -44.14
C LYS F 44 -23.80 24.97 -43.24
N ALA F 45 -23.04 23.90 -43.00
CA ALA F 45 -23.49 22.78 -42.20
C ALA F 45 -23.77 23.20 -40.76
N PRO F 46 -24.61 22.47 -40.03
CA PRO F 46 -24.90 22.83 -38.64
C PRO F 46 -23.68 22.85 -37.74
N LYS F 47 -23.64 23.86 -36.87
CA LYS F 47 -22.59 24.02 -35.88
C LYS F 47 -23.24 24.19 -34.52
N VAL F 48 -22.44 24.02 -33.47
CA VAL F 48 -22.96 23.98 -32.11
C VAL F 48 -23.03 25.39 -31.55
N ILE F 49 -24.21 25.80 -31.08
CA ILE F 49 -24.33 27.03 -30.32
C ILE F 49 -24.00 26.82 -28.86
N ILE F 50 -24.57 25.82 -28.22
CA ILE F 50 -24.33 25.64 -26.79
C ILE F 50 -24.35 24.16 -26.45
N TYR F 51 -23.35 23.73 -25.69
CA TYR F 51 -23.22 22.36 -25.24
C TYR F 51 -23.10 22.33 -23.73
N GLU F 52 -23.57 21.22 -23.14
CA GLU F 52 -23.71 20.98 -21.70
C GLU F 52 -24.59 22.02 -21.01
N ASN F 53 -25.45 22.72 -21.77
CA ASN F 53 -26.50 23.64 -21.33
C ASN F 53 -25.98 24.95 -20.76
N SER F 54 -24.69 25.07 -20.57
CA SER F 54 -24.13 26.32 -20.05
C SER F 54 -22.91 26.79 -20.83
N HIS F 55 -22.08 25.88 -21.32
CA HIS F 55 -20.85 26.24 -21.99
C HIS F 55 -21.13 26.84 -23.38
N ARG F 56 -20.10 27.47 -23.94
CA ARG F 56 -20.13 28.04 -25.27
C ARG F 56 -18.84 27.67 -25.98
N PRO F 57 -18.87 27.50 -27.31
CA PRO F 57 -17.62 27.33 -28.05
C PRO F 57 -16.93 28.65 -28.31
N SER F 58 -15.94 28.64 -29.21
CA SER F 58 -15.11 29.83 -29.44
C SER F 58 -15.94 30.98 -30.02
N GLY F 59 -16.40 30.84 -31.25
CA GLY F 59 -17.18 31.91 -31.84
C GLY F 59 -18.68 31.75 -31.66
N VAL F 60 -19.21 32.36 -30.61
CA VAL F 60 -20.63 32.43 -30.30
C VAL F 60 -20.86 33.74 -29.57
N PRO F 61 -21.83 34.55 -30.00
CA PRO F 61 -22.07 35.85 -29.35
C PRO F 61 -22.78 35.68 -28.02
N ASP F 62 -23.08 36.82 -27.39
CA ASP F 62 -23.80 36.83 -26.12
C ASP F 62 -25.31 36.78 -26.30
N ARG F 63 -25.80 36.68 -27.54
CA ARG F 63 -27.24 36.59 -27.76
C ARG F 63 -27.82 35.31 -27.18
N PHE F 64 -27.11 34.19 -27.33
CA PHE F 64 -27.66 32.89 -26.95
C PHE F 64 -27.36 32.57 -25.49
N PHE F 65 -28.39 32.18 -24.75
CA PHE F 65 -28.24 31.77 -23.36
C PHE F 65 -29.13 30.56 -23.12
N GLY F 66 -28.51 29.42 -22.82
CA GLY F 66 -29.25 28.19 -22.63
C GLY F 66 -29.34 27.78 -21.17
N SER F 67 -30.34 26.94 -20.88
CA SER F 67 -30.57 26.44 -19.53
C SER F 67 -31.37 25.15 -19.64
N LYS F 68 -31.24 24.31 -18.62
CA LYS F 68 -32.07 23.11 -18.51
C LYS F 68 -32.55 22.99 -17.07
N SER F 69 -33.71 22.36 -16.91
CA SER F 69 -34.30 22.18 -15.59
C SER F 69 -35.32 21.06 -15.68
N GLY F 70 -35.19 20.08 -14.78
CA GLY F 70 -36.06 18.92 -14.78
C GLY F 70 -35.99 18.14 -16.07
N THR F 71 -37.07 18.18 -16.85
CA THR F 71 -37.12 17.54 -18.15
C THR F 71 -37.35 18.54 -19.28
N SER F 72 -37.04 19.82 -19.05
CA SER F 72 -37.30 20.87 -20.02
C SER F 72 -36.04 21.71 -20.21
N ALA F 73 -35.70 21.99 -21.47
CA ALA F 73 -34.57 22.82 -21.80
C ALA F 73 -35.04 24.05 -22.58
N SER F 74 -34.38 25.18 -22.33
CA SER F 74 -34.73 26.44 -22.96
C SER F 74 -33.48 27.15 -23.46
N LEU F 75 -33.66 27.94 -24.50
CA LEU F 75 -32.59 28.75 -25.09
C LEU F 75 -33.16 30.11 -25.44
N SER F 76 -32.58 31.17 -24.91
CA SER F 76 -33.06 32.52 -25.08
C SER F 76 -32.13 33.31 -25.99
N ILE F 77 -32.71 34.07 -26.90
CA ILE F 77 -31.98 34.98 -27.78
C ILE F 77 -32.34 36.40 -27.36
N SER F 78 -31.35 37.15 -26.92
CA SER F 78 -31.55 38.50 -26.40
C SER F 78 -31.11 39.52 -27.44
N GLY F 79 -32.06 40.28 -27.98
CA GLY F 79 -31.75 41.21 -29.05
C GLY F 79 -31.46 40.50 -30.35
N LEU F 80 -32.50 39.90 -30.93
CA LEU F 80 -32.33 39.10 -32.15
C LEU F 80 -31.89 39.95 -33.33
N GLN F 81 -31.16 39.34 -34.24
CA GLN F 81 -30.56 40.02 -35.37
C GLN F 81 -30.94 39.30 -36.65
N PRO F 82 -30.99 40.00 -37.80
CA PRO F 82 -31.75 39.48 -38.95
C PRO F 82 -31.29 38.15 -39.55
N GLU F 83 -29.99 37.85 -39.57
CA GLU F 83 -29.53 36.63 -40.24
C GLU F 83 -29.50 35.42 -39.30
N ASP F 84 -30.25 35.47 -38.19
CA ASP F 84 -30.38 34.33 -37.30
C ASP F 84 -31.51 33.39 -37.70
N GLU F 85 -32.16 33.65 -38.83
CA GLU F 85 -33.24 32.78 -39.33
C GLU F 85 -32.67 31.42 -39.71
N ALA F 86 -32.98 30.39 -38.91
CA ALA F 86 -32.39 29.07 -39.09
C ALA F 86 -33.29 28.04 -38.44
N ASP F 87 -32.77 26.83 -38.25
CA ASP F 87 -33.46 25.76 -37.55
C ASP F 87 -32.66 25.43 -36.29
N TYR F 88 -33.22 25.78 -35.14
CA TYR F 88 -32.58 25.53 -33.86
C TYR F 88 -33.02 24.17 -33.34
N TYR F 89 -32.08 23.46 -32.72
CA TYR F 89 -32.23 22.04 -32.43
C TYR F 89 -32.06 21.78 -30.94
N CYS F 90 -32.50 20.60 -30.52
CA CYS F 90 -32.11 20.03 -29.23
C CYS F 90 -31.64 18.60 -29.45
N GLN F 91 -30.61 18.20 -28.71
CA GLN F 91 -30.14 16.83 -28.73
C GLN F 91 -30.04 16.32 -27.31
N SER F 92 -30.56 15.12 -27.11
CA SER F 92 -30.53 14.45 -25.82
C SER F 92 -29.93 13.07 -26.03
N TYR F 93 -29.95 12.23 -24.98
CA TYR F 93 -29.30 10.94 -25.04
C TYR F 93 -30.22 9.85 -24.49
N ASP F 94 -31.43 9.75 -25.05
CA ASP F 94 -32.39 8.72 -24.68
C ASP F 94 -31.79 7.32 -24.77
N ARG F 95 -32.08 6.50 -23.76
CA ARG F 95 -31.44 5.19 -23.60
C ARG F 95 -31.96 4.16 -24.59
N GLY F 96 -32.94 4.50 -25.43
CA GLY F 96 -33.40 3.61 -26.47
C GLY F 96 -32.73 3.96 -27.78
N LEU F 97 -33.43 4.68 -28.65
CA LEU F 97 -32.78 5.37 -29.76
C LEU F 97 -31.76 6.33 -29.15
N ASP F 98 -30.47 6.05 -29.36
CA ASP F 98 -29.41 6.61 -28.51
C ASP F 98 -29.32 8.13 -28.56
N TRP F 99 -28.85 8.70 -29.66
CA TRP F 99 -28.63 10.14 -29.74
C TRP F 99 -29.82 10.75 -30.50
N VAL F 100 -30.91 10.94 -29.77
CA VAL F 100 -32.14 11.40 -30.40
C VAL F 100 -32.03 12.88 -30.72
N PHE F 101 -32.85 13.33 -31.67
CA PHE F 101 -32.83 14.69 -32.16
C PHE F 101 -34.24 15.26 -32.18
N GLY F 102 -34.37 16.53 -31.85
CA GLY F 102 -35.67 17.18 -31.86
C GLY F 102 -36.17 17.44 -33.25
N GLY F 103 -37.44 17.86 -33.32
CA GLY F 103 -38.05 18.15 -34.60
C GLY F 103 -37.57 19.43 -35.25
N GLY F 104 -36.89 20.27 -34.50
CA GLY F 104 -36.34 21.50 -35.05
C GLY F 104 -37.32 22.65 -35.06
N THR F 105 -36.87 23.82 -34.62
CA THR F 105 -37.69 25.01 -34.57
C THR F 105 -37.18 26.00 -35.62
N LYS F 106 -38.05 26.40 -36.53
CA LYS F 106 -37.68 27.33 -37.60
C LYS F 106 -37.86 28.76 -37.08
N LEU F 107 -36.75 29.42 -36.77
CA LEU F 107 -36.76 30.78 -36.27
C LEU F 107 -36.54 31.73 -37.43
N THR F 108 -37.48 32.64 -37.65
CA THR F 108 -37.41 33.61 -38.74
C THR F 108 -37.83 34.98 -38.22
N VAL F 109 -37.24 36.02 -38.80
CA VAL F 109 -37.58 37.39 -38.44
C VAL F 109 -38.90 37.78 -39.10
N LEU F 110 -39.49 38.88 -38.64
CA LEU F 110 -40.77 39.31 -39.15
C LEU F 110 -40.66 40.70 -39.79
N GLN G 26 19.26 -16.21 18.15
CA GLN G 26 20.38 -17.11 18.35
C GLN G 26 21.68 -16.33 18.50
N ASN G 27 22.26 -15.91 17.39
CA ASN G 27 23.53 -15.19 17.37
C ASN G 27 23.46 -14.00 16.41
N ILE G 28 22.39 -13.22 16.52
CA ILE G 28 22.23 -12.02 15.70
C ILE G 28 23.17 -10.97 16.27
N THR G 29 24.34 -10.82 15.67
CA THR G 29 25.29 -9.82 16.13
C THR G 29 25.08 -8.51 15.38
N GLU G 30 25.76 -7.47 15.84
CA GLU G 30 25.72 -6.21 15.11
C GLU G 30 27.01 -5.46 15.30
N GLU G 31 27.27 -4.55 14.36
CA GLU G 31 28.39 -3.63 14.44
C GLU G 31 27.88 -2.23 14.13
N PHE G 32 28.46 -1.25 14.81
CA PHE G 32 28.23 0.15 14.50
C PHE G 32 29.53 0.77 14.05
N TYR G 33 29.53 1.32 12.84
CA TYR G 33 30.67 2.04 12.29
C TYR G 33 30.41 3.53 12.46
N GLN G 34 31.31 4.21 13.17
CA GLN G 34 31.18 5.65 13.34
C GLN G 34 31.74 6.44 12.17
N SER G 35 32.33 5.75 11.18
CA SER G 35 32.85 6.45 10.00
C SER G 35 31.74 7.10 9.21
N THR G 36 30.66 6.36 8.95
CA THR G 36 29.46 6.90 8.31
C THR G 36 28.24 6.81 9.23
N CYS G 37 28.48 6.52 10.51
CA CYS G 37 27.48 6.13 11.50
C CYS G 37 26.43 5.19 10.92
N SER G 38 26.92 4.05 10.42
CA SER G 38 26.10 3.02 9.82
C SER G 38 26.07 1.78 10.71
N ALA G 39 24.88 1.22 10.88
CA ALA G 39 24.71 -0.04 11.57
C ALA G 39 24.68 -1.17 10.57
N VAL G 40 25.39 -2.25 10.88
CA VAL G 40 25.33 -3.46 10.09
C VAL G 40 24.97 -4.59 11.06
N SER G 41 23.76 -5.12 10.94
CA SER G 41 23.38 -6.28 11.73
C SER G 41 23.78 -7.53 10.96
N LYS G 42 24.57 -8.38 11.61
CA LYS G 42 25.26 -9.49 10.96
C LYS G 42 24.72 -10.81 11.52
N GLY G 43 24.39 -11.72 10.61
CA GLY G 43 23.92 -13.05 10.92
C GLY G 43 22.42 -13.05 10.81
N TYR G 44 21.93 -13.33 9.60
CA TYR G 44 20.51 -13.28 9.31
C TYR G 44 20.17 -14.32 8.25
N LEU G 45 20.56 -15.57 8.49
CA LEU G 45 20.44 -16.70 7.56
C LEU G 45 19.09 -16.72 6.87
N SER G 46 19.11 -16.62 5.54
CA SER G 46 18.01 -16.05 4.77
C SER G 46 17.42 -17.06 3.79
N ALA G 47 16.56 -16.56 2.92
CA ALA G 47 15.99 -17.36 1.84
C ALA G 47 15.50 -16.38 0.77
N LEU G 48 16.07 -16.48 -0.43
CA LEU G 48 15.66 -15.63 -1.54
C LEU G 48 14.38 -16.19 -2.16
N ARG G 49 13.97 -15.62 -3.29
CA ARG G 49 12.79 -16.04 -4.04
C ARG G 49 13.14 -16.21 -5.51
N THR G 50 14.17 -17.01 -5.79
CA THR G 50 14.76 -17.00 -7.13
C THR G 50 13.84 -17.56 -8.21
N GLY G 51 12.73 -18.21 -7.85
CA GLY G 51 11.83 -18.73 -8.87
C GLY G 51 10.37 -18.64 -8.45
N TRP G 52 9.50 -18.88 -9.44
CA TRP G 52 8.08 -19.06 -9.20
C TRP G 52 7.70 -20.51 -9.50
N TYR G 53 6.53 -20.91 -9.02
CA TYR G 53 6.00 -22.23 -9.33
C TYR G 53 4.49 -22.15 -9.41
N THR G 54 3.91 -22.63 -10.50
CA THR G 54 2.48 -22.53 -10.75
C THR G 54 1.78 -23.82 -10.38
N SER G 55 0.62 -23.70 -9.73
CA SER G 55 -0.16 -24.83 -9.28
C SER G 55 -1.63 -24.56 -9.58
N VAL G 56 -2.32 -25.54 -10.17
CA VAL G 56 -3.66 -25.35 -10.69
C VAL G 56 -4.64 -25.92 -9.66
N ILE G 57 -5.23 -25.03 -8.86
CA ILE G 57 -6.33 -25.43 -8.01
C ILE G 57 -7.60 -25.50 -8.83
N THR G 58 -8.35 -26.58 -8.71
CA THR G 58 -9.63 -26.71 -9.37
C THR G 58 -10.71 -26.91 -8.31
N ILE G 59 -11.75 -26.09 -8.36
CA ILE G 59 -12.97 -26.31 -7.59
C ILE G 59 -13.97 -26.98 -8.52
N GLU G 60 -14.41 -28.18 -8.16
CA GLU G 60 -15.36 -28.90 -8.98
C GLU G 60 -16.73 -28.25 -8.85
N LEU G 61 -17.14 -27.50 -9.88
CA LEU G 61 -18.43 -26.83 -9.87
C LEU G 61 -19.54 -27.76 -10.32
N SER G 62 -20.77 -27.31 -10.14
CA SER G 62 -21.94 -28.05 -10.54
C SER G 62 -22.83 -27.19 -11.42
N ASN G 63 -23.47 -27.82 -12.40
CA ASN G 63 -24.42 -27.16 -13.29
C ASN G 63 -25.83 -27.66 -12.96
N ILE G 64 -26.74 -26.72 -12.71
CA ILE G 64 -28.12 -27.04 -12.35
C ILE G 64 -29.02 -26.51 -13.46
N LYS G 65 -29.84 -27.41 -14.02
CA LYS G 65 -30.74 -27.01 -15.10
C LYS G 65 -31.83 -26.08 -14.60
N GLU G 66 -32.50 -26.45 -13.51
CA GLU G 66 -33.58 -25.66 -12.97
C GLU G 66 -33.80 -26.05 -11.50
N ASN G 67 -34.26 -25.08 -10.72
CA ASN G 67 -34.57 -25.23 -9.31
C ASN G 67 -35.94 -24.61 -9.03
N LYS G 68 -36.94 -25.07 -9.78
CA LYS G 68 -38.26 -24.44 -9.85
C LYS G 68 -38.94 -24.29 -8.49
N CYS G 69 -39.28 -25.42 -7.86
CA CYS G 69 -39.83 -25.47 -6.50
C CYS G 69 -41.12 -24.64 -6.38
N ASN G 70 -42.16 -25.13 -7.06
CA ASN G 70 -43.44 -24.44 -7.06
C ASN G 70 -44.04 -24.39 -5.65
N GLY G 71 -43.91 -25.47 -4.89
CA GLY G 71 -44.24 -25.42 -3.48
C GLY G 71 -43.23 -24.62 -2.69
N THR G 72 -43.68 -24.07 -1.57
CA THR G 72 -42.85 -23.21 -0.74
C THR G 72 -42.92 -23.62 0.73
N ASP G 73 -41.77 -23.53 1.40
CA ASP G 73 -41.68 -23.71 2.84
C ASP G 73 -40.53 -22.84 3.32
N ALA G 74 -40.31 -22.85 4.65
CA ALA G 74 -39.25 -22.02 5.21
C ALA G 74 -37.87 -22.56 4.87
N LYS G 75 -37.65 -23.86 5.08
CA LYS G 75 -36.34 -24.45 4.80
C LYS G 75 -36.09 -24.52 3.30
N VAL G 76 -37.14 -24.73 2.51
CA VAL G 76 -36.99 -24.71 1.06
C VAL G 76 -36.66 -23.31 0.57
N LYS G 77 -37.24 -22.28 1.22
CA LYS G 77 -36.84 -20.91 0.91
C LYS G 77 -35.38 -20.66 1.26
N LEU G 78 -34.92 -21.23 2.38
CA LEU G 78 -33.52 -21.09 2.78
C LEU G 78 -32.60 -21.73 1.74
N ILE G 79 -32.91 -22.95 1.33
CA ILE G 79 -32.06 -23.64 0.35
C ILE G 79 -32.16 -22.99 -1.01
N LYS G 80 -33.31 -22.37 -1.33
CA LYS G 80 -33.46 -21.65 -2.59
C LYS G 80 -32.62 -20.39 -2.60
N GLN G 81 -32.62 -19.65 -1.49
CA GLN G 81 -31.78 -18.46 -1.38
C GLN G 81 -30.30 -18.84 -1.45
N GLU G 82 -29.93 -19.97 -0.84
CA GLU G 82 -28.53 -20.40 -0.89
C GLU G 82 -28.13 -20.80 -2.30
N LEU G 83 -28.99 -21.52 -3.01
CA LEU G 83 -28.67 -21.90 -4.39
C LEU G 83 -28.64 -20.68 -5.30
N ASP G 84 -29.48 -19.68 -5.03
CA ASP G 84 -29.43 -18.44 -5.80
C ASP G 84 -28.14 -17.67 -5.55
N LYS G 85 -27.68 -17.65 -4.29
CA LYS G 85 -26.39 -17.02 -3.99
C LYS G 85 -25.24 -17.76 -4.66
N TYR G 86 -25.31 -19.10 -4.68
CA TYR G 86 -24.29 -19.88 -5.37
C TYR G 86 -24.30 -19.61 -6.87
N LYS G 87 -25.50 -19.49 -7.46
CA LYS G 87 -25.59 -19.20 -8.89
C LYS G 87 -25.08 -17.80 -9.21
N ASN G 88 -25.36 -16.83 -8.34
CA ASN G 88 -24.84 -15.48 -8.55
C ASN G 88 -23.31 -15.46 -8.41
N ALA G 89 -22.77 -16.25 -7.47
CA ALA G 89 -21.32 -16.35 -7.34
C ALA G 89 -20.69 -16.99 -8.58
N VAL G 90 -21.34 -18.01 -9.14
CA VAL G 90 -20.83 -18.64 -10.36
C VAL G 90 -20.90 -17.67 -11.53
N THR G 91 -21.97 -16.89 -11.63
CA THR G 91 -22.09 -15.89 -12.69
C THR G 91 -21.03 -14.80 -12.56
N GLU G 92 -20.76 -14.35 -11.33
CA GLU G 92 -19.70 -13.38 -11.10
C GLU G 92 -18.33 -13.97 -11.44
N LEU G 93 -18.15 -15.26 -11.16
CA LEU G 93 -16.89 -15.92 -11.53
C LEU G 93 -16.75 -16.02 -13.04
N GLN G 94 -17.87 -16.24 -13.73
CA GLN G 94 -17.86 -16.23 -15.20
C GLN G 94 -17.48 -14.86 -15.73
N LEU G 95 -18.03 -13.79 -15.14
CA LEU G 95 -17.61 -12.44 -15.47
C LEU G 95 -16.21 -12.11 -14.99
N LEU G 96 -15.62 -12.97 -14.17
CA LEU G 96 -14.34 -12.73 -13.53
C LEU G 96 -13.17 -13.35 -14.31
N MET G 97 -13.41 -13.75 -15.55
CA MET G 97 -12.42 -14.42 -16.40
C MET G 97 -11.18 -13.55 -16.64
N PHE G 137 16.92 4.93 0.01
CA PHE G 137 16.76 5.98 -1.01
C PHE G 137 17.05 5.43 -2.39
N LEU G 138 17.61 4.23 -2.44
CA LEU G 138 18.04 3.63 -3.69
C LEU G 138 16.92 2.81 -4.32
N GLY G 139 15.75 3.43 -4.45
CA GLY G 139 14.58 2.75 -4.97
C GLY G 139 14.37 2.99 -6.45
N PHE G 140 14.76 4.18 -6.91
CA PHE G 140 14.68 4.47 -8.34
C PHE G 140 15.64 3.61 -9.14
N LEU G 141 16.81 3.34 -8.58
CA LEU G 141 17.89 2.65 -9.29
C LEU G 141 17.70 1.14 -9.06
N LEU G 142 16.70 0.59 -9.73
CA LEU G 142 16.30 -0.79 -9.54
C LEU G 142 15.87 -1.37 -10.88
N GLY G 143 15.34 -2.59 -10.84
CA GLY G 143 14.73 -3.20 -12.00
C GLY G 143 13.28 -3.55 -11.73
N VAL G 144 12.37 -3.03 -12.54
CA VAL G 144 10.93 -3.21 -12.32
C VAL G 144 10.44 -4.31 -13.22
N GLY G 145 9.71 -5.26 -12.64
CA GLY G 145 9.17 -6.36 -13.41
C GLY G 145 7.81 -6.78 -12.88
N SER G 146 6.95 -7.22 -13.79
CA SER G 146 5.66 -7.77 -13.40
C SER G 146 5.86 -9.09 -12.66
N ALA G 147 5.15 -9.22 -11.54
CA ALA G 147 5.33 -10.36 -10.65
C ALA G 147 4.44 -11.55 -10.96
N ILE G 148 3.53 -11.42 -11.92
CA ILE G 148 2.51 -12.45 -12.14
C ILE G 148 2.60 -13.00 -13.55
N ALA G 149 3.80 -13.05 -14.12
CA ALA G 149 3.93 -13.51 -15.49
C ALA G 149 3.78 -15.03 -15.59
N SER G 150 4.18 -15.76 -14.55
CA SER G 150 4.07 -17.22 -14.59
C SER G 150 2.62 -17.67 -14.54
N GLY G 151 1.81 -17.05 -13.67
CA GLY G 151 0.41 -17.40 -13.59
C GLY G 151 -0.36 -17.02 -14.84
N VAL G 152 -0.03 -15.87 -15.44
CA VAL G 152 -0.62 -15.49 -16.72
C VAL G 152 -0.19 -16.46 -17.81
N ALA G 153 1.05 -16.94 -17.74
CA ALA G 153 1.54 -17.90 -18.73
C ALA G 153 0.79 -19.22 -18.66
N VAL G 154 0.60 -19.76 -17.45
CA VAL G 154 -0.13 -21.02 -17.37
C VAL G 154 -1.62 -20.82 -17.62
N CYS G 155 -2.15 -19.63 -17.33
CA CYS G 155 -3.54 -19.33 -17.69
C CYS G 155 -3.72 -19.31 -19.20
N LYS G 156 -2.78 -18.70 -19.91
CA LYS G 156 -2.83 -18.67 -21.37
C LYS G 156 -2.67 -20.07 -21.95
N VAL G 157 -1.78 -20.88 -21.38
CA VAL G 157 -1.61 -22.23 -21.90
C VAL G 157 -2.77 -23.13 -21.51
N LEU G 158 -3.54 -22.77 -20.48
CA LEU G 158 -4.77 -23.49 -20.19
C LEU G 158 -5.89 -23.09 -21.14
N HIS G 159 -5.92 -21.81 -21.55
CA HIS G 159 -7.04 -21.28 -22.33
C HIS G 159 -7.23 -21.95 -23.69
N LEU G 160 -6.23 -22.64 -24.21
CA LEU G 160 -6.41 -23.34 -25.47
C LEU G 160 -7.32 -24.54 -25.25
N GLU G 161 -8.05 -24.91 -26.29
CA GLU G 161 -9.15 -25.87 -26.15
C GLU G 161 -8.65 -27.28 -25.84
N GLY G 162 -9.42 -27.99 -25.01
CA GLY G 162 -9.16 -29.37 -24.71
C GLY G 162 -8.28 -29.64 -23.50
N GLU G 163 -7.69 -28.60 -22.90
CA GLU G 163 -6.79 -28.82 -21.77
C GLU G 163 -7.55 -29.18 -20.50
N VAL G 164 -8.67 -28.52 -20.24
CA VAL G 164 -9.33 -28.71 -18.96
C VAL G 164 -10.12 -30.01 -18.95
N ASN G 165 -10.51 -30.48 -20.13
CA ASN G 165 -11.04 -31.83 -20.25
C ASN G 165 -9.98 -32.86 -19.89
N LYS G 166 -8.74 -32.63 -20.30
CA LYS G 166 -7.63 -33.48 -19.87
C LYS G 166 -7.41 -33.39 -18.37
N ILE G 167 -7.57 -32.20 -17.80
CA ILE G 167 -7.44 -32.01 -16.35
C ILE G 167 -8.50 -32.85 -15.63
N LYS G 168 -9.74 -32.79 -16.10
CA LYS G 168 -10.82 -33.56 -15.50
C LYS G 168 -10.61 -35.06 -15.66
N SER G 169 -10.12 -35.49 -16.83
CA SER G 169 -9.91 -36.92 -17.06
C SER G 169 -8.76 -37.46 -16.22
N ALA G 170 -7.71 -36.66 -16.02
CA ALA G 170 -6.60 -37.07 -15.17
C ALA G 170 -6.87 -36.88 -13.70
N LEU G 171 -7.91 -36.13 -13.34
CA LEU G 171 -8.23 -35.86 -11.94
C LEU G 171 -9.48 -36.58 -11.46
N LEU G 172 -9.96 -37.58 -12.21
CA LEU G 172 -11.18 -38.27 -11.81
C LEU G 172 -10.97 -39.15 -10.59
N SER G 173 -9.90 -39.93 -10.56
CA SER G 173 -9.65 -40.85 -9.46
C SER G 173 -8.72 -40.25 -8.41
N THR G 174 -7.50 -39.89 -8.79
CA THR G 174 -6.54 -39.36 -7.84
C THR G 174 -6.88 -37.92 -7.48
N ASN G 175 -6.61 -37.56 -6.23
CA ASN G 175 -6.91 -36.24 -5.72
C ASN G 175 -5.76 -35.26 -5.87
N LYS G 176 -4.57 -35.74 -6.24
CA LYS G 176 -3.43 -34.85 -6.49
C LYS G 176 -2.63 -35.32 -7.70
N ALA G 177 -3.31 -35.68 -8.78
CA ALA G 177 -2.61 -36.15 -9.96
C ALA G 177 -1.94 -34.99 -10.69
N VAL G 178 -0.95 -35.32 -11.50
CA VAL G 178 -0.18 -34.34 -12.26
C VAL G 178 -0.46 -34.56 -13.74
N VAL G 179 -0.71 -33.48 -14.47
CA VAL G 179 -0.87 -33.53 -15.92
C VAL G 179 0.39 -32.95 -16.56
N SER G 180 0.67 -33.39 -17.79
CA SER G 180 1.88 -32.95 -18.48
C SER G 180 1.63 -31.68 -19.29
N LEU G 181 0.37 -31.46 -19.70
CA LEU G 181 -0.07 -30.35 -20.55
C LEU G 181 0.60 -30.35 -21.92
N SER G 182 0.21 -29.42 -22.78
CA SER G 182 0.76 -29.36 -24.13
C SER G 182 2.08 -28.63 -24.20
N ASN G 183 2.35 -27.70 -23.28
CA ASN G 183 3.56 -26.91 -23.32
C ASN G 183 4.79 -27.66 -22.84
N GLY G 184 4.61 -28.85 -22.26
CA GLY G 184 5.72 -29.57 -21.67
C GLY G 184 6.01 -29.21 -20.23
N VAL G 185 5.25 -28.29 -19.65
CA VAL G 185 5.43 -27.88 -18.26
C VAL G 185 4.51 -28.73 -17.38
N SER G 186 5.08 -29.29 -16.31
CA SER G 186 4.33 -30.11 -15.37
C SER G 186 3.73 -29.19 -14.30
N VAL G 187 2.42 -29.26 -14.13
CA VAL G 187 1.71 -28.42 -13.16
C VAL G 187 0.94 -29.33 -12.21
N LEU G 188 1.06 -29.05 -10.92
CA LEU G 188 0.32 -29.80 -9.91
C LEU G 188 -1.11 -29.27 -9.89
N THR G 189 -2.05 -30.06 -10.40
CA THR G 189 -3.44 -29.66 -10.49
C THR G 189 -4.28 -30.57 -9.62
N PHE G 190 -5.10 -29.97 -8.75
CA PHE G 190 -5.81 -30.79 -7.79
C PHE G 190 -7.03 -30.07 -7.24
N LYS G 191 -7.96 -30.87 -6.70
CA LYS G 191 -9.21 -30.38 -6.17
C LYS G 191 -9.11 -30.12 -4.68
N VAL G 192 -9.92 -29.17 -4.20
CA VAL G 192 -9.87 -28.83 -2.79
C VAL G 192 -11.28 -28.74 -2.19
N LEU G 193 -12.31 -28.72 -3.03
CA LEU G 193 -13.64 -28.44 -2.51
C LEU G 193 -14.69 -29.47 -2.94
N ASP G 194 -14.47 -30.12 -4.10
CA ASP G 194 -15.29 -31.13 -4.78
C ASP G 194 -16.80 -30.97 -4.59
N LEU G 195 -17.29 -29.75 -4.87
CA LEU G 195 -18.72 -29.45 -4.73
C LEU G 195 -19.56 -30.21 -5.74
N LYS G 196 -18.98 -30.64 -6.86
CA LYS G 196 -19.72 -31.42 -7.85
C LYS G 196 -20.10 -32.78 -7.29
N ASN G 197 -19.21 -33.40 -6.51
CA ASN G 197 -19.51 -34.67 -5.88
C ASN G 197 -20.52 -34.52 -4.74
N TYR G 198 -20.71 -33.30 -4.23
CA TYR G 198 -21.72 -33.08 -3.20
C TYR G 198 -23.08 -32.81 -3.82
N ILE G 199 -23.15 -31.93 -4.83
CA ILE G 199 -24.43 -31.59 -5.43
C ILE G 199 -24.96 -32.73 -6.31
N ASP G 200 -24.12 -33.73 -6.62
CA ASP G 200 -24.46 -34.84 -7.51
C ASP G 200 -25.68 -35.62 -7.06
N LYS G 201 -25.61 -36.34 -5.93
CA LYS G 201 -26.84 -36.79 -5.28
C LYS G 201 -26.74 -36.57 -3.76
N GLN G 202 -26.88 -35.31 -3.34
CA GLN G 202 -27.25 -34.98 -1.97
C GLN G 202 -28.34 -33.93 -1.88
N LEU G 203 -28.49 -33.06 -2.88
CA LEU G 203 -29.47 -31.97 -2.83
C LEU G 203 -30.44 -32.00 -3.99
N LEU G 204 -29.96 -32.28 -5.20
CA LEU G 204 -30.85 -32.32 -6.37
C LEU G 204 -31.89 -33.45 -6.31
N PRO G 205 -31.55 -34.71 -5.97
CA PRO G 205 -32.65 -35.70 -5.84
C PRO G 205 -33.62 -35.38 -4.72
N ILE G 206 -33.14 -34.81 -3.62
CA ILE G 206 -34.03 -34.47 -2.50
C ILE G 206 -34.97 -33.33 -2.88
N LEU G 207 -34.48 -32.38 -3.68
CA LEU G 207 -35.30 -31.23 -4.06
C LEU G 207 -36.44 -31.64 -4.99
N ASN G 208 -36.30 -32.77 -5.69
CA ASN G 208 -37.27 -33.17 -6.70
C ASN G 208 -37.98 -34.47 -6.36
N LYS G 209 -38.14 -34.79 -5.07
CA LYS G 209 -38.92 -35.95 -4.68
C LYS G 209 -40.15 -35.61 -3.84
N GLN G 210 -39.98 -34.87 -2.74
CA GLN G 210 -41.11 -34.58 -1.85
C GLN G 210 -41.75 -33.23 -2.16
N SER G 211 -42.06 -33.00 -3.44
CA SER G 211 -42.70 -31.77 -3.93
C SER G 211 -41.96 -30.52 -3.46
N CYS G 212 -40.63 -30.55 -3.59
CA CYS G 212 -39.71 -29.50 -3.14
C CYS G 212 -39.86 -29.25 -1.63
N SER G 213 -39.51 -30.25 -0.84
CA SER G 213 -39.50 -30.15 0.60
C SER G 213 -38.32 -30.94 1.17
N ILE G 214 -37.65 -30.37 2.15
CA ILE G 214 -36.52 -31.01 2.83
C ILE G 214 -37.01 -31.58 4.14
N SER G 215 -36.82 -32.89 4.34
CA SER G 215 -37.25 -33.52 5.57
C SER G 215 -36.38 -33.10 6.75
N ASN G 216 -35.08 -32.94 6.52
CA ASN G 216 -34.15 -32.57 7.57
C ASN G 216 -33.97 -31.05 7.61
N ILE G 217 -33.19 -30.58 8.57
CA ILE G 217 -32.89 -29.16 8.69
C ILE G 217 -31.40 -28.85 8.70
N GLU G 218 -30.54 -29.83 8.97
CA GLU G 218 -29.09 -29.60 9.02
C GLU G 218 -28.44 -29.61 7.65
N THR G 219 -29.17 -30.01 6.59
CA THR G 219 -28.60 -30.04 5.26
C THR G 219 -28.26 -28.65 4.76
N VAL G 220 -29.09 -27.65 5.09
CA VAL G 220 -28.81 -26.29 4.66
C VAL G 220 -27.60 -25.72 5.40
N ILE G 221 -27.40 -26.11 6.66
CA ILE G 221 -26.22 -25.67 7.39
C ILE G 221 -24.96 -26.34 6.83
N GLU G 222 -25.07 -27.62 6.45
CA GLU G 222 -23.95 -28.28 5.79
C GLU G 222 -23.64 -27.63 4.45
N PHE G 223 -24.68 -27.19 3.73
CA PHE G 223 -24.47 -26.48 2.48
C PHE G 223 -23.83 -25.12 2.71
N GLN G 224 -24.17 -24.46 3.82
CA GLN G 224 -23.49 -23.22 4.20
C GLN G 224 -22.01 -23.47 4.43
N GLN G 225 -21.69 -24.54 5.16
CA GLN G 225 -20.29 -24.87 5.45
C GLN G 225 -19.52 -25.20 4.17
N LYS G 226 -20.15 -25.89 3.23
CA LYS G 226 -19.46 -26.24 2.00
C LYS G 226 -19.37 -25.06 1.03
N ASN G 227 -20.35 -24.17 1.04
CA ASN G 227 -20.39 -23.05 0.10
C ASN G 227 -19.66 -21.81 0.61
N ASN G 228 -19.24 -21.81 1.88
CA ASN G 228 -18.49 -20.67 2.41
C ASN G 228 -17.18 -20.47 1.66
N ARG G 229 -16.51 -21.58 1.28
CA ARG G 229 -15.26 -21.48 0.56
C ARG G 229 -15.44 -20.81 -0.79
N LEU G 230 -16.45 -21.23 -1.55
CA LEU G 230 -16.67 -20.67 -2.88
C LEU G 230 -17.14 -19.23 -2.81
N LEU G 231 -17.98 -18.90 -1.82
CA LEU G 231 -18.43 -17.52 -1.69
C LEU G 231 -17.29 -16.60 -1.28
N GLU G 232 -16.41 -17.06 -0.39
CA GLU G 232 -15.24 -16.25 -0.04
C GLU G 232 -14.28 -16.13 -1.22
N ILE G 233 -14.20 -17.17 -2.05
CA ILE G 233 -13.39 -17.08 -3.28
C ILE G 233 -13.93 -15.97 -4.18
N THR G 234 -15.25 -15.95 -4.35
CA THR G 234 -15.89 -14.93 -5.18
C THR G 234 -15.64 -13.53 -4.64
N ARG G 235 -15.82 -13.35 -3.32
CA ARG G 235 -15.62 -12.03 -2.72
C ARG G 235 -14.17 -11.58 -2.83
N GLU G 236 -13.22 -12.45 -2.47
CA GLU G 236 -11.82 -12.06 -2.43
C GLU G 236 -11.27 -11.83 -3.82
N PHE G 237 -11.83 -12.49 -4.83
CA PHE G 237 -11.34 -12.25 -6.18
C PHE G 237 -11.98 -11.01 -6.79
N SER G 238 -13.27 -10.78 -6.51
CA SER G 238 -13.92 -9.62 -7.11
C SER G 238 -13.46 -8.32 -6.47
N VAL G 239 -13.02 -8.38 -5.22
CA VAL G 239 -12.44 -7.19 -4.59
C VAL G 239 -11.13 -6.82 -5.26
N ASN G 240 -10.29 -7.80 -5.57
CA ASN G 240 -8.91 -7.58 -6.00
C ASN G 240 -8.72 -7.85 -7.49
N ALA G 241 -9.67 -7.40 -8.32
CA ALA G 241 -9.66 -7.54 -9.77
C ALA G 241 -9.60 -9.00 -10.21
N GLY G 242 -8.40 -9.48 -10.56
CA GLY G 242 -8.26 -10.89 -10.88
C GLY G 242 -7.05 -11.50 -10.21
N VAL G 243 -6.20 -10.66 -9.64
CA VAL G 243 -4.94 -11.07 -9.02
C VAL G 243 -4.92 -10.52 -7.61
N THR G 244 -4.80 -11.40 -6.62
CA THR G 244 -4.81 -10.98 -5.23
C THR G 244 -3.55 -11.47 -4.54
N THR G 245 -3.19 -10.78 -3.46
CA THR G 245 -2.08 -11.12 -2.61
C THR G 245 -2.35 -10.49 -1.25
N PRO G 246 -2.11 -11.21 -0.16
CA PRO G 246 -1.65 -12.60 -0.05
C PRO G 246 -2.74 -13.61 -0.32
N VAL G 247 -2.38 -14.87 -0.52
CA VAL G 247 -3.36 -15.95 -0.66
C VAL G 247 -4.00 -16.18 0.70
N SER G 248 -5.32 -16.19 0.75
CA SER G 248 -5.99 -16.36 2.04
C SER G 248 -6.13 -17.84 2.39
N THR G 249 -6.51 -18.10 3.64
CA THR G 249 -6.59 -19.48 4.10
C THR G 249 -7.80 -20.19 3.52
N TYR G 250 -8.88 -19.47 3.25
CA TYR G 250 -10.02 -20.10 2.57
C TYR G 250 -9.79 -20.20 1.07
N MET G 251 -8.79 -19.48 0.56
CA MET G 251 -8.37 -19.64 -0.82
C MET G 251 -7.54 -20.89 -1.02
N LEU G 252 -6.76 -21.27 0.00
CA LEU G 252 -5.97 -22.49 -0.02
C LEU G 252 -5.77 -22.91 1.42
N THR G 253 -6.46 -23.98 1.84
CA THR G 253 -6.38 -24.42 3.22
C THR G 253 -4.97 -24.91 3.54
N ASN G 254 -4.55 -24.71 4.79
CA ASN G 254 -3.13 -24.84 5.11
C ASN G 254 -2.68 -26.30 5.13
N SER G 255 -3.58 -27.23 5.45
CA SER G 255 -3.24 -28.64 5.28
C SER G 255 -2.97 -28.95 3.82
N GLU G 256 -3.79 -28.39 2.93
CA GLU G 256 -3.59 -28.57 1.50
C GLU G 256 -2.32 -27.87 1.03
N LEU G 257 -2.00 -26.71 1.60
CA LEU G 257 -0.79 -26.00 1.21
C LEU G 257 0.46 -26.74 1.68
N LEU G 258 0.41 -27.32 2.88
CA LEU G 258 1.54 -28.11 3.36
C LEU G 258 1.74 -29.35 2.51
N SER G 259 0.64 -30.02 2.14
CA SER G 259 0.76 -31.21 1.29
C SER G 259 1.19 -30.83 -0.12
N LEU G 260 0.84 -29.62 -0.57
CA LEU G 260 1.24 -29.18 -1.90
C LEU G 260 2.72 -28.79 -1.93
N ILE G 261 3.19 -28.12 -0.88
CA ILE G 261 4.61 -27.80 -0.75
C ILE G 261 5.43 -29.07 -0.66
N ASN G 262 4.92 -30.08 0.06
CA ASN G 262 5.61 -31.35 0.18
C ASN G 262 5.71 -32.08 -1.16
N ASP G 263 4.77 -31.82 -2.08
CA ASP G 263 4.69 -32.57 -3.33
C ASP G 263 5.26 -31.82 -4.52
N MET G 264 5.91 -30.69 -4.31
CA MET G 264 6.37 -29.88 -5.44
C MET G 264 7.89 -29.91 -5.57
N PRO G 265 8.45 -29.81 -6.82
CA PRO G 265 9.84 -30.24 -7.07
C PRO G 265 10.93 -29.32 -6.56
N ILE G 266 11.25 -29.46 -5.26
CA ILE G 266 12.07 -28.54 -4.50
C ILE G 266 12.99 -29.34 -3.58
N THR G 267 13.95 -28.63 -2.98
CA THR G 267 14.85 -29.25 -2.01
C THR G 267 14.09 -29.65 -0.76
N ASN G 268 14.54 -30.74 -0.12
CA ASN G 268 13.92 -31.16 1.14
C ASN G 268 14.21 -30.16 2.25
N ASP G 269 15.38 -29.51 2.21
CA ASP G 269 15.65 -28.43 3.14
C ASP G 269 14.68 -27.28 2.94
N GLN G 270 14.36 -26.97 1.68
CA GLN G 270 13.36 -25.94 1.40
C GLN G 270 11.96 -26.40 1.81
N LYS G 271 11.70 -27.72 1.77
CA LYS G 271 10.44 -28.23 2.30
C LYS G 271 10.34 -27.97 3.79
N LYS G 272 11.44 -28.21 4.52
CA LYS G 272 11.45 -27.92 5.95
C LYS G 272 11.27 -26.42 6.22
N LEU G 273 11.93 -25.59 5.41
CA LEU G 273 11.81 -24.14 5.61
C LEU G 273 10.41 -23.63 5.32
N MET G 274 9.80 -24.06 4.22
CA MET G 274 8.46 -23.57 3.89
C MET G 274 7.35 -24.36 4.56
N SER G 275 7.67 -25.39 5.33
CA SER G 275 6.68 -25.98 6.21
C SER G 275 6.75 -25.41 7.62
N ASN G 276 7.94 -24.99 8.07
CA ASN G 276 8.02 -24.27 9.33
C ASN G 276 7.54 -22.83 9.17
N ASN G 277 7.68 -22.26 7.98
CA ASN G 277 7.41 -20.84 7.76
C ASN G 277 6.40 -20.64 6.63
N VAL G 278 5.26 -21.32 6.72
CA VAL G 278 4.20 -21.17 5.72
C VAL G 278 3.58 -19.78 5.75
N GLN G 279 3.87 -18.99 6.79
CA GLN G 279 3.34 -17.64 6.91
C GLN G 279 3.79 -16.75 5.75
N ILE G 280 5.09 -16.78 5.45
CA ILE G 280 5.63 -15.86 4.46
C ILE G 280 5.42 -16.41 3.06
N VAL G 281 5.40 -17.74 2.92
CA VAL G 281 5.01 -18.36 1.65
C VAL G 281 3.57 -17.98 1.31
N ARG G 282 2.70 -17.98 2.32
CA ARG G 282 1.34 -17.52 2.13
C ARG G 282 1.28 -16.04 1.80
N GLN G 283 2.25 -15.27 2.29
CA GLN G 283 2.22 -13.82 2.13
C GLN G 283 2.97 -13.34 0.90
N GLN G 284 3.50 -14.24 0.08
CA GLN G 284 4.28 -13.87 -1.09
C GLN G 284 3.75 -14.44 -2.39
N SER G 285 2.74 -15.31 -2.35
CA SER G 285 2.24 -15.96 -3.54
C SER G 285 1.28 -15.02 -4.28
N TYR G 286 0.76 -15.48 -5.41
CA TYR G 286 -0.19 -14.70 -6.20
C TYR G 286 -1.19 -15.67 -6.82
N SER G 287 -2.47 -15.48 -6.55
CA SER G 287 -3.49 -16.33 -7.15
C SER G 287 -4.16 -15.58 -8.29
N ILE G 288 -4.31 -16.26 -9.43
CA ILE G 288 -4.82 -15.65 -10.66
C ILE G 288 -5.95 -16.52 -11.18
N MET G 289 -7.01 -15.90 -11.69
CA MET G 289 -8.07 -16.61 -12.39
C MET G 289 -7.58 -17.36 -13.63
N CYS G 290 -8.37 -18.37 -13.98
CA CYS G 290 -8.20 -19.22 -15.14
C CYS G 290 -9.59 -19.45 -15.72
N ILE G 291 -9.73 -20.49 -16.54
CA ILE G 291 -11.00 -20.80 -17.20
C ILE G 291 -12.06 -21.13 -16.15
N ILE G 292 -13.31 -20.83 -16.47
CA ILE G 292 -14.40 -20.97 -15.51
C ILE G 292 -15.39 -22.01 -16.04
N LYS G 293 -15.51 -22.10 -17.36
CA LYS G 293 -16.58 -22.86 -18.00
C LYS G 293 -16.38 -24.37 -17.83
N GLU G 294 -17.37 -25.11 -18.31
CA GLU G 294 -17.42 -26.58 -18.25
C GLU G 294 -17.36 -27.11 -16.81
N GLU G 295 -18.05 -26.39 -15.90
CA GLU G 295 -18.20 -26.66 -14.46
C GLU G 295 -16.93 -27.16 -13.76
N VAL G 296 -15.79 -26.63 -14.19
CA VAL G 296 -14.48 -27.12 -13.77
C VAL G 296 -13.59 -25.95 -13.36
N LEU G 297 -14.22 -24.93 -12.76
CA LEU G 297 -13.62 -23.65 -12.36
C LEU G 297 -12.25 -23.81 -11.75
N ALA G 298 -11.26 -23.15 -12.34
CA ALA G 298 -9.87 -23.36 -11.94
C ALA G 298 -9.21 -22.00 -11.75
N TYR G 299 -8.19 -21.98 -10.89
CA TYR G 299 -7.34 -20.81 -10.72
C TYR G 299 -5.95 -21.28 -10.37
N VAL G 300 -4.95 -20.49 -10.75
CA VAL G 300 -3.56 -20.86 -10.55
C VAL G 300 -3.01 -20.07 -9.38
N VAL G 301 -2.56 -20.77 -8.35
CA VAL G 301 -1.81 -20.14 -7.26
C VAL G 301 -0.34 -20.31 -7.61
N GLN G 302 0.32 -19.18 -7.83
CA GLN G 302 1.73 -19.13 -8.14
C GLN G 302 2.48 -18.85 -6.85
N LEU G 303 3.12 -19.85 -6.35
CA LEU G 303 3.86 -20.07 -5.13
C LEU G 303 5.31 -19.66 -5.31
N PRO G 304 5.93 -19.12 -4.27
CA PRO G 304 7.35 -18.81 -4.34
C PRO G 304 8.18 -20.08 -4.37
N LEU G 305 9.34 -19.98 -5.02
CA LEU G 305 10.24 -21.11 -5.22
C LEU G 305 11.60 -20.62 -4.74
N TYR G 306 11.89 -20.91 -3.48
CA TYR G 306 13.04 -20.35 -2.80
C TYR G 306 14.33 -20.98 -3.31
N GLY G 307 15.35 -20.15 -3.44
CA GLY G 307 16.61 -20.57 -4.02
C GLY G 307 17.64 -20.91 -2.97
N VAL G 308 18.52 -19.97 -2.68
CA VAL G 308 19.56 -20.22 -1.70
C VAL G 308 18.95 -20.36 -0.30
N ILE G 309 19.69 -21.04 0.58
CA ILE G 309 19.17 -21.46 1.88
C ILE G 309 20.16 -21.08 2.97
N ASP G 310 19.67 -20.35 3.97
CA ASP G 310 20.43 -19.92 5.16
C ASP G 310 21.71 -19.16 4.79
N THR G 311 21.61 -18.35 3.77
CA THR G 311 22.78 -17.57 3.46
C THR G 311 22.77 -16.27 4.27
N PRO G 312 23.93 -15.82 4.76
CA PRO G 312 23.97 -14.62 5.60
C PRO G 312 23.57 -13.37 4.85
N CYS G 313 22.56 -12.69 5.39
CA CYS G 313 21.97 -11.48 4.80
C CYS G 313 22.15 -10.34 5.79
N TRP G 314 23.30 -9.70 5.78
CA TRP G 314 23.55 -8.61 6.72
C TRP G 314 22.74 -7.39 6.32
N LYS G 315 22.20 -6.70 7.32
CA LYS G 315 21.32 -5.57 7.09
C LYS G 315 22.06 -4.28 7.37
N LEU G 316 21.96 -3.32 6.45
CA LEU G 316 22.67 -2.06 6.55
C LEU G 316 21.68 -0.93 6.77
N HIS G 317 21.72 -0.31 7.95
CA HIS G 317 21.03 0.92 8.25
C HIS G 317 21.98 2.10 8.29
N THR G 318 21.52 3.23 7.79
CA THR G 318 22.30 4.45 7.78
C THR G 318 21.48 5.58 8.39
N SER G 319 22.18 6.55 8.96
CA SER G 319 21.59 7.77 9.48
C SER G 319 22.41 8.95 8.99
N PRO G 320 21.79 10.13 8.84
CA PRO G 320 22.52 11.28 8.31
C PRO G 320 23.66 11.75 9.20
N LEU G 321 24.88 11.54 8.74
CA LEU G 321 26.09 12.01 9.44
C LEU G 321 26.36 13.42 8.96
N CYS G 322 25.86 14.39 9.71
CA CYS G 322 25.99 15.78 9.30
C CYS G 322 27.17 16.38 10.07
N THR G 323 27.43 17.66 9.88
CA THR G 323 28.59 18.23 10.57
C THR G 323 28.19 18.74 11.96
N THR G 324 29.20 18.98 12.78
CA THR G 324 29.01 19.42 14.15
C THR G 324 28.89 20.93 14.28
N ASN G 325 29.00 21.67 13.18
CA ASN G 325 28.94 23.12 13.23
C ASN G 325 27.53 23.59 13.58
N THR G 326 27.46 24.74 14.26
CA THR G 326 26.21 25.26 14.78
C THR G 326 25.79 26.58 14.14
N LYS G 327 26.69 27.24 13.42
CA LYS G 327 26.42 28.57 12.88
C LYS G 327 25.38 28.48 11.77
N GLU G 328 24.19 29.02 12.05
CA GLU G 328 23.06 29.17 11.12
C GLU G 328 22.67 27.78 10.59
N GLY G 329 22.58 27.60 9.27
CA GLY G 329 22.29 26.31 8.69
C GLY G 329 23.29 25.95 7.61
N SER G 330 24.54 26.37 7.79
CA SER G 330 25.61 26.11 6.81
C SER G 330 26.34 24.85 7.24
N ASN G 331 25.74 23.71 6.94
CA ASN G 331 26.27 22.41 7.35
C ASN G 331 26.55 21.55 6.14
N ILE G 332 27.60 20.74 6.25
CA ILE G 332 28.11 19.89 5.18
C ILE G 332 27.91 18.44 5.59
N CYS G 333 27.10 17.70 4.83
CA CYS G 333 26.52 16.55 5.49
C CYS G 333 26.35 15.36 4.54
N LEU G 334 26.70 14.17 5.01
CA LEU G 334 26.73 12.96 4.19
C LEU G 334 25.77 11.92 4.75
N THR G 335 24.89 11.40 3.89
CA THR G 335 23.96 10.34 4.26
C THR G 335 24.18 9.17 3.33
N ARG G 336 24.61 8.04 3.87
CA ARG G 336 24.92 6.87 3.04
C ARG G 336 23.63 6.31 2.47
N THR G 337 23.44 6.46 1.15
CA THR G 337 22.20 6.03 0.50
C THR G 337 22.32 4.55 0.09
N ASP G 338 22.35 3.71 1.11
CA ASP G 338 22.63 2.30 0.88
C ASP G 338 21.82 1.37 1.78
N ARG G 339 20.80 1.89 2.46
CA ARG G 339 20.07 1.11 3.46
C ARG G 339 19.29 -0.03 2.83
N GLY G 340 19.28 -1.16 3.50
CA GLY G 340 18.51 -2.30 3.02
C GLY G 340 19.14 -3.59 3.48
N TRP G 341 18.88 -4.64 2.70
CA TRP G 341 19.36 -5.98 3.00
C TRP G 341 20.44 -6.39 2.01
N TYR G 342 21.38 -7.21 2.48
CA TYR G 342 22.46 -7.75 1.67
C TYR G 342 22.47 -9.26 1.85
N CYS G 343 22.02 -10.00 0.85
CA CYS G 343 22.12 -11.45 0.89
C CYS G 343 23.29 -11.90 0.03
N ASP G 344 23.84 -13.06 0.37
CA ASP G 344 24.91 -13.65 -0.43
C ASP G 344 24.33 -14.78 -1.26
N ASN G 345 24.51 -14.72 -2.58
CA ASN G 345 24.05 -15.81 -3.41
C ASN G 345 24.95 -15.92 -4.63
N ALA G 346 25.24 -17.17 -5.00
CA ALA G 346 26.30 -17.53 -5.94
C ALA G 346 27.60 -16.82 -5.54
N GLY G 347 28.30 -16.25 -6.51
CA GLY G 347 29.49 -15.51 -6.20
C GLY G 347 29.26 -14.02 -6.03
N SER G 348 28.01 -13.62 -5.79
CA SER G 348 27.67 -12.21 -5.73
C SER G 348 26.82 -11.93 -4.50
N VAL G 349 26.44 -10.68 -4.31
CA VAL G 349 25.48 -10.32 -3.28
C VAL G 349 24.26 -9.72 -3.96
N SER G 350 23.10 -10.01 -3.39
CA SER G 350 21.84 -9.42 -3.81
C SER G 350 21.50 -8.30 -2.85
N PHE G 351 21.17 -7.15 -3.40
CA PHE G 351 20.93 -5.94 -2.63
C PHE G 351 19.44 -5.59 -2.72
N PHE G 352 18.79 -5.57 -1.56
CA PHE G 352 17.38 -5.20 -1.51
C PHE G 352 17.25 -3.83 -0.86
N PRO G 353 17.01 -2.77 -1.61
CA PRO G 353 16.87 -1.45 -0.99
C PRO G 353 15.49 -1.24 -0.38
N GLN G 354 14.50 -1.93 -0.92
CA GLN G 354 13.12 -1.82 -0.44
C GLN G 354 13.01 -2.61 0.85
N ALA G 355 13.08 -1.91 1.98
CA ALA G 355 12.94 -2.58 3.27
C ALA G 355 11.50 -2.98 3.57
N GLU G 356 10.54 -2.53 2.76
CA GLU G 356 9.15 -2.92 2.93
C GLU G 356 8.77 -4.19 2.18
N THR G 357 9.66 -4.72 1.35
CA THR G 357 9.39 -5.93 0.58
C THR G 357 10.09 -7.17 1.13
N CYS G 358 10.97 -7.03 2.11
CA CYS G 358 11.68 -8.15 2.70
C CYS G 358 11.17 -8.40 4.11
N LYS G 359 10.65 -9.59 4.35
CA LYS G 359 10.12 -9.98 5.65
C LYS G 359 11.23 -10.52 6.53
N VAL G 360 11.12 -10.26 7.83
CA VAL G 360 12.20 -10.53 8.76
C VAL G 360 11.61 -11.48 9.81
N GLN G 361 10.76 -12.39 9.35
CA GLN G 361 10.13 -13.35 10.25
C GLN G 361 11.17 -14.25 10.89
N SER G 362 11.10 -14.37 12.22
CA SER G 362 12.10 -15.02 13.10
C SER G 362 13.45 -14.34 12.82
N ASN G 363 14.54 -15.08 12.69
CA ASN G 363 15.80 -14.53 12.24
C ASN G 363 16.08 -14.84 10.78
N ARG G 364 15.11 -15.37 10.06
CA ARG G 364 15.23 -15.63 8.63
C ARG G 364 14.73 -14.44 7.83
N VAL G 365 15.33 -14.22 6.67
CA VAL G 365 15.06 -13.05 5.85
C VAL G 365 14.54 -13.53 4.51
N PHE G 366 13.22 -13.66 4.39
CA PHE G 366 12.62 -13.88 3.08
C PHE G 366 12.60 -12.58 2.31
N CYS G 367 12.83 -12.65 1.01
CA CYS G 367 12.96 -11.44 0.22
C CYS G 367 12.36 -11.67 -1.16
N ASP G 368 12.28 -10.60 -1.93
CA ASP G 368 11.72 -10.62 -3.28
C ASP G 368 12.88 -10.26 -4.20
N THR G 369 13.50 -11.28 -4.82
CA THR G 369 14.71 -11.03 -5.60
C THR G 369 14.43 -10.28 -6.89
N MET G 370 13.16 -10.20 -7.32
CA MET G 370 12.79 -9.40 -8.48
C MET G 370 12.95 -7.91 -8.23
N ASN G 371 13.08 -7.49 -6.98
CA ASN G 371 13.28 -6.09 -6.60
C ASN G 371 14.66 -5.89 -5.99
N SER G 372 15.67 -6.50 -6.60
CA SER G 372 17.01 -6.48 -6.06
C SER G 372 18.03 -6.17 -7.15
N LEU G 373 19.16 -5.62 -6.74
CA LEU G 373 20.30 -5.46 -7.62
C LEU G 373 21.33 -6.53 -7.33
N THR G 374 22.27 -6.69 -8.26
CA THR G 374 23.43 -7.55 -8.05
C THR G 374 24.65 -6.68 -7.78
N LEU G 375 25.50 -7.13 -6.88
CA LEU G 375 26.76 -6.44 -6.60
C LEU G 375 27.87 -7.46 -6.42
N PRO G 376 29.11 -7.08 -6.70
CA PRO G 376 30.24 -7.94 -6.37
C PRO G 376 30.45 -7.99 -4.86
N SER G 377 31.27 -8.94 -4.43
CA SER G 377 31.52 -9.15 -3.01
C SER G 377 32.27 -7.99 -2.36
N GLU G 378 32.90 -7.12 -3.18
CA GLU G 378 33.70 -6.03 -2.64
C GLU G 378 32.87 -4.99 -1.89
N VAL G 379 31.53 -5.03 -2.04
CA VAL G 379 30.65 -4.16 -1.26
C VAL G 379 30.73 -4.50 0.23
N ASN G 380 31.15 -5.74 0.56
CA ASN G 380 31.43 -6.06 1.95
C ASN G 380 32.58 -5.22 2.49
N LEU G 381 33.60 -4.99 1.66
CA LEU G 381 34.67 -4.07 2.05
C LEU G 381 34.22 -2.62 2.00
N CYS G 382 33.02 -2.36 1.47
CA CYS G 382 32.39 -1.06 1.67
C CYS G 382 32.06 -0.82 3.13
N ASN G 383 31.85 -1.89 3.89
CA ASN G 383 31.46 -1.75 5.29
C ASN G 383 32.60 -1.23 6.16
N VAL G 384 33.83 -1.67 5.89
CA VAL G 384 34.95 -1.35 6.77
C VAL G 384 35.58 -0.02 6.37
N ASP G 385 36.10 0.04 5.15
CA ASP G 385 36.78 1.23 4.65
C ASP G 385 35.86 1.92 3.65
N ILE G 386 35.46 3.16 3.96
CA ILE G 386 34.55 3.88 3.07
C ILE G 386 35.30 4.44 1.88
N PHE G 387 36.62 4.60 1.99
CA PHE G 387 37.45 5.11 0.91
C PHE G 387 38.20 3.99 0.19
N ASN G 388 37.75 2.75 0.35
CA ASN G 388 38.42 1.60 -0.23
C ASN G 388 38.31 1.63 -1.76
N PRO G 389 39.44 1.57 -2.48
CA PRO G 389 39.39 1.61 -3.95
C PRO G 389 39.20 0.23 -4.58
N LYS G 390 38.25 -0.53 -4.07
CA LYS G 390 37.84 -1.77 -4.70
C LYS G 390 36.37 -1.75 -5.08
N TYR G 391 35.50 -1.24 -4.22
CA TYR G 391 34.11 -1.00 -4.56
C TYR G 391 33.75 0.45 -4.25
N ASP G 392 32.99 1.06 -5.14
CA ASP G 392 32.59 2.45 -5.01
C ASP G 392 31.35 2.52 -4.13
N CYS G 393 31.53 2.93 -2.87
CA CYS G 393 30.40 3.08 -1.97
C CYS G 393 29.51 4.24 -2.40
N LYS G 394 28.21 4.08 -2.18
CA LYS G 394 27.23 5.08 -2.60
C LYS G 394 26.87 5.95 -1.41
N ILE G 395 27.02 7.27 -1.57
CA ILE G 395 26.66 8.25 -0.56
C ILE G 395 25.86 9.35 -1.22
N MET G 396 25.09 10.06 -0.39
CA MET G 396 24.31 11.20 -0.82
C MET G 396 24.74 12.42 -0.02
N THR G 397 24.63 13.59 -0.63
CA THR G 397 25.12 14.83 -0.06
C THR G 397 23.95 15.73 0.27
N SER G 398 24.00 16.38 1.43
CA SER G 398 22.91 17.23 1.87
C SER G 398 23.44 18.31 2.79
N LYS G 399 22.72 19.44 2.80
CA LYS G 399 23.04 20.56 3.68
C LYS G 399 22.07 20.67 4.85
N THR G 400 20.87 20.11 4.74
CA THR G 400 19.92 20.14 5.85
C THR G 400 20.41 19.23 6.98
N ASP G 401 20.22 19.68 8.20
CA ASP G 401 20.83 19.08 9.38
C ASP G 401 19.80 18.78 10.46
N VAL G 402 18.69 18.16 10.06
CA VAL G 402 17.65 17.83 11.03
C VAL G 402 18.11 16.67 11.90
N SER G 403 17.58 16.61 13.12
CA SER G 403 17.88 15.50 14.02
C SER G 403 17.09 14.28 13.57
N SER G 404 17.78 13.16 13.42
CA SER G 404 17.13 11.96 12.90
C SER G 404 17.66 10.73 13.62
N SER G 405 16.77 9.79 13.90
CA SER G 405 17.17 8.53 14.50
C SER G 405 16.53 7.39 13.74
N VAL G 406 17.34 6.37 13.45
CA VAL G 406 16.85 5.12 12.92
C VAL G 406 17.12 4.06 13.99
N ILE G 407 16.33 3.02 14.02
CA ILE G 407 16.55 1.95 14.99
C ILE G 407 16.97 0.69 14.25
N THR G 408 18.17 0.21 14.56
CA THR G 408 18.69 -1.00 13.95
C THR G 408 18.01 -2.21 14.60
N SER G 409 18.49 -3.41 14.23
CA SER G 409 17.80 -4.64 14.64
C SER G 409 17.83 -4.84 16.14
N LEU G 410 18.85 -4.30 16.82
CA LEU G 410 18.92 -4.38 18.27
C LEU G 410 18.99 -3.02 18.95
N GLY G 411 19.90 -2.15 18.53
CA GLY G 411 20.09 -0.85 19.15
C GLY G 411 19.43 0.26 18.38
N ALA G 412 19.96 1.47 18.56
CA ALA G 412 19.42 2.64 17.88
C ALA G 412 20.55 3.56 17.47
N ILE G 413 20.46 4.09 16.24
CA ILE G 413 21.38 5.10 15.74
C ILE G 413 20.68 6.45 15.83
N VAL G 414 21.31 7.41 16.47
CA VAL G 414 20.73 8.73 16.66
C VAL G 414 21.70 9.77 16.10
N SER G 415 21.13 10.90 15.69
CA SER G 415 21.92 12.09 15.35
C SER G 415 21.11 13.30 15.80
N CYS G 416 21.57 13.93 16.88
CA CYS G 416 20.90 15.09 17.46
C CYS G 416 21.68 16.34 17.07
N TYR G 417 21.01 17.26 16.39
CA TYR G 417 21.68 18.17 15.49
C TYR G 417 21.06 19.55 15.61
N GLY G 418 21.91 20.57 15.60
CA GLY G 418 21.44 21.89 15.96
C GLY G 418 21.21 21.97 17.45
N LYS G 419 20.02 22.42 17.84
CA LYS G 419 19.62 22.50 19.25
C LYS G 419 18.44 21.55 19.44
N THR G 420 18.75 20.28 19.75
CA THR G 420 17.73 19.26 19.88
C THR G 420 18.10 18.33 21.03
N LYS G 421 17.17 18.13 21.97
CA LYS G 421 17.38 17.28 23.13
C LYS G 421 16.93 15.87 22.79
N CYS G 422 17.84 14.91 22.91
CA CYS G 422 17.52 13.50 22.77
C CYS G 422 18.02 12.73 23.98
N THR G 423 17.34 11.64 24.31
CA THR G 423 17.74 10.77 25.40
C THR G 423 17.43 9.33 25.04
N ALA G 424 18.10 8.42 25.73
CA ALA G 424 17.83 6.99 25.63
C ALA G 424 17.30 6.57 27.00
N SER G 425 15.98 6.48 27.12
CA SER G 425 15.32 6.23 28.39
C SER G 425 14.90 4.78 28.51
N ASN G 426 15.18 4.21 29.68
CA ASN G 426 14.69 2.91 30.10
C ASN G 426 13.49 3.13 31.02
N LYS G 427 12.48 2.27 30.89
CA LYS G 427 11.24 2.49 31.62
C LYS G 427 11.36 2.24 33.11
N ASN G 428 12.45 1.61 33.57
CA ASN G 428 12.62 1.32 34.99
C ASN G 428 13.63 2.22 35.67
N ARG G 429 14.38 3.05 34.93
CA ARG G 429 15.39 3.89 35.54
C ARG G 429 15.17 5.36 35.17
N GLY G 430 14.82 5.61 33.91
CA GLY G 430 14.71 6.97 33.43
C GLY G 430 15.71 7.24 32.33
N ILE G 431 16.11 8.50 32.16
CA ILE G 431 17.08 8.83 31.11
C ILE G 431 18.47 8.38 31.53
N ILE G 432 19.21 7.79 30.60
CA ILE G 432 20.55 7.28 30.90
C ILE G 432 21.63 7.83 30.00
N LYS G 433 21.34 8.34 28.80
CA LYS G 433 22.41 8.64 27.84
C LYS G 433 22.55 10.12 27.55
N THR G 434 21.48 10.79 27.07
CA THR G 434 21.47 12.21 26.72
C THR G 434 22.55 12.52 25.67
N PHE G 435 22.29 12.03 24.45
CA PHE G 435 23.23 12.14 23.33
C PHE G 435 23.64 13.58 23.08
N SER G 436 24.91 13.77 22.76
CA SER G 436 25.43 15.06 22.35
C SER G 436 25.31 15.19 20.83
N ASN G 437 25.95 16.19 20.26
CA ASN G 437 25.95 16.35 18.81
C ASN G 437 26.82 15.28 18.16
N GLY G 438 26.50 14.96 16.91
CA GLY G 438 27.15 13.89 16.18
C GLY G 438 26.33 12.61 16.20
N CYS G 439 26.68 11.70 15.28
CA CYS G 439 26.07 10.39 15.28
C CYS G 439 26.48 9.61 16.52
N ASP G 440 25.54 8.82 17.05
CA ASP G 440 25.84 7.98 18.19
C ASP G 440 24.96 6.75 18.14
N TYR G 441 25.39 5.71 18.84
CA TYR G 441 24.69 4.43 18.86
C TYR G 441 24.43 4.03 20.30
N VAL G 442 23.24 3.54 20.57
CA VAL G 442 22.86 3.06 21.90
C VAL G 442 22.41 1.62 21.80
N SER G 443 22.99 0.75 22.64
CA SER G 443 22.76 -0.67 22.53
C SER G 443 21.37 -1.04 23.06
N ASN G 444 20.95 -2.27 22.73
CA ASN G 444 19.68 -2.79 23.22
C ASN G 444 19.71 -3.01 24.73
N LYS G 445 20.80 -3.55 25.24
CA LYS G 445 20.88 -3.91 26.66
C LYS G 445 21.09 -2.66 27.50
N GLY G 446 20.02 -2.19 28.12
CA GLY G 446 20.10 -1.00 28.95
C GLY G 446 18.96 -0.03 28.72
N VAL G 447 18.46 0.04 27.48
CA VAL G 447 17.38 0.95 27.14
C VAL G 447 16.25 0.18 26.48
N ASP G 448 15.07 0.79 26.49
CA ASP G 448 13.94 0.30 25.72
C ASP G 448 13.16 1.43 25.05
N THR G 449 13.66 2.66 25.12
CA THR G 449 12.95 3.80 24.55
C THR G 449 13.98 4.84 24.12
N VAL G 450 13.83 5.38 22.90
CA VAL G 450 14.75 6.40 22.41
C VAL G 450 13.94 7.60 21.97
N SER G 451 14.16 8.74 22.60
CA SER G 451 13.45 9.97 22.24
C SER G 451 14.43 10.90 21.57
N VAL G 452 14.09 11.36 20.37
CA VAL G 452 14.88 12.36 19.66
C VAL G 452 13.98 13.57 19.38
N GLY G 453 14.38 14.73 19.89
CA GLY G 453 13.50 15.87 19.85
C GLY G 453 12.20 15.57 20.55
N ASN G 454 11.11 15.97 19.90
CA ASN G 454 9.77 15.52 20.30
C ASN G 454 9.25 14.39 19.42
N THR G 455 10.03 13.32 19.21
CA THR G 455 9.45 12.08 18.71
C THR G 455 10.06 10.91 19.46
N LEU G 456 9.27 9.86 19.61
CA LEU G 456 9.56 8.79 20.55
C LEU G 456 9.54 7.47 19.79
N TYR G 457 10.73 6.89 19.58
CA TYR G 457 10.88 5.60 18.94
C TYR G 457 11.05 4.53 20.00
N TYR G 458 10.47 3.36 19.74
CA TYR G 458 10.68 2.19 20.58
C TYR G 458 11.74 1.33 19.89
N VAL G 459 12.75 0.94 20.63
CA VAL G 459 13.88 0.20 20.09
C VAL G 459 13.61 -1.28 20.26
N ASN G 460 14.00 -2.09 19.27
CA ASN G 460 13.72 -3.52 19.29
C ASN G 460 14.42 -4.20 20.45
N LYS G 461 13.72 -5.14 21.08
CA LYS G 461 14.22 -5.84 22.26
C LYS G 461 14.67 -7.26 21.93
N GLN G 462 15.31 -7.44 20.78
CA GLN G 462 15.78 -8.74 20.36
C GLN G 462 17.20 -8.97 20.86
N GLU G 463 17.42 -10.11 21.51
CA GLU G 463 18.69 -10.37 22.18
C GLU G 463 19.82 -10.60 21.18
N GLY G 464 21.02 -10.21 21.58
CA GLY G 464 22.19 -10.41 20.75
C GLY G 464 23.33 -9.55 21.24
N LYS G 465 24.44 -9.63 20.51
CA LYS G 465 25.69 -8.97 20.87
C LYS G 465 25.94 -7.80 19.93
N SER G 466 26.48 -6.72 20.49
CA SER G 466 26.75 -5.50 19.74
C SER G 466 28.22 -5.13 19.84
N LEU G 467 28.78 -4.62 18.75
CA LEU G 467 30.12 -4.08 18.71
C LEU G 467 30.05 -2.63 18.24
N TYR G 468 30.90 -1.79 18.80
CA TYR G 468 30.94 -0.36 18.53
C TYR G 468 32.36 -0.04 18.09
N VAL G 469 32.62 0.01 16.79
CA VAL G 469 33.98 0.33 16.35
C VAL G 469 34.18 1.83 16.50
N LYS G 470 35.43 2.22 16.73
CA LYS G 470 35.74 3.62 17.03
C LYS G 470 36.39 4.28 15.83
N GLY G 471 36.10 5.56 15.66
CA GLY G 471 36.67 6.31 14.57
C GLY G 471 36.12 7.72 14.55
N GLU G 472 36.54 8.47 13.53
CA GLU G 472 36.09 9.82 13.36
C GLU G 472 35.13 9.91 12.17
N PRO G 473 34.15 10.80 12.22
CA PRO G 473 33.23 10.95 11.09
C PRO G 473 33.96 11.47 9.84
N ILE G 474 33.46 11.07 8.68
CA ILE G 474 34.15 11.39 7.43
C ILE G 474 33.93 12.83 7.00
N ILE G 475 32.97 13.54 7.61
CA ILE G 475 32.77 14.95 7.30
C ILE G 475 33.99 15.77 7.68
N ASN G 476 34.65 15.40 8.77
CA ASN G 476 35.89 16.06 9.16
C ASN G 476 37.02 15.83 8.16
N PHE G 477 36.88 14.85 7.25
CA PHE G 477 37.85 14.61 6.20
C PHE G 477 37.61 15.49 4.97
N TYR G 478 36.58 16.33 4.97
CA TYR G 478 36.21 17.12 3.81
C TYR G 478 36.44 18.60 4.07
N ASP G 479 36.51 19.37 2.98
CA ASP G 479 36.71 20.80 3.06
C ASP G 479 35.37 21.52 2.98
N PRO G 480 35.03 22.35 3.97
CA PRO G 480 33.71 23.01 3.97
C PRO G 480 33.45 23.94 2.79
N LEU G 481 34.47 24.67 2.34
CA LEU G 481 34.26 25.75 1.36
C LEU G 481 34.21 25.27 -0.08
N VAL G 482 34.42 23.97 -0.33
CA VAL G 482 34.53 23.43 -1.67
C VAL G 482 33.64 22.22 -1.89
N PHE G 483 32.95 21.76 -0.86
CA PHE G 483 32.13 20.55 -0.93
C PHE G 483 30.92 20.76 -1.84
N PRO G 484 30.60 19.80 -2.71
CA PRO G 484 29.34 19.87 -3.47
C PRO G 484 28.19 19.17 -2.76
N SER G 485 27.07 19.87 -2.58
CA SER G 485 25.96 19.35 -1.79
C SER G 485 24.65 19.36 -2.57
N ASP G 486 24.69 18.95 -3.83
CA ASP G 486 23.50 18.88 -4.67
C ASP G 486 23.28 17.50 -5.28
N GLU G 487 23.98 16.48 -4.77
CA GLU G 487 23.94 15.13 -5.34
C GLU G 487 22.95 14.29 -4.54
N PHE G 488 21.80 14.00 -5.14
CA PHE G 488 20.83 13.11 -4.51
C PHE G 488 21.37 11.69 -4.45
N ASP G 489 22.11 11.27 -5.48
CA ASP G 489 22.81 10.00 -5.47
C ASP G 489 24.17 10.19 -6.10
N ALA G 490 25.21 9.69 -5.45
CA ALA G 490 26.57 9.84 -5.91
C ALA G 490 27.41 8.69 -5.36
N SER G 491 28.72 8.82 -5.45
CA SER G 491 29.64 7.83 -4.92
C SER G 491 30.83 8.54 -4.30
N ILE G 492 31.66 7.77 -3.59
CA ILE G 492 32.87 8.33 -3.00
C ILE G 492 33.83 8.80 -4.08
N SER G 493 33.99 7.99 -5.14
CA SER G 493 34.89 8.37 -6.22
C SER G 493 34.37 9.58 -6.99
N GLN G 494 33.05 9.66 -7.21
CA GLN G 494 32.48 10.80 -7.92
C GLN G 494 32.60 12.08 -7.11
N VAL G 495 32.31 12.00 -5.81
CA VAL G 495 32.42 13.17 -4.94
C VAL G 495 33.87 13.63 -4.84
N ASN G 496 34.80 12.69 -4.71
CA ASN G 496 36.22 13.05 -4.64
C ASN G 496 36.71 13.62 -5.96
N GLU G 497 36.19 13.12 -7.09
CA GLU G 497 36.54 13.68 -8.39
C GLU G 497 36.03 15.11 -8.52
N LYS G 498 34.82 15.37 -8.04
CA LYS G 498 34.29 16.74 -8.08
C LYS G 498 35.08 17.66 -7.15
N ILE G 499 35.50 17.15 -5.99
CA ILE G 499 36.35 17.91 -5.08
C ILE G 499 37.67 18.27 -5.74
N ASN G 500 38.28 17.29 -6.41
CA ASN G 500 39.54 17.53 -7.11
C ASN G 500 39.37 18.53 -8.25
N GLN G 501 38.27 18.43 -9.00
CA GLN G 501 38.01 19.36 -10.09
C GLN G 501 37.80 20.79 -9.57
N SER G 502 37.05 20.94 -8.48
CA SER G 502 36.81 22.27 -7.93
C SER G 502 38.08 22.85 -7.32
N LEU G 503 38.92 22.02 -6.71
CA LEU G 503 40.19 22.50 -6.18
C LEU G 503 41.13 22.91 -7.31
N ALA G 504 41.12 22.17 -8.42
CA ALA G 504 41.92 22.57 -9.58
C ALA G 504 41.40 23.88 -10.16
N PHE G 505 40.08 24.08 -10.16
CA PHE G 505 39.54 25.38 -10.56
C PHE G 505 40.00 26.48 -9.62
N ILE G 506 40.02 26.22 -8.31
CA ILE G 506 40.45 27.23 -7.36
C ILE G 506 41.90 27.62 -7.60
N ARG G 507 42.76 26.63 -7.86
CA ARG G 507 44.17 26.91 -8.08
C ARG G 507 44.39 27.61 -9.43
N LYS G 508 43.61 27.27 -10.46
CA LYS G 508 43.77 27.95 -11.74
C LYS G 508 43.17 29.35 -11.73
N SER G 509 42.16 29.60 -10.88
CA SER G 509 41.61 30.95 -10.76
C SER G 509 42.52 31.84 -9.92
N ASP G 510 43.18 31.25 -8.92
CA ASP G 510 44.18 31.99 -8.16
C ASP G 510 45.37 32.32 -9.06
N GLU G 511 45.80 31.36 -9.88
CA GLU G 511 46.96 31.58 -10.74
C GLU G 511 46.64 32.45 -11.95
N LEU G 512 45.36 32.68 -12.24
CA LEU G 512 44.99 33.52 -13.37
C LEU G 512 45.20 35.00 -13.11
N LEU G 513 45.46 35.40 -11.88
CA LEU G 513 45.65 36.82 -11.56
C LEU G 513 47.06 37.06 -11.05
N VAL H 1 39.21 -22.13 -6.37
CA VAL H 1 37.90 -22.77 -6.29
C VAL H 1 38.07 -24.26 -6.05
N GLN H 2 39.31 -24.73 -6.13
CA GLN H 2 39.59 -26.15 -5.96
C GLN H 2 39.50 -26.53 -4.48
N LEU H 3 38.94 -27.72 -4.24
CA LEU H 3 38.73 -28.22 -2.88
C LEU H 3 39.82 -29.24 -2.56
N VAL H 4 40.42 -29.10 -1.38
CA VAL H 4 41.47 -30.01 -0.91
C VAL H 4 41.11 -30.47 0.50
N GLU H 5 41.21 -31.77 0.74
CA GLU H 5 40.89 -32.33 2.05
C GLU H 5 41.85 -33.47 2.37
N SER H 6 41.91 -33.81 3.66
CA SER H 6 42.77 -34.87 4.13
C SER H 6 42.15 -35.49 5.37
N GLY H 7 42.66 -36.67 5.75
CA GLY H 7 42.16 -37.35 6.92
C GLY H 7 41.93 -38.84 6.71
N GLY H 8 42.36 -39.36 5.56
CA GLY H 8 42.15 -40.75 5.25
C GLY H 8 43.16 -41.68 5.89
N GLY H 9 42.90 -42.96 5.75
CA GLY H 9 43.74 -43.99 6.31
C GLY H 9 42.91 -45.21 6.66
N LEU H 10 43.55 -46.15 7.35
CA LEU H 10 42.89 -47.36 7.80
C LEU H 10 42.34 -47.14 9.21
N VAL H 11 41.08 -47.51 9.41
CA VAL H 11 40.39 -47.32 10.68
C VAL H 11 39.68 -48.62 11.03
N LYS H 12 39.85 -49.09 12.26
CA LYS H 12 39.14 -50.27 12.72
C LYS H 12 37.64 -49.98 12.80
N PRO H 13 36.79 -50.96 12.51
CA PRO H 13 35.34 -50.73 12.56
C PRO H 13 34.87 -50.47 13.98
N GLY H 14 33.84 -49.62 14.07
CA GLY H 14 33.19 -49.36 15.35
C GLY H 14 33.52 -48.04 15.99
N GLU H 15 34.78 -47.64 15.97
CA GLU H 15 35.19 -46.41 16.64
C GLU H 15 34.94 -45.20 15.76
N SER H 16 34.80 -44.04 16.41
CA SER H 16 34.57 -42.81 15.70
C SER H 16 35.88 -42.20 15.20
N LEU H 17 35.75 -41.25 14.29
CA LEU H 17 36.90 -40.52 13.77
C LEU H 17 36.41 -39.16 13.29
N ARG H 18 37.34 -38.33 12.83
CA ARG H 18 37.02 -37.04 12.24
C ARG H 18 37.68 -36.95 10.88
N LEU H 19 36.90 -36.64 9.85
CA LEU H 19 37.45 -36.40 8.52
C LEU H 19 37.13 -34.96 8.16
N SER H 20 38.17 -34.20 7.80
CA SER H 20 38.10 -32.75 7.66
C SER H 20 38.29 -32.34 6.21
N CYS H 21 37.61 -31.28 5.81
CA CYS H 21 37.72 -30.69 4.49
C CYS H 21 38.18 -29.25 4.62
N ALA H 22 39.11 -28.86 3.74
CA ALA H 22 39.83 -27.60 3.86
C ALA H 22 39.59 -26.69 2.67
N VAL H 23 38.31 -26.45 2.35
CA VAL H 23 37.90 -25.58 1.27
C VAL H 23 38.56 -24.20 1.39
N SER H 24 38.90 -23.61 0.24
CA SER H 24 39.66 -22.38 0.17
C SER H 24 39.02 -21.39 -0.80
N GLY H 25 37.70 -21.35 -0.84
CA GLY H 25 37.01 -20.41 -1.71
C GLY H 25 37.04 -19.00 -1.16
N SER H 26 36.64 -18.06 -2.02
CA SER H 26 36.55 -16.66 -1.64
C SER H 26 35.14 -16.25 -1.23
N MET H 27 34.13 -17.03 -1.60
CA MET H 27 32.74 -16.80 -1.22
C MET H 27 32.20 -18.08 -0.58
N PHE H 28 32.94 -18.58 0.41
CA PHE H 28 32.53 -19.77 1.15
C PHE H 28 31.59 -19.34 2.28
N SER H 29 30.42 -18.85 1.88
CA SER H 29 29.35 -18.61 2.83
C SER H 29 27.99 -19.04 2.32
N SER H 30 27.79 -19.18 1.01
CA SER H 30 26.49 -19.39 0.40
C SER H 30 26.39 -20.70 -0.36
N TYR H 31 27.51 -21.31 -0.71
CA TYR H 31 27.52 -22.49 -1.57
C TYR H 31 27.08 -23.70 -0.78
N VAL H 32 26.18 -24.49 -1.36
CA VAL H 32 25.67 -25.67 -0.67
C VAL H 32 26.63 -26.82 -0.89
N MET H 33 27.09 -27.44 0.20
CA MET H 33 28.06 -28.51 0.08
C MET H 33 27.45 -29.87 0.37
N HIS H 34 28.08 -30.88 -0.21
CA HIS H 34 27.68 -32.26 -0.01
C HIS H 34 28.94 -33.10 0.11
N TRP H 35 28.78 -34.28 0.67
CA TRP H 35 29.83 -35.29 0.71
C TRP H 35 29.31 -36.55 0.06
N VAL H 36 30.11 -37.12 -0.85
CA VAL H 36 29.76 -38.34 -1.54
C VAL H 36 30.86 -39.37 -1.36
N ARG H 37 30.53 -40.63 -1.58
CA ARG H 37 31.46 -41.73 -1.40
C ARG H 37 31.41 -42.68 -2.58
N GLN H 38 32.52 -43.37 -2.80
CA GLN H 38 32.62 -44.32 -3.91
C GLN H 38 33.47 -45.50 -3.51
N ALA H 39 32.91 -46.69 -3.61
CA ALA H 39 33.69 -47.90 -3.41
C ALA H 39 34.04 -48.53 -4.75
N PRO H 40 35.14 -49.26 -4.84
CA PRO H 40 35.40 -50.04 -6.06
C PRO H 40 34.31 -51.09 -6.27
N GLY H 41 33.95 -51.32 -7.53
CA GLY H 41 32.81 -52.17 -7.82
C GLY H 41 31.54 -51.37 -8.00
N LYS H 42 30.77 -51.24 -6.92
CA LYS H 42 29.50 -50.52 -6.96
C LYS H 42 29.73 -49.04 -7.28
N GLY H 43 28.70 -48.41 -7.82
CA GLY H 43 28.79 -47.03 -8.25
C GLY H 43 28.77 -46.04 -7.11
N LEU H 44 28.69 -44.77 -7.47
CA LEU H 44 28.65 -43.70 -6.47
C LEU H 44 27.38 -43.76 -5.64
N ASP H 45 27.50 -43.32 -4.40
CA ASP H 45 26.38 -43.16 -3.49
C ASP H 45 26.51 -41.82 -2.80
N TRP H 46 25.45 -41.40 -2.13
CA TRP H 46 25.43 -40.12 -1.45
C TRP H 46 25.60 -40.33 0.06
N VAL H 47 26.25 -39.36 0.70
CA VAL H 47 26.52 -39.48 2.13
C VAL H 47 25.84 -38.35 2.89
N SER H 48 26.14 -37.09 2.54
CA SER H 48 25.71 -36.03 3.43
C SER H 48 25.58 -34.72 2.68
N SER H 49 24.90 -33.76 3.31
CA SER H 49 24.80 -32.39 2.80
C SER H 49 24.88 -31.40 3.95
N ILE H 50 25.05 -30.13 3.56
CA ILE H 50 25.11 -29.00 4.49
C ILE H 50 24.84 -27.75 3.66
N THR H 51 24.04 -26.85 4.22
CA THR H 51 23.67 -25.62 3.51
C THR H 51 23.60 -24.46 4.49
N GLY H 52 24.23 -23.35 4.13
CA GLY H 52 24.07 -22.11 4.87
C GLY H 52 24.71 -22.13 6.25
N GLY H 53 24.01 -21.58 7.23
CA GLY H 53 24.53 -21.56 8.59
C GLY H 53 24.66 -22.94 9.18
N GLY H 54 23.77 -23.85 8.80
CA GLY H 54 23.82 -25.20 9.30
C GLY H 54 22.55 -25.63 9.99
N ASN H 55 21.44 -24.97 9.66
CA ASN H 55 20.16 -25.26 10.27
C ASN H 55 19.26 -26.12 9.41
N TYR H 56 19.77 -26.62 8.28
CA TYR H 56 18.99 -27.45 7.37
C TYR H 56 19.79 -28.70 7.02
N ILE H 57 20.29 -29.35 8.06
CA ILE H 57 21.18 -30.49 7.91
C ILE H 57 20.38 -31.65 7.33
N SER H 58 20.92 -32.30 6.30
CA SER H 58 20.22 -33.40 5.65
C SER H 58 21.15 -34.59 5.47
N TYR H 59 20.58 -35.80 5.53
CA TYR H 59 21.34 -37.03 5.51
C TYR H 59 20.76 -38.02 4.52
N ALA H 60 21.61 -38.97 4.13
CA ALA H 60 21.18 -40.06 3.25
C ALA H 60 20.33 -41.06 4.04
N ASP H 61 19.57 -41.88 3.30
CA ASP H 61 18.82 -42.95 3.92
C ASP H 61 19.67 -44.17 4.21
N SER H 62 20.84 -44.30 3.58
CA SER H 62 21.72 -45.43 3.86
C SER H 62 22.37 -45.28 5.24
N VAL H 63 22.74 -44.07 5.62
CA VAL H 63 23.29 -43.78 6.94
C VAL H 63 22.58 -42.55 7.50
N LYS H 64 21.93 -42.71 8.65
CA LYS H 64 21.19 -41.63 9.29
C LYS H 64 21.58 -41.58 10.76
N GLY H 65 22.02 -40.42 11.21
CA GLY H 65 22.36 -40.23 12.61
C GLY H 65 23.77 -40.67 12.98
N ARG H 66 24.29 -41.68 12.28
CA ARG H 66 25.64 -42.17 12.57
C ARG H 66 26.69 -41.15 12.18
N PHE H 67 26.53 -40.49 11.04
CA PHE H 67 27.49 -39.50 10.57
C PHE H 67 27.03 -38.12 11.03
N ILE H 68 27.95 -37.33 11.58
CA ILE H 68 27.64 -35.97 12.01
C ILE H 68 28.47 -35.02 11.17
N ILE H 69 27.79 -34.14 10.43
CA ILE H 69 28.45 -33.18 9.56
C ILE H 69 28.30 -31.78 10.16
N SER H 70 29.39 -31.02 10.14
CA SER H 70 29.35 -29.63 10.58
C SER H 70 30.38 -28.87 9.76
N ARG H 71 30.28 -27.54 9.82
CA ARG H 71 31.26 -26.73 9.12
C ARG H 71 31.56 -25.46 9.91
N ASP H 72 32.81 -25.05 9.85
CA ASP H 72 33.28 -23.82 10.48
C ASP H 72 33.38 -22.76 9.38
N ASN H 73 32.46 -21.79 9.42
CA ASN H 73 32.40 -20.76 8.40
C ASN H 73 33.60 -19.82 8.48
N GLY H 74 33.99 -19.43 9.69
CA GLY H 74 35.14 -18.56 9.86
C GLY H 74 36.46 -19.20 9.53
N ARG H 75 36.63 -20.48 9.88
CA ARG H 75 37.86 -21.22 9.58
C ARG H 75 37.89 -21.77 8.17
N ASN H 76 36.79 -21.65 7.42
CA ASN H 76 36.64 -22.19 6.07
C ASN H 76 36.91 -23.70 6.03
N SER H 77 36.15 -24.43 6.85
CA SER H 77 36.42 -25.87 6.98
C SER H 77 35.12 -26.64 7.12
N LEU H 78 35.21 -27.95 6.82
CA LEU H 78 34.14 -28.91 7.05
C LEU H 78 34.66 -30.05 7.91
N SER H 79 33.76 -30.71 8.62
CA SER H 79 34.13 -31.85 9.44
C SER H 79 33.01 -32.87 9.48
N LEU H 80 33.39 -34.14 9.51
CA LEU H 80 32.45 -35.24 9.75
C LEU H 80 32.98 -36.12 10.86
N GLN H 81 32.18 -36.25 11.92
CA GLN H 81 32.36 -37.27 12.93
C GLN H 81 31.74 -38.56 12.43
N MET H 82 32.56 -39.60 12.30
CA MET H 82 32.12 -40.88 11.76
C MET H 82 31.76 -41.85 12.89
N SER H 83 30.73 -41.48 13.65
CA SER H 83 30.32 -42.30 14.78
C SER H 83 29.71 -43.61 14.28
N SER H 84 30.26 -44.73 14.78
CA SER H 84 29.99 -46.11 14.38
C SER H 84 30.43 -46.39 12.95
N LEU H 85 30.82 -47.63 12.67
CA LEU H 85 31.33 -47.97 11.36
C LEU H 85 30.97 -49.41 11.02
N ARG H 86 30.58 -49.63 9.77
CA ARG H 86 30.29 -50.96 9.23
C ARG H 86 31.26 -51.24 8.08
N VAL H 87 31.00 -52.34 7.38
CA VAL H 87 31.92 -52.79 6.33
C VAL H 87 31.79 -51.92 5.08
N ASP H 88 30.63 -51.29 4.89
CA ASP H 88 30.32 -50.65 3.62
C ASP H 88 31.01 -49.29 3.45
N ASP H 89 31.60 -48.73 4.52
CA ASP H 89 32.08 -47.36 4.45
C ASP H 89 33.48 -47.22 3.88
N THR H 90 34.14 -48.31 3.51
CA THR H 90 35.46 -48.20 2.88
C THR H 90 35.30 -47.65 1.47
N ALA H 91 35.67 -46.39 1.29
CA ALA H 91 35.37 -45.68 0.06
C ALA H 91 36.29 -44.48 -0.09
N VAL H 92 36.32 -43.93 -1.29
CA VAL H 92 36.88 -42.62 -1.54
C VAL H 92 35.79 -41.59 -1.34
N TYR H 93 36.03 -40.64 -0.45
CA TYR H 93 35.07 -39.59 -0.13
C TYR H 93 35.46 -38.31 -0.85
N TYR H 94 34.46 -37.63 -1.39
CA TYR H 94 34.63 -36.39 -2.14
C TYR H 94 33.81 -35.30 -1.48
N CYS H 95 34.46 -34.17 -1.19
CA CYS H 95 33.76 -32.94 -0.89
C CYS H 95 33.19 -32.35 -2.17
N VAL H 96 32.04 -31.71 -2.07
CA VAL H 96 31.34 -31.19 -3.24
C VAL H 96 30.80 -29.82 -2.88
N ARG H 97 31.10 -28.82 -3.73
CA ARG H 97 30.70 -27.44 -3.52
C ARG H 97 29.80 -27.04 -4.68
N GLY H 98 28.50 -27.25 -4.54
CA GLY H 98 27.57 -26.97 -5.62
C GLY H 98 26.80 -25.69 -5.34
N LEU H 99 26.41 -25.03 -6.43
CA LEU H 99 25.69 -23.77 -6.33
C LEU H 99 24.19 -24.02 -6.29
N SER H 100 23.46 -23.00 -5.84
CA SER H 100 22.01 -23.10 -5.79
C SER H 100 21.43 -23.07 -7.19
N GLY H 101 20.24 -23.63 -7.33
CA GLY H 101 19.65 -23.87 -8.64
C GLY H 101 18.80 -22.72 -9.14
N VAL H 102 18.26 -22.92 -10.34
CA VAL H 102 17.24 -22.02 -10.85
C VAL H 102 15.95 -22.20 -10.05
N MET H 103 15.72 -23.40 -9.51
CA MET H 103 14.67 -23.56 -8.49
C MET H 103 15.25 -23.75 -7.09
N GLY H 104 15.84 -24.90 -6.80
CA GLY H 104 16.59 -25.08 -5.56
C GLY H 104 17.67 -26.15 -5.59
N VAL H 105 17.78 -26.86 -6.70
CA VAL H 105 18.49 -28.14 -6.72
C VAL H 105 19.97 -27.87 -6.97
N THR H 106 20.83 -28.83 -6.68
CA THR H 106 22.28 -28.67 -6.79
C THR H 106 22.85 -29.70 -7.75
N TRP H 107 23.78 -29.29 -8.61
CA TRP H 107 24.31 -30.21 -9.62
C TRP H 107 25.71 -30.68 -9.32
N PHE H 108 26.18 -30.52 -8.08
CA PHE H 108 27.47 -31.05 -7.62
C PHE H 108 28.63 -30.49 -8.46
N ASP H 109 28.87 -29.19 -8.29
CA ASP H 109 30.01 -28.56 -8.98
C ASP H 109 31.31 -28.93 -8.28
N SER H 110 32.40 -28.25 -8.66
CA SER H 110 33.79 -28.68 -8.59
C SER H 110 34.18 -29.52 -7.37
N TRP H 111 34.78 -30.68 -7.61
CA TRP H 111 34.93 -31.71 -6.62
C TRP H 111 36.32 -31.66 -5.98
N GLY H 112 36.41 -32.21 -4.78
CA GLY H 112 37.67 -32.34 -4.10
C GLY H 112 38.51 -33.47 -4.66
N GLN H 113 39.73 -33.59 -4.12
CA GLN H 113 40.66 -34.59 -4.63
C GLN H 113 40.18 -36.02 -4.36
N GLY H 114 39.56 -36.24 -3.19
CA GLY H 114 39.08 -37.56 -2.84
C GLY H 114 40.00 -38.27 -1.87
N THR H 115 39.51 -38.54 -0.67
CA THR H 115 40.30 -39.18 0.37
C THR H 115 39.83 -40.62 0.56
N LEU H 116 40.78 -41.55 0.56
CA LEU H 116 40.45 -42.97 0.60
C LEU H 116 40.48 -43.46 2.04
N VAL H 117 39.36 -44.02 2.50
CA VAL H 117 39.22 -44.50 3.88
C VAL H 117 38.88 -45.98 3.81
N THR H 118 39.68 -46.81 4.49
CA THR H 118 39.46 -48.24 4.55
C THR H 118 38.98 -48.63 5.94
N VAL H 119 38.05 -49.57 5.99
CA VAL H 119 37.51 -50.08 7.25
C VAL H 119 37.67 -51.58 7.40
N SER H 120 38.11 -52.29 6.37
CA SER H 120 38.20 -53.75 6.42
C SER H 120 39.34 -54.18 7.35
N SER H 121 39.13 -55.32 8.01
CA SER H 121 40.09 -55.96 8.92
C SER H 121 40.56 -55.05 10.06
N GLN I 1 20.63 -51.55 -7.01
CA GLN I 1 20.12 -51.16 -5.71
C GLN I 1 19.60 -49.72 -5.72
N SER I 2 20.28 -48.85 -6.48
CA SER I 2 19.86 -47.47 -6.62
C SER I 2 18.60 -47.39 -7.47
N VAL I 3 17.81 -46.34 -7.22
CA VAL I 3 16.56 -46.16 -7.97
C VAL I 3 16.86 -45.83 -9.43
N LEU I 4 17.99 -45.21 -9.71
CA LEU I 4 18.38 -44.92 -11.09
C LEU I 4 18.89 -46.18 -11.76
N THR I 5 18.44 -46.42 -13.00
CA THR I 5 18.77 -47.65 -13.72
C THR I 5 19.25 -47.30 -15.12
N GLN I 6 20.49 -47.68 -15.43
CA GLN I 6 21.03 -47.63 -16.78
C GLN I 6 21.92 -48.84 -16.99
N PRO I 7 21.93 -49.40 -18.20
CA PRO I 7 22.74 -50.60 -18.46
C PRO I 7 24.22 -50.24 -18.60
N PRO I 8 25.09 -50.78 -17.75
CA PRO I 8 26.52 -50.46 -17.79
C PRO I 8 27.31 -51.34 -18.74
N SER I 9 26.81 -51.51 -19.96
CA SER I 9 27.49 -52.30 -20.98
C SER I 9 27.41 -51.60 -22.33
N VAL I 10 27.61 -50.30 -22.36
CA VAL I 10 27.51 -49.49 -23.57
C VAL I 10 28.89 -49.04 -23.98
N SER I 11 29.26 -49.30 -25.22
CA SER I 11 30.56 -48.91 -25.76
C SER I 11 30.43 -48.68 -27.25
N GLY I 12 31.39 -47.95 -27.80
CA GLY I 12 31.39 -47.67 -29.22
C GLY I 12 32.73 -47.20 -29.75
N ALA I 13 32.97 -47.42 -31.04
CA ALA I 13 34.20 -46.97 -31.68
C ALA I 13 34.19 -45.44 -31.81
N PRO I 14 35.37 -44.83 -31.86
CA PRO I 14 35.42 -43.39 -32.17
C PRO I 14 34.89 -43.09 -33.56
N GLY I 15 34.15 -41.99 -33.65
CA GLY I 15 33.64 -41.55 -34.94
C GLY I 15 32.13 -41.36 -35.01
N GLN I 16 31.37 -42.24 -34.38
CA GLN I 16 29.92 -42.19 -34.47
C GLN I 16 29.32 -41.68 -33.15
N ARG I 17 28.00 -41.59 -33.09
CA ARG I 17 27.27 -41.05 -31.95
C ARG I 17 26.88 -42.18 -31.02
N VAL I 18 27.15 -42.00 -29.73
CA VAL I 18 26.80 -42.97 -28.70
C VAL I 18 25.86 -42.30 -27.71
N THR I 19 24.74 -42.94 -27.43
CA THR I 19 23.70 -42.39 -26.56
C THR I 19 23.63 -43.19 -25.26
N ILE I 20 23.75 -42.50 -24.14
CA ILE I 20 23.59 -43.08 -22.82
C ILE I 20 22.20 -42.70 -22.32
N SER I 21 21.42 -43.70 -21.94
CA SER I 21 20.05 -43.48 -21.47
C SER I 21 19.90 -44.04 -20.07
N CYS I 22 19.25 -43.27 -19.19
CA CYS I 22 18.97 -43.72 -17.84
C CYS I 22 17.59 -43.25 -17.42
N THR I 23 16.87 -44.15 -16.75
CA THR I 23 15.49 -43.93 -16.33
C THR I 23 15.38 -44.07 -14.82
N GLY I 24 14.39 -43.38 -14.25
CA GLY I 24 14.14 -43.39 -12.84
C GLY I 24 12.73 -43.89 -12.52
N SER I 25 12.33 -43.65 -11.27
CA SER I 25 10.99 -43.98 -10.84
C SER I 25 10.08 -42.77 -11.05
N SER I 26 8.90 -42.80 -10.44
CA SER I 26 7.99 -41.66 -10.54
C SER I 26 8.35 -40.55 -9.55
N SER I 27 8.94 -40.91 -8.40
CA SER I 27 9.26 -39.91 -7.39
C SER I 27 10.41 -39.00 -7.85
N ASN I 28 11.39 -39.57 -8.54
CA ASN I 28 12.51 -38.80 -9.06
C ASN I 28 12.34 -38.57 -10.56
N ILE I 29 13.01 -37.53 -11.06
CA ILE I 29 13.08 -37.11 -12.46
C ILE I 29 11.73 -36.59 -12.97
N GLY I 30 10.78 -37.49 -13.18
CA GLY I 30 9.50 -37.15 -13.77
C GLY I 30 8.64 -36.24 -12.93
N ALA I 31 8.91 -36.12 -11.63
CA ALA I 31 8.15 -35.22 -10.79
C ALA I 31 8.74 -33.82 -10.82
N GLY I 32 8.95 -33.28 -12.03
CA GLY I 32 9.43 -31.92 -12.18
C GLY I 32 10.89 -31.70 -11.82
N PHE I 33 11.66 -32.76 -11.63
CA PHE I 33 13.03 -32.63 -11.16
C PHE I 33 14.01 -32.65 -12.33
N ASP I 34 15.28 -32.49 -11.98
CA ASP I 34 16.34 -32.33 -12.97
C ASP I 34 17.30 -33.51 -12.94
N VAL I 35 18.04 -33.68 -14.03
CA VAL I 35 19.03 -34.74 -14.17
C VAL I 35 20.34 -34.12 -14.67
N HIS I 36 21.44 -34.45 -14.00
CA HIS I 36 22.75 -33.92 -14.37
C HIS I 36 23.70 -35.07 -14.65
N TRP I 37 24.59 -34.87 -15.62
CA TRP I 37 25.51 -35.90 -16.07
C TRP I 37 26.95 -35.44 -15.92
N TYR I 38 27.78 -36.32 -15.35
CA TYR I 38 29.20 -36.10 -15.08
C TYR I 38 30.05 -37.14 -15.82
N GLN I 39 31.36 -36.98 -15.69
CA GLN I 39 32.34 -37.92 -16.22
C GLN I 39 33.32 -38.30 -15.12
N HIS I 40 33.86 -39.51 -15.20
CA HIS I 40 34.72 -40.07 -14.17
C HIS I 40 35.94 -40.76 -14.79
N LEU I 41 36.67 -40.03 -15.62
CA LEU I 41 37.98 -40.50 -16.07
C LEU I 41 38.87 -40.76 -14.87
N PRO I 42 39.57 -41.90 -14.81
CA PRO I 42 40.34 -42.25 -13.61
C PRO I 42 41.49 -41.27 -13.38
N GLY I 43 41.81 -41.05 -12.12
CA GLY I 43 42.75 -40.00 -11.75
C GLY I 43 42.05 -38.78 -11.20
N LYS I 44 41.88 -37.77 -12.05
CA LYS I 44 41.28 -36.51 -11.64
C LYS I 44 39.83 -36.69 -11.24
N ALA I 45 39.35 -35.78 -10.38
CA ALA I 45 38.03 -35.86 -9.79
C ALA I 45 36.93 -35.68 -10.84
N PRO I 46 35.75 -36.23 -10.60
CA PRO I 46 34.63 -36.01 -11.53
C PRO I 46 34.22 -34.55 -11.61
N LYS I 47 33.87 -34.13 -12.83
CA LYS I 47 33.41 -32.78 -13.10
C LYS I 47 32.10 -32.84 -13.85
N VAL I 48 31.35 -31.74 -13.80
CA VAL I 48 30.02 -31.70 -14.40
C VAL I 48 30.14 -31.49 -15.91
N ILE I 49 29.44 -32.32 -16.67
CA ILE I 49 29.36 -32.14 -18.11
C ILE I 49 28.08 -31.46 -18.54
N ILE I 50 26.94 -31.81 -17.93
CA ILE I 50 25.71 -31.09 -18.23
C ILE I 50 24.83 -31.04 -17.00
N TYR I 51 24.31 -29.84 -16.71
CA TYR I 51 23.40 -29.61 -15.60
C TYR I 51 22.13 -28.95 -16.12
N GLU I 52 21.02 -29.19 -15.39
CA GLU I 52 19.67 -28.78 -15.76
C GLU I 52 19.22 -29.30 -17.11
N ASN I 53 19.82 -30.40 -17.57
CA ASN I 53 19.49 -31.17 -18.77
C ASN I 53 19.78 -30.45 -20.08
N SER I 54 20.15 -29.18 -20.02
CA SER I 54 20.43 -28.43 -21.24
C SER I 54 21.71 -27.61 -21.17
N HIS I 55 22.01 -27.04 -20.01
CA HIS I 55 23.12 -26.10 -19.88
C HIS I 55 24.46 -26.83 -19.91
N ARG I 56 25.52 -26.06 -20.06
CA ARG I 56 26.88 -26.57 -20.10
C ARG I 56 27.77 -25.69 -19.24
N PRO I 57 28.82 -26.25 -18.64
CA PRO I 57 29.81 -25.40 -17.96
C PRO I 57 30.78 -24.77 -18.94
N SER I 58 31.83 -24.13 -18.42
CA SER I 58 32.76 -23.38 -19.26
C SER I 58 33.48 -24.29 -20.25
N GLY I 59 34.31 -25.20 -19.75
CA GLY I 59 35.03 -26.07 -20.65
C GLY I 59 34.38 -27.41 -20.89
N VAL I 60 33.58 -27.49 -21.96
CA VAL I 60 32.91 -28.71 -22.41
C VAL I 60 32.76 -28.59 -23.93
N PRO I 61 33.17 -29.59 -24.70
CA PRO I 61 33.08 -29.51 -26.16
C PRO I 61 31.63 -29.69 -26.63
N ASP I 62 31.44 -29.58 -27.94
CA ASP I 62 30.12 -29.72 -28.54
C ASP I 62 29.69 -31.17 -28.73
N ARG I 63 30.53 -32.12 -28.32
CA ARG I 63 30.19 -33.54 -28.46
C ARG I 63 29.00 -33.91 -27.58
N PHE I 64 28.99 -33.41 -26.35
CA PHE I 64 27.99 -33.83 -25.37
C PHE I 64 26.73 -33.00 -25.50
N PHE I 65 25.59 -33.68 -25.65
CA PHE I 65 24.29 -33.03 -25.74
C PHE I 65 23.29 -33.86 -24.95
N GLY I 66 22.77 -33.30 -23.86
CA GLY I 66 21.85 -34.00 -23.00
C GLY I 66 20.42 -33.53 -23.18
N SER I 67 19.49 -34.39 -22.76
CA SER I 67 18.07 -34.11 -22.83
C SER I 67 17.36 -34.97 -21.81
N LYS I 68 16.18 -34.51 -21.39
CA LYS I 68 15.31 -35.31 -20.54
C LYS I 68 13.90 -35.23 -21.10
N SER I 69 13.12 -36.29 -20.86
CA SER I 69 11.76 -36.35 -21.36
C SER I 69 10.99 -37.34 -20.51
N GLY I 70 9.87 -36.89 -19.95
CA GLY I 70 9.07 -37.72 -19.07
C GLY I 70 9.84 -38.16 -17.85
N THR I 71 10.23 -39.44 -17.84
CA THR I 71 10.96 -40.04 -16.74
C THR I 71 12.38 -40.42 -17.18
N SER I 72 12.64 -40.38 -18.48
CA SER I 72 13.88 -40.92 -19.04
C SER I 72 14.78 -39.78 -19.50
N ALA I 73 16.07 -39.87 -19.19
CA ALA I 73 17.05 -38.89 -19.61
C ALA I 73 18.09 -39.55 -20.51
N SER I 74 18.61 -38.78 -21.45
CA SER I 74 19.58 -39.27 -22.41
C SER I 74 20.69 -38.26 -22.59
N LEU I 75 21.86 -38.76 -23.02
CA LEU I 75 23.02 -37.94 -23.30
C LEU I 75 23.71 -38.51 -24.53
N SER I 76 23.80 -37.74 -25.59
CA SER I 76 24.40 -38.18 -26.85
C SER I 76 25.77 -37.54 -27.02
N ILE I 77 26.74 -38.36 -27.40
CA ILE I 77 28.09 -37.92 -27.72
C ILE I 77 28.29 -38.15 -29.22
N SER I 78 28.57 -37.08 -29.94
CA SER I 78 28.73 -37.13 -31.39
C SER I 78 30.21 -37.02 -31.74
N GLY I 79 30.69 -37.99 -32.51
CA GLY I 79 32.10 -37.99 -32.87
C GLY I 79 33.00 -38.31 -31.69
N LEU I 80 32.95 -39.57 -31.24
CA LEU I 80 33.73 -39.99 -30.08
C LEU I 80 35.22 -39.87 -30.34
N GLN I 81 35.97 -39.56 -29.28
CA GLN I 81 37.41 -39.39 -29.36
C GLN I 81 38.05 -40.20 -28.25
N PRO I 82 39.29 -40.67 -28.43
CA PRO I 82 39.78 -41.83 -27.64
C PRO I 82 39.85 -41.66 -26.14
N GLU I 83 40.15 -40.47 -25.61
CA GLU I 83 40.31 -40.32 -24.17
C GLU I 83 38.99 -40.03 -23.46
N ASP I 84 37.86 -40.28 -24.10
CA ASP I 84 36.55 -40.17 -23.48
C ASP I 84 36.15 -41.42 -22.70
N GLU I 85 37.00 -42.44 -22.66
CA GLU I 85 36.72 -43.67 -21.93
C GLU I 85 36.65 -43.37 -20.43
N ALA I 86 35.44 -43.41 -19.87
CA ALA I 86 35.23 -42.98 -18.49
C ALA I 86 33.94 -43.60 -17.98
N ASP I 87 33.44 -43.06 -16.86
CA ASP I 87 32.17 -43.48 -16.29
C ASP I 87 31.22 -42.28 -16.35
N TYR I 88 30.18 -42.40 -17.18
CA TYR I 88 29.18 -41.35 -17.33
C TYR I 88 28.00 -41.65 -16.44
N TYR I 89 27.47 -40.62 -15.79
CA TYR I 89 26.58 -40.78 -14.65
C TYR I 89 25.29 -40.02 -14.86
N CYS I 90 24.30 -40.32 -14.02
CA CYS I 90 23.12 -39.48 -13.85
C CYS I 90 22.92 -39.20 -12.36
N GLN I 91 22.40 -38.02 -12.07
CA GLN I 91 22.02 -37.65 -10.72
C GLN I 91 20.64 -37.04 -10.73
N SER I 92 19.80 -37.53 -9.82
CA SER I 92 18.43 -37.05 -9.69
C SER I 92 18.21 -36.66 -8.23
N TYR I 93 16.97 -36.33 -7.87
CA TYR I 93 16.66 -35.83 -6.54
C TYR I 93 15.43 -36.55 -5.96
N ASP I 94 15.51 -37.88 -5.90
CA ASP I 94 14.46 -38.71 -5.32
C ASP I 94 14.14 -38.26 -3.90
N ARG I 95 12.84 -38.15 -3.60
CA ARG I 95 12.39 -37.57 -2.34
C ARG I 95 12.61 -38.46 -1.14
N GLY I 96 13.16 -39.66 -1.32
CA GLY I 96 13.53 -40.52 -0.22
C GLY I 96 15.01 -40.37 0.09
N LEU I 97 15.82 -41.32 -0.39
CA LEU I 97 17.26 -41.08 -0.50
C LEU I 97 17.45 -39.86 -1.40
N ASP I 98 17.93 -38.76 -0.82
CA ASP I 98 17.79 -37.45 -1.45
C ASP I 98 18.51 -37.31 -2.79
N TRP I 99 19.84 -37.25 -2.77
CA TRP I 99 20.60 -36.99 -3.99
C TRP I 99 21.17 -38.32 -4.49
N VAL I 100 20.32 -39.08 -5.15
CA VAL I 100 20.70 -40.44 -5.56
C VAL I 100 21.64 -40.36 -6.76
N PHE I 101 22.46 -41.40 -6.90
CA PHE I 101 23.43 -41.52 -7.98
C PHE I 101 23.15 -42.78 -8.77
N GLY I 102 23.30 -42.70 -10.08
CA GLY I 102 23.11 -43.86 -10.93
C GLY I 102 24.23 -44.86 -10.79
N GLY I 103 24.00 -46.04 -11.36
CA GLY I 103 25.00 -47.10 -11.32
C GLY I 103 26.21 -46.82 -12.17
N GLY I 104 26.10 -45.93 -13.14
CA GLY I 104 27.23 -45.54 -13.96
C GLY I 104 27.39 -46.37 -15.20
N THR I 105 27.74 -45.74 -16.32
CA THR I 105 27.99 -46.43 -17.57
C THR I 105 29.45 -46.28 -17.95
N LYS I 106 30.13 -47.40 -18.16
CA LYS I 106 31.55 -47.39 -18.52
C LYS I 106 31.64 -47.28 -20.03
N LEU I 107 31.94 -46.08 -20.51
CA LEU I 107 32.08 -45.83 -21.94
C LEU I 107 33.54 -46.01 -22.34
N THR I 108 33.78 -46.91 -23.29
CA THR I 108 35.13 -47.18 -23.77
C THR I 108 35.12 -47.26 -25.30
N VAL I 109 36.26 -46.94 -25.90
CA VAL I 109 36.43 -47.03 -27.35
C VAL I 109 36.74 -48.47 -27.71
N LEU I 110 36.63 -48.80 -29.00
CA LEU I 110 36.87 -50.15 -29.47
C LEU I 110 38.04 -50.20 -30.44
#